data_3D5K
#
_entry.id   3D5K
#
_cell.length_a   73.900
_cell.length_b   70.200
_cell.length_c   344.500
_cell.angle_alpha   90.00
_cell.angle_beta   90.00
_cell.angle_gamma   90.00
#
_symmetry.space_group_name_H-M   'P 21 21 21'
#
loop_
_entity.id
_entity.type
_entity.pdbx_description
1 polymer 'Outer membrane protein oprM'
2 non-polymer 'SODIUM ION'
3 non-polymer 'CHLORIDE ION'
4 water water
#
_entity_poly.entity_id   1
_entity_poly.type   'polypeptide(L)'
_entity_poly.pdbx_seq_one_letter_code
;(SCY)SLIPDYQRPEAPVAAAYPQGQAYGQNTGAAAVPAADIGWREFFRDPQLQQLIGVALENNRDLRVAALNVEAFRAQ
YRIQRADLFPRIGVDGSGTRQRLPGDLSTTGSPAISSQYGVTLGTTAWELDLFGRLRSLRDQALEQYLATEQAQRSAQTT
LVASVATAYLTLKADQAQLQLTKDTLGTYQKSFDLTQRSYDVGVASALDLRQAQTAVEGARATLAQYTRLVAQDQNALVL
LLGSGIPANLPQGLGLDQTLLTEVPAGLPSDLLQRRPDILEAEHQLMAANASIGAARAAFFPSISLTANAGTMSRQLSGL
FDAGSGSWLFQPSINLPIFTAGSLRASLDYAKIQKDINVAQYEKAIQTAFQEVADGLAARGTFTEQLQAQRDLVKASDEY
YQLADKRYRTGVDNYLTLLDAQRSLFTAQQQLITDRLNQLTSEVNLYKALGGGWNQQTVTQQQTAKKEDPQAHHHHHH
;
_entity_poly.pdbx_strand_id   A,B,C
#
# COMPACT_ATOMS: atom_id res chain seq x y z
N SER A 2 -35.32 -16.22 -9.50
CA SER A 2 -34.26 -15.36 -8.98
C SER A 2 -34.69 -14.45 -7.83
N LEU A 3 -33.88 -14.41 -6.78
CA LEU A 3 -34.17 -13.58 -5.61
C LEU A 3 -33.28 -12.34 -5.59
N ILE A 4 -32.62 -12.07 -6.70
CA ILE A 4 -31.73 -10.91 -6.80
C ILE A 4 -32.58 -9.64 -6.82
N PRO A 5 -32.31 -8.70 -5.89
CA PRO A 5 -33.03 -7.43 -5.85
C PRO A 5 -32.75 -6.60 -7.09
N ASP A 6 -33.67 -5.67 -7.41
CA ASP A 6 -33.50 -4.77 -8.56
C ASP A 6 -32.27 -3.90 -8.39
N TYR A 7 -31.48 -3.75 -9.46
CA TYR A 7 -30.32 -2.87 -9.42
C TYR A 7 -30.67 -1.43 -9.79
N GLN A 8 -30.44 -0.53 -8.85
CA GLN A 8 -30.57 0.90 -9.06
C GLN A 8 -29.19 1.54 -8.85
N ARG A 9 -28.73 2.26 -9.85
CA ARG A 9 -27.46 2.98 -9.78
C ARG A 9 -27.61 4.19 -8.87
N PRO A 10 -26.77 4.27 -7.81
CA PRO A 10 -26.78 5.42 -6.89
C PRO A 10 -26.53 6.74 -7.61
N GLU A 11 -27.11 7.82 -7.08
CA GLU A 11 -26.91 9.16 -7.63
C GLU A 11 -25.48 9.63 -7.39
N ALA A 12 -24.97 10.45 -8.32
CA ALA A 12 -23.64 11.03 -8.19
C ALA A 12 -23.59 12.01 -7.01
N PRO A 13 -22.78 11.70 -5.98
CA PRO A 13 -22.65 12.57 -4.82
C PRO A 13 -21.59 13.66 -5.01
N VAL A 14 -21.60 14.29 -6.19
CA VAL A 14 -20.74 15.41 -6.50
C VAL A 14 -21.57 16.55 -7.09
N ALA A 15 -20.94 17.69 -7.32
CA ALA A 15 -21.60 18.86 -7.91
C ALA A 15 -21.97 18.63 -9.38
N ALA A 16 -23.05 19.28 -9.82
CA ALA A 16 -23.52 19.17 -11.21
C ALA A 16 -22.57 19.80 -12.22
N ALA A 17 -21.62 20.58 -11.73
CA ALA A 17 -20.62 21.24 -12.57
C ALA A 17 -19.30 21.33 -11.84
N TYR A 18 -18.21 21.46 -12.61
CA TYR A 18 -16.87 21.58 -12.05
C TYR A 18 -16.66 22.97 -11.45
N PRO A 19 -15.76 23.07 -10.44
CA PRO A 19 -15.61 24.33 -9.68
C PRO A 19 -15.36 25.59 -10.52
N GLN A 20 -15.67 26.74 -9.94
CA GLN A 20 -15.41 28.03 -10.56
C GLN A 20 -14.71 28.96 -9.58
N GLY A 21 -13.92 29.89 -10.11
CA GLY A 21 -13.18 30.84 -9.29
C GLY A 21 -12.01 31.43 -10.03
N GLN A 22 -11.16 32.13 -9.28
CA GLN A 22 -9.97 32.80 -9.80
C GLN A 22 -9.06 31.86 -10.60
N ALA A 23 -9.04 30.59 -10.21
CA ALA A 23 -8.13 29.59 -10.80
C ALA A 23 -8.71 28.83 -11.99
N TYR A 24 -10.00 29.02 -12.25
CA TYR A 24 -10.68 28.24 -13.28
C TYR A 24 -11.10 29.05 -14.50
N GLY A 25 -10.94 28.45 -15.68
CA GLY A 25 -11.56 28.97 -16.90
C GLY A 25 -13.03 28.61 -16.86
N GLN A 26 -13.83 29.36 -17.62
CA GLN A 26 -15.28 29.10 -17.74
C GLN A 26 -15.56 27.64 -18.05
N ASN A 27 -16.65 27.09 -17.50
CA ASN A 27 -17.04 25.72 -17.79
C ASN A 27 -17.54 25.59 -19.22
N THR A 28 -16.89 24.72 -19.98
CA THR A 28 -17.13 24.59 -21.43
C THR A 28 -18.44 23.89 -21.79
N GLY A 29 -18.87 22.97 -20.92
CA GLY A 29 -20.14 22.27 -21.11
C GLY A 29 -19.96 20.82 -21.53
N ALA A 30 -20.99 20.25 -22.14
CA ALA A 30 -20.95 18.89 -22.67
C ALA A 30 -20.15 18.85 -23.96
N ALA A 31 -19.25 17.88 -24.07
CA ALA A 31 -18.36 17.75 -25.22
C ALA A 31 -18.90 16.79 -26.26
N ALA A 32 -18.77 17.15 -27.54
CA ALA A 32 -19.18 16.30 -28.65
C ALA A 32 -18.36 15.01 -28.65
N VAL A 33 -17.05 15.15 -28.77
CA VAL A 33 -16.13 14.02 -28.68
C VAL A 33 -15.52 14.03 -27.27
N PRO A 34 -15.94 13.09 -26.41
CA PRO A 34 -15.45 13.07 -25.03
C PRO A 34 -13.97 12.77 -24.94
N ALA A 35 -13.36 13.18 -23.83
CA ALA A 35 -11.94 12.97 -23.56
C ALA A 35 -11.54 11.49 -23.57
N ALA A 36 -12.46 10.63 -23.16
CA ALA A 36 -12.23 9.18 -23.12
C ALA A 36 -12.06 8.58 -24.51
N ASP A 37 -12.73 9.17 -25.50
CA ASP A 37 -12.75 8.67 -26.87
C ASP A 37 -11.61 9.18 -27.75
N ILE A 38 -10.88 10.20 -27.26
CA ILE A 38 -9.70 10.71 -27.95
C ILE A 38 -8.57 9.69 -27.83
N GLY A 39 -7.97 9.34 -28.97
CA GLY A 39 -6.88 8.37 -29.01
C GLY A 39 -5.58 8.97 -28.50
N TRP A 40 -4.73 8.15 -27.90
CA TRP A 40 -3.43 8.63 -27.40
C TRP A 40 -2.50 9.01 -28.55
N ARG A 41 -2.68 8.35 -29.68
CA ARG A 41 -2.01 8.71 -30.94
C ARG A 41 -2.38 10.13 -31.37
N GLU A 42 -3.62 10.54 -31.11
CA GLU A 42 -4.09 11.90 -31.36
C GLU A 42 -3.68 12.90 -30.27
N PHE A 43 -3.81 12.51 -29.00
CA PHE A 43 -3.52 13.37 -27.86
C PHE A 43 -2.04 13.71 -27.69
N PHE A 44 -1.18 12.70 -27.85
CA PHE A 44 0.27 12.91 -27.78
C PHE A 44 0.83 13.18 -29.18
N ARG A 45 1.18 14.44 -29.43
CA ARG A 45 1.65 14.88 -30.74
C ARG A 45 3.05 14.37 -31.10
N ASP A 46 3.88 14.12 -30.09
CA ASP A 46 5.27 13.67 -30.28
C ASP A 46 5.33 12.23 -30.79
N PRO A 47 5.89 12.02 -32.01
CA PRO A 47 6.01 10.68 -32.61
C PRO A 47 7.01 9.76 -31.90
N GLN A 48 8.01 10.34 -31.24
CA GLN A 48 8.94 9.58 -30.41
C GLN A 48 8.25 9.03 -29.15
N LEU A 49 7.29 9.78 -28.62
CA LEU A 49 6.50 9.31 -27.48
C LEU A 49 5.51 8.23 -27.89
N GLN A 50 4.96 8.34 -29.10
CA GLN A 50 4.01 7.37 -29.64
C GLN A 50 4.63 5.99 -29.84
N GLN A 51 5.88 5.95 -30.31
CA GLN A 51 6.59 4.68 -30.47
C GLN A 51 6.90 4.09 -29.09
N LEU A 52 7.27 4.94 -28.13
CA LEU A 52 7.53 4.52 -26.76
C LEU A 52 6.30 3.93 -26.05
N ILE A 53 5.15 4.60 -26.16
CA ILE A 53 3.90 4.09 -25.60
C ILE A 53 3.53 2.74 -26.21
N GLY A 54 3.74 2.60 -27.52
CA GLY A 54 3.51 1.33 -28.21
C GLY A 54 4.38 0.19 -27.69
N VAL A 55 5.64 0.51 -27.42
CA VAL A 55 6.59 -0.44 -26.82
C VAL A 55 6.13 -0.85 -25.42
N ALA A 56 5.68 0.14 -24.63
CA ALA A 56 5.20 -0.11 -23.27
C ALA A 56 3.93 -0.94 -23.22
N LEU A 57 3.02 -0.72 -24.17
CA LEU A 57 1.74 -1.44 -24.19
C LEU A 57 1.91 -2.93 -24.40
N GLU A 58 3.01 -3.32 -25.03
CA GLU A 58 3.25 -4.72 -25.32
C GLU A 58 4.33 -5.38 -24.45
N ASN A 59 5.22 -4.57 -23.87
CA ASN A 59 6.29 -5.11 -23.03
C ASN A 59 6.12 -4.98 -21.50
N ASN A 60 5.40 -3.95 -21.05
CA ASN A 60 5.21 -3.72 -19.61
C ASN A 60 4.52 -4.90 -18.89
N ARG A 61 5.15 -5.37 -17.82
CA ARG A 61 4.69 -6.60 -17.15
C ARG A 61 3.42 -6.41 -16.30
N ASP A 62 3.24 -5.23 -15.72
CA ASP A 62 2.03 -4.94 -14.93
C ASP A 62 0.75 -4.86 -15.77
N LEU A 63 0.87 -4.46 -17.03
CA LEU A 63 -0.28 -4.49 -17.93
C LEU A 63 -0.52 -5.92 -18.42
N ARG A 64 0.56 -6.70 -18.50
CA ARG A 64 0.47 -8.11 -18.85
C ARG A 64 -0.27 -8.88 -17.76
N VAL A 65 0.05 -8.61 -16.49
CA VAL A 65 -0.64 -9.20 -15.33
C VAL A 65 -2.12 -8.80 -15.29
N ALA A 66 -2.39 -7.54 -15.60
CA ALA A 66 -3.76 -7.01 -15.60
C ALA A 66 -4.67 -7.68 -16.64
N ALA A 67 -4.11 -7.98 -17.81
CA ALA A 67 -4.83 -8.68 -18.88
C ALA A 67 -4.98 -10.17 -18.59
N LEU A 68 -4.01 -10.74 -17.90
CA LEU A 68 -4.08 -12.14 -17.47
C LEU A 68 -5.06 -12.32 -16.32
N ASN A 69 -5.16 -11.30 -15.45
CA ASN A 69 -6.17 -11.32 -14.38
C ASN A 69 -7.60 -11.43 -14.90
N VAL A 70 -7.87 -10.78 -16.03
CA VAL A 70 -9.18 -10.83 -16.69
C VAL A 70 -9.52 -12.26 -17.08
N GLU A 71 -8.51 -13.00 -17.56
CA GLU A 71 -8.66 -14.39 -17.95
C GLU A 71 -8.90 -15.30 -16.74
N ALA A 72 -8.24 -14.99 -15.63
CA ALA A 72 -8.39 -15.75 -14.38
C ALA A 72 -9.79 -15.59 -13.79
N PHE A 73 -10.32 -14.37 -13.81
CA PHE A 73 -11.67 -14.12 -13.31
C PHE A 73 -12.76 -14.65 -14.25
N ARG A 74 -12.45 -14.72 -15.54
CA ARG A 74 -13.35 -15.31 -16.53
C ARG A 74 -13.42 -16.82 -16.35
N ALA A 75 -12.27 -17.43 -16.08
CA ALA A 75 -12.21 -18.86 -15.77
C ALA A 75 -13.01 -19.17 -14.51
N GLN A 76 -13.00 -18.23 -13.56
CA GLN A 76 -13.74 -18.36 -12.32
C GLN A 76 -15.26 -18.24 -12.53
N TYR A 77 -15.66 -17.45 -13.51
CA TYR A 77 -17.07 -17.35 -13.91
C TYR A 77 -17.55 -18.63 -14.58
N ARG A 78 -16.68 -19.23 -15.40
CA ARG A 78 -17.00 -20.45 -16.13
C ARG A 78 -17.18 -21.66 -15.20
N ILE A 79 -16.35 -21.70 -14.15
CA ILE A 79 -16.41 -22.75 -13.14
C ILE A 79 -17.76 -22.74 -12.41
N GLN A 80 -18.26 -21.54 -12.10
CA GLN A 80 -19.52 -21.40 -11.37
C GLN A 80 -20.76 -21.48 -12.27
N ARG A 81 -20.57 -21.21 -13.57
CA ARG A 81 -21.63 -21.41 -14.57
C ARG A 81 -21.88 -22.91 -14.77
N ALA A 82 -20.82 -23.70 -14.61
CA ALA A 82 -20.86 -25.15 -14.78
C ALA A 82 -21.52 -25.87 -13.60
N ASP A 83 -21.52 -25.23 -12.43
CA ASP A 83 -22.15 -25.79 -11.22
C ASP A 83 -23.67 -25.96 -11.33
N LEU A 84 -24.26 -25.35 -12.36
CA LEU A 84 -25.69 -25.45 -12.63
C LEU A 84 -26.05 -26.76 -13.32
N PHE A 85 -25.08 -27.33 -14.03
CA PHE A 85 -25.28 -28.56 -14.79
C PHE A 85 -24.76 -29.76 -14.01
N PRO A 86 -25.45 -30.92 -14.14
CA PRO A 86 -25.08 -32.12 -13.39
C PRO A 86 -23.73 -32.70 -13.82
N ARG A 87 -22.91 -33.05 -12.84
CA ARG A 87 -21.62 -33.67 -13.09
C ARG A 87 -21.81 -35.16 -13.33
N ILE A 88 -21.67 -35.58 -14.59
CA ILE A 88 -21.84 -36.98 -14.96
C ILE A 88 -20.49 -37.68 -15.05
N GLY A 89 -20.33 -38.75 -14.28
CA GLY A 89 -19.10 -39.54 -14.30
C GLY A 89 -19.34 -41.04 -14.25
N VAL A 90 -18.25 -41.80 -14.29
CA VAL A 90 -18.29 -43.25 -14.11
C VAL A 90 -17.90 -43.54 -12.67
N ASP A 91 -18.81 -44.17 -11.92
CA ASP A 91 -18.54 -44.50 -10.52
C ASP A 91 -18.47 -46.01 -10.30
N GLY A 92 -17.27 -46.48 -10.00
CA GLY A 92 -17.04 -47.89 -9.65
C GLY A 92 -16.91 -48.01 -8.14
N SER A 93 -17.63 -48.97 -7.56
CA SER A 93 -17.63 -49.13 -6.11
C SER A 93 -17.61 -50.60 -5.67
N GLY A 94 -16.88 -50.86 -4.59
CA GLY A 94 -16.83 -52.18 -3.97
C GLY A 94 -17.21 -52.07 -2.51
N THR A 95 -17.73 -53.16 -1.96
CA THR A 95 -18.12 -53.21 -0.55
C THR A 95 -18.00 -54.65 -0.05
N ARG A 96 -17.28 -54.82 1.06
CA ARG A 96 -17.08 -56.13 1.65
C ARG A 96 -16.98 -55.99 3.16
N GLN A 97 -17.98 -56.51 3.87
CA GLN A 97 -18.00 -56.42 5.33
C GLN A 97 -18.44 -57.70 6.04
N ARG A 98 -17.69 -58.06 7.07
CA ARG A 98 -18.10 -59.12 7.99
C ARG A 98 -19.08 -58.53 9.00
N LEU A 99 -20.21 -59.21 9.16
CA LEU A 99 -21.21 -58.84 10.15
C LEU A 99 -21.33 -59.94 11.21
N PRO A 100 -21.35 -59.56 12.51
CA PRO A 100 -21.50 -60.52 13.59
C PRO A 100 -22.89 -61.17 13.62
N GLY A 101 -23.01 -62.27 14.36
CA GLY A 101 -24.22 -63.09 14.40
C GLY A 101 -25.55 -62.34 14.46
N ASP A 102 -25.65 -61.40 15.39
CA ASP A 102 -26.90 -60.68 15.65
C ASP A 102 -27.30 -59.69 14.54
N LEU A 103 -26.35 -59.28 13.72
CA LEU A 103 -26.58 -58.28 12.68
C LEU A 103 -26.78 -58.86 11.28
N SER A 104 -26.28 -60.08 11.07
CA SER A 104 -26.38 -60.75 9.78
C SER A 104 -27.78 -61.28 9.49
N THR A 105 -28.05 -61.55 8.21
CA THR A 105 -29.34 -62.09 7.77
C THR A 105 -29.50 -63.58 8.05
N THR A 106 -28.38 -64.28 8.21
CA THR A 106 -28.38 -65.72 8.46
C THR A 106 -28.47 -66.08 9.95
N GLY A 107 -28.13 -65.13 10.82
CA GLY A 107 -28.17 -65.36 12.27
C GLY A 107 -26.81 -65.76 12.83
N SER A 108 -25.82 -65.92 11.95
CA SER A 108 -24.46 -66.25 12.32
C SER A 108 -23.47 -65.38 11.56
N PRO A 109 -22.22 -65.25 12.06
CA PRO A 109 -21.20 -64.44 11.38
C PRO A 109 -21.13 -64.66 9.87
N ALA A 110 -21.50 -63.64 9.11
CA ALA A 110 -21.55 -63.71 7.65
C ALA A 110 -20.82 -62.53 7.00
N ILE A 111 -20.35 -62.73 5.77
CA ILE A 111 -19.66 -61.69 5.01
C ILE A 111 -20.50 -61.25 3.80
N SER A 112 -21.03 -60.03 3.87
CA SER A 112 -21.82 -59.49 2.77
C SER A 112 -20.92 -58.82 1.72
N SER A 113 -21.43 -58.71 0.49
CA SER A 113 -20.64 -58.19 -0.63
C SER A 113 -21.52 -57.46 -1.64
N GLN A 114 -20.97 -56.39 -2.22
CA GLN A 114 -21.70 -55.56 -3.19
C GLN A 114 -20.73 -54.84 -4.11
N TYR A 115 -20.97 -54.96 -5.42
CA TYR A 115 -20.15 -54.31 -6.44
C TYR A 115 -21.02 -53.54 -7.42
N GLY A 116 -20.40 -52.65 -8.19
CA GLY A 116 -21.13 -51.83 -9.15
C GLY A 116 -20.28 -50.86 -9.97
N VAL A 117 -20.47 -50.92 -11.28
CA VAL A 117 -19.91 -49.93 -12.21
C VAL A 117 -21.09 -49.20 -12.83
N THR A 118 -21.15 -47.89 -12.61
CA THR A 118 -22.33 -47.11 -12.95
C THR A 118 -21.97 -45.79 -13.64
N LEU A 119 -22.97 -45.18 -14.28
CA LEU A 119 -22.82 -43.87 -14.89
C LEU A 119 -23.94 -42.97 -14.41
N GLY A 120 -23.59 -41.89 -13.71
CA GLY A 120 -24.60 -40.95 -13.23
C GLY A 120 -24.12 -39.70 -12.51
N THR A 121 -25.04 -39.09 -11.77
CA THR A 121 -24.78 -37.87 -11.02
C THR A 121 -25.09 -38.06 -9.54
N THR A 122 -24.17 -37.61 -8.70
CA THR A 122 -24.37 -37.64 -7.25
C THR A 122 -24.52 -36.22 -6.69
N ALA A 123 -25.60 -36.02 -5.92
CA ALA A 123 -25.94 -34.75 -5.27
C ALA A 123 -26.04 -33.55 -6.22
N TRP A 124 -26.90 -33.64 -7.22
CA TRP A 124 -27.11 -32.52 -8.15
C TRP A 124 -28.17 -31.54 -7.63
N GLU A 125 -27.72 -30.33 -7.34
CA GLU A 125 -28.59 -29.28 -6.82
C GLU A 125 -29.40 -28.63 -7.94
N LEU A 126 -30.70 -28.90 -7.96
CA LEU A 126 -31.63 -28.27 -8.90
C LEU A 126 -31.94 -26.84 -8.47
N ASP A 127 -31.49 -25.88 -9.28
CA ASP A 127 -31.52 -24.46 -8.91
C ASP A 127 -32.91 -23.84 -9.07
N LEU A 128 -33.85 -24.28 -8.23
CA LEU A 128 -35.23 -23.82 -8.31
C LEU A 128 -35.38 -22.34 -7.95
N PHE A 129 -34.75 -21.93 -6.86
CA PHE A 129 -34.88 -20.54 -6.39
C PHE A 129 -33.67 -19.65 -6.71
N GLY A 130 -32.85 -20.09 -7.65
CA GLY A 130 -31.77 -19.28 -8.22
C GLY A 130 -30.59 -18.95 -7.34
N ARG A 131 -30.20 -19.88 -6.47
CA ARG A 131 -29.04 -19.69 -5.61
C ARG A 131 -27.74 -19.76 -6.43
N LEU A 132 -27.61 -20.82 -7.23
CA LEU A 132 -26.41 -21.04 -8.05
C LEU A 132 -26.29 -20.06 -9.20
N ARG A 133 -27.42 -19.63 -9.75
CA ARG A 133 -27.44 -18.60 -10.78
C ARG A 133 -27.02 -17.24 -10.23
N SER A 134 -27.39 -16.97 -8.97
CA SER A 134 -26.95 -15.75 -8.27
C SER A 134 -25.43 -15.75 -8.06
N LEU A 135 -24.88 -16.90 -7.68
CA LEU A 135 -23.43 -17.05 -7.54
C LEU A 135 -22.71 -16.86 -8.87
N ARG A 136 -23.30 -17.41 -9.94
CA ARG A 136 -22.77 -17.27 -11.30
C ARG A 136 -22.78 -15.81 -11.77
N ASP A 137 -23.87 -15.10 -11.47
CA ASP A 137 -24.01 -13.69 -11.83
C ASP A 137 -23.11 -12.80 -10.98
N GLN A 138 -22.81 -13.24 -9.75
CA GLN A 138 -21.81 -12.58 -8.91
C GLN A 138 -20.43 -12.68 -9.57
N ALA A 139 -20.07 -13.90 -9.99
CA ALA A 139 -18.78 -14.17 -10.63
C ALA A 139 -18.62 -13.53 -12.01
N LEU A 140 -19.72 -13.38 -12.74
CA LEU A 140 -19.75 -12.61 -13.96
C LEU A 140 -19.43 -11.15 -13.83
N GLU A 141 -19.98 -10.50 -12.83
CA GLU A 141 -19.74 -9.11 -12.62
C GLU A 141 -18.39 -8.76 -12.04
N GLN A 142 -17.78 -9.71 -11.38
CA GLN A 142 -16.39 -9.62 -10.95
C GLN A 142 -15.43 -9.76 -12.14
N TYR A 143 -15.84 -10.54 -13.14
CA TYR A 143 -15.13 -10.62 -14.42
C TYR A 143 -15.25 -9.30 -15.18
N LEU A 144 -16.48 -8.79 -15.26
CA LEU A 144 -16.76 -7.50 -15.91
C LEU A 144 -16.03 -6.33 -15.26
N ALA A 145 -15.88 -6.39 -13.93
CA ALA A 145 -15.11 -5.41 -13.17
C ALA A 145 -13.61 -5.50 -13.46
N THR A 146 -13.11 -6.73 -13.55
CA THR A 146 -11.70 -6.97 -13.86
C THR A 146 -11.36 -6.53 -15.30
N GLU A 147 -12.35 -6.59 -16.18
CA GLU A 147 -12.21 -6.06 -17.54
C GLU A 147 -12.03 -4.54 -17.53
N GLN A 148 -12.78 -3.86 -16.67
CA GLN A 148 -12.64 -2.40 -16.50
C GLN A 148 -11.32 -2.02 -15.83
N ALA A 149 -10.89 -2.82 -14.85
CA ALA A 149 -9.63 -2.61 -14.15
C ALA A 149 -8.42 -2.70 -15.08
N GLN A 150 -8.53 -3.55 -16.11
CA GLN A 150 -7.51 -3.64 -17.15
C GLN A 150 -7.46 -2.34 -17.95
N ARG A 151 -8.63 -1.78 -18.26
CA ARG A 151 -8.71 -0.50 -18.98
C ARG A 151 -8.13 0.66 -18.17
N SER A 152 -8.29 0.60 -16.85
CA SER A 152 -7.71 1.60 -15.96
C SER A 152 -6.21 1.40 -15.83
N ALA A 153 -5.76 0.15 -15.86
CA ALA A 153 -4.34 -0.18 -15.84
C ALA A 153 -3.59 0.42 -17.03
N GLN A 154 -4.20 0.38 -18.20
CA GLN A 154 -3.61 0.97 -19.42
C GLN A 154 -3.49 2.48 -19.32
N THR A 155 -4.59 3.17 -18.99
CA THR A 155 -4.60 4.63 -18.87
C THR A 155 -3.58 5.12 -17.85
N THR A 156 -3.33 4.30 -16.83
CA THR A 156 -2.31 4.61 -15.83
C THR A 156 -0.91 4.46 -16.43
N LEU A 157 -0.70 3.39 -17.18
CA LEU A 157 0.59 3.15 -17.86
C LEU A 157 0.89 4.24 -18.87
N VAL A 158 -0.10 4.56 -19.70
CA VAL A 158 0.03 5.60 -20.73
C VAL A 158 0.48 6.95 -20.13
N ALA A 159 -0.12 7.33 -18.99
CA ALA A 159 0.23 8.55 -18.26
C ALA A 159 1.63 8.48 -17.64
N SER A 160 1.96 7.33 -17.07
CA SER A 160 3.27 7.09 -16.45
C SER A 160 4.42 7.18 -17.44
N VAL A 161 4.23 6.59 -18.62
CA VAL A 161 5.22 6.64 -19.69
C VAL A 161 5.41 8.08 -20.19
N ALA A 162 4.29 8.74 -20.47
CA ALA A 162 4.29 10.15 -20.90
C ALA A 162 5.02 11.05 -19.91
N THR A 163 4.71 10.88 -18.62
CA THR A 163 5.37 11.64 -17.54
C THR A 163 6.86 11.31 -17.46
N ALA A 164 7.21 10.03 -17.49
CA ALA A 164 8.61 9.61 -17.49
C ALA A 164 9.40 10.19 -18.66
N TYR A 165 8.77 10.18 -19.84
CA TYR A 165 9.38 10.73 -21.05
C TYR A 165 9.62 12.24 -20.94
N LEU A 166 8.62 12.95 -20.43
CA LEU A 166 8.72 14.41 -20.27
C LEU A 166 9.75 14.81 -19.21
N THR A 167 9.80 14.04 -18.12
CA THR A 167 10.76 14.27 -17.04
C THR A 167 12.20 14.13 -17.51
N LEU A 168 12.48 13.07 -18.28
CA LEU A 168 13.79 12.88 -18.90
C LEU A 168 14.10 14.03 -19.87
N LYS A 169 13.15 14.42 -20.67
CA LYS A 169 13.28 15.55 -21.54
C LYS A 169 13.52 16.90 -20.85
N ALA A 170 12.84 17.14 -19.75
CA ALA A 170 13.05 18.34 -18.92
C ALA A 170 14.41 18.34 -18.25
N ASP A 171 14.86 17.18 -17.80
CA ASP A 171 16.19 17.06 -17.19
C ASP A 171 17.31 17.13 -18.22
N GLN A 172 17.02 16.73 -19.46
CA GLN A 172 17.97 16.93 -20.57
C GLN A 172 18.14 18.40 -20.91
N ALA A 173 17.07 19.17 -20.77
CA ALA A 173 17.12 20.63 -20.95
C ALA A 173 17.83 21.32 -19.79
N GLN A 174 17.68 20.78 -18.57
CA GLN A 174 18.38 21.30 -17.39
C GLN A 174 19.88 21.07 -17.51
N LEU A 175 20.27 19.88 -17.99
CA LEU A 175 21.67 19.53 -18.19
C LEU A 175 22.33 20.37 -19.28
N GLN A 176 21.63 20.52 -20.41
CA GLN A 176 22.14 21.30 -21.54
C GLN A 176 22.35 22.77 -21.14
N LEU A 177 21.35 23.34 -20.48
CA LEU A 177 21.41 24.70 -19.96
C LEU A 177 22.58 24.91 -18.99
N THR A 178 22.86 23.90 -18.16
CA THR A 178 23.97 23.96 -17.20
C THR A 178 25.35 23.92 -17.90
N LYS A 179 25.46 23.14 -18.98
CA LYS A 179 26.68 23.13 -19.80
C LYS A 179 26.95 24.51 -20.39
N ASP A 180 25.91 25.12 -20.94
CA ASP A 180 26.01 26.47 -21.50
C ASP A 180 26.41 27.50 -20.44
N THR A 181 25.74 27.44 -19.28
CA THR A 181 26.00 28.35 -18.16
C THR A 181 27.42 28.18 -17.57
N LEU A 182 27.87 26.93 -17.43
CA LEU A 182 29.23 26.65 -16.93
C LEU A 182 30.33 27.22 -17.84
N GLY A 183 30.14 27.13 -19.15
CA GLY A 183 31.08 27.67 -20.12
C GLY A 183 31.13 29.19 -20.07
N THR A 184 29.96 29.80 -19.89
CA THR A 184 29.83 31.25 -19.75
C THR A 184 30.49 31.77 -18.47
N TYR A 185 30.36 31.00 -17.38
CA TYR A 185 30.98 31.36 -16.11
C TYR A 185 32.49 31.20 -16.15
N GLN A 186 32.95 30.16 -16.86
CA GLN A 186 34.39 29.88 -16.97
C GLN A 186 35.08 30.93 -17.84
N LYS A 187 34.44 31.27 -18.97
CA LYS A 187 34.88 32.39 -19.80
C LYS A 187 35.02 33.66 -18.95
N SER A 188 33.96 34.00 -18.23
CA SER A 188 33.93 35.17 -17.34
C SER A 188 35.03 35.14 -16.28
N PHE A 189 35.21 33.99 -15.62
CA PHE A 189 36.25 33.81 -14.61
C PHE A 189 37.66 34.05 -15.17
N ASP A 190 37.93 33.50 -16.35
CA ASP A 190 39.24 33.65 -16.99
C ASP A 190 39.58 35.10 -17.33
N LEU A 191 38.59 35.84 -17.86
CA LEU A 191 38.76 37.26 -18.15
C LEU A 191 38.98 38.11 -16.90
N THR A 192 38.39 37.67 -15.78
CA THR A 192 38.66 38.29 -14.47
C THR A 192 40.07 37.92 -14.01
N GLN A 193 40.47 36.68 -14.26
CA GLN A 193 41.82 36.21 -13.93
C GLN A 193 42.91 37.00 -14.68
N ARG A 194 42.62 37.35 -15.93
CA ARG A 194 43.52 38.20 -16.73
C ARG A 194 43.51 39.63 -16.22
N SER A 195 42.33 40.11 -15.83
CA SER A 195 42.17 41.44 -15.25
C SER A 195 42.74 41.55 -13.85
N TYR A 196 42.88 40.42 -13.15
CA TYR A 196 43.44 40.38 -11.81
C TYR A 196 44.96 40.51 -11.81
N ASP A 197 45.61 39.83 -12.76
CA ASP A 197 47.07 39.80 -12.85
C ASP A 197 47.64 41.18 -13.20
N VAL A 198 46.76 42.08 -13.66
CA VAL A 198 47.15 43.42 -14.08
C VAL A 198 46.67 44.49 -13.09
N GLY A 199 46.28 44.05 -11.90
CA GLY A 199 45.90 44.96 -10.81
C GLY A 199 44.66 45.81 -11.06
N VAL A 200 43.74 45.29 -11.88
CA VAL A 200 42.47 45.96 -12.15
C VAL A 200 41.35 45.28 -11.38
N ALA A 201 41.28 43.95 -11.47
CA ALA A 201 40.36 43.15 -10.68
C ALA A 201 40.96 42.85 -9.31
N SER A 202 40.13 42.89 -8.27
CA SER A 202 40.57 42.61 -6.91
C SER A 202 40.55 41.11 -6.59
N ALA A 203 41.09 40.75 -5.43
CA ALA A 203 41.05 39.38 -4.95
C ALA A 203 39.61 38.93 -4.66
N LEU A 204 38.78 39.91 -4.27
CA LEU A 204 37.36 39.69 -4.00
C LEU A 204 36.59 39.34 -5.28
N ASP A 205 36.87 40.09 -6.35
CA ASP A 205 36.24 39.87 -7.66
C ASP A 205 36.49 38.47 -8.18
N LEU A 206 37.69 37.96 -7.94
CA LEU A 206 38.14 36.68 -8.47
C LEU A 206 37.52 35.50 -7.72
N ARG A 207 37.43 35.61 -6.40
CA ARG A 207 36.82 34.57 -5.57
C ARG A 207 35.32 34.48 -5.79
N GLN A 208 34.66 35.63 -5.99
CA GLN A 208 33.25 35.67 -6.37
C GLN A 208 33.02 34.96 -7.69
N ALA A 209 33.88 35.26 -8.68
CA ALA A 209 33.85 34.63 -9.99
C ALA A 209 34.04 33.13 -9.89
N GLN A 210 34.89 32.72 -8.94
CA GLN A 210 35.20 31.33 -8.69
C GLN A 210 34.00 30.56 -8.12
N THR A 211 33.37 31.11 -7.08
CA THR A 211 32.23 30.45 -6.43
C THR A 211 31.17 30.05 -7.45
N ALA A 212 30.87 30.97 -8.38
CA ALA A 212 29.91 30.74 -9.45
C ALA A 212 30.25 29.51 -10.30
N VAL A 213 31.54 29.36 -10.65
CA VAL A 213 32.00 28.23 -11.46
C VAL A 213 31.83 26.89 -10.73
N GLU A 214 32.27 26.85 -9.48
CA GLU A 214 32.15 25.65 -8.63
C GLU A 214 30.69 25.29 -8.35
N GLY A 215 29.85 26.32 -8.22
CA GLY A 215 28.41 26.11 -8.03
C GLY A 215 27.78 25.48 -9.26
N ALA A 216 28.15 25.98 -10.43
CA ALA A 216 27.67 25.47 -11.72
C ALA A 216 28.20 24.07 -12.02
N ARG A 217 29.38 23.76 -11.50
CA ARG A 217 30.03 22.47 -11.68
C ARG A 217 29.31 21.37 -10.90
N ALA A 218 28.75 21.73 -9.74
CA ALA A 218 28.05 20.80 -8.87
C ALA A 218 26.64 20.49 -9.39
N THR A 219 26.02 21.48 -10.03
CA THR A 219 24.70 21.29 -10.63
C THR A 219 24.79 20.41 -11.88
N LEU A 220 25.90 20.56 -12.61
CA LEU A 220 26.18 19.73 -13.78
C LEU A 220 26.24 18.24 -13.43
N ALA A 221 27.01 17.91 -12.40
CA ALA A 221 27.13 16.54 -11.90
C ALA A 221 25.78 15.96 -11.47
N GLN A 222 24.97 16.79 -10.80
CA GLN A 222 23.62 16.43 -10.38
C GLN A 222 22.68 16.12 -11.55
N TYR A 223 22.60 17.01 -12.53
CA TYR A 223 21.73 16.78 -13.70
C TYR A 223 22.20 15.63 -14.60
N THR A 224 23.51 15.39 -14.64
CA THR A 224 24.05 14.19 -15.30
C THR A 224 23.48 12.91 -14.68
N ARG A 225 23.41 12.87 -13.34
CA ARG A 225 22.80 11.75 -12.61
C ARG A 225 21.31 11.65 -12.84
N LEU A 226 20.60 12.78 -12.72
CA LEU A 226 19.14 12.80 -12.87
C LEU A 226 18.68 12.38 -14.26
N VAL A 227 19.46 12.73 -15.28
CA VAL A 227 19.18 12.26 -16.65
C VAL A 227 19.36 10.74 -16.75
N ALA A 228 20.46 10.24 -16.17
CA ALA A 228 20.74 8.80 -16.17
C ALA A 228 19.63 8.01 -15.46
N GLN A 229 19.31 8.44 -14.24
CA GLN A 229 18.27 7.82 -13.43
C GLN A 229 16.87 7.97 -14.04
N ASP A 230 16.63 9.07 -14.76
CA ASP A 230 15.40 9.23 -15.55
C ASP A 230 15.27 8.28 -16.74
N GLN A 231 16.39 7.93 -17.37
CA GLN A 231 16.41 6.91 -18.41
C GLN A 231 16.05 5.55 -17.80
N ASN A 232 16.63 5.27 -16.65
CA ASN A 232 16.42 4.00 -15.93
C ASN A 232 14.98 3.80 -15.49
N ALA A 233 14.34 4.88 -15.05
CA ALA A 233 12.92 4.84 -14.68
C ALA A 233 12.02 4.61 -15.90
N LEU A 234 12.43 5.12 -17.05
CA LEU A 234 11.66 4.92 -18.29
C LEU A 234 11.76 3.47 -18.82
N VAL A 235 12.97 2.92 -18.83
CA VAL A 235 13.19 1.53 -19.25
C VAL A 235 12.34 0.55 -18.44
N LEU A 236 12.21 0.78 -17.13
CA LEU A 236 11.36 -0.06 -16.28
C LEU A 236 9.89 -0.04 -16.72
N LEU A 237 9.39 1.15 -17.06
CA LEU A 237 8.02 1.33 -17.53
C LEU A 237 7.78 0.74 -18.91
N LEU A 238 8.80 0.79 -19.76
CA LEU A 238 8.73 0.23 -21.11
C LEU A 238 8.70 -1.29 -21.11
N GLY A 239 9.30 -1.89 -20.08
CA GLY A 239 9.46 -3.35 -20.01
C GLY A 239 10.51 -3.82 -20.99
N SER A 240 11.35 -2.89 -21.44
CA SER A 240 12.29 -3.08 -22.53
C SER A 240 13.21 -1.87 -22.62
N GLY A 241 14.35 -2.03 -23.28
CA GLY A 241 15.28 -0.91 -23.49
C GLY A 241 14.74 0.16 -24.42
N ILE A 242 15.38 1.33 -24.44
CA ILE A 242 15.00 2.39 -25.35
C ILE A 242 15.59 2.09 -26.73
N PRO A 243 14.72 2.02 -27.77
CA PRO A 243 15.14 1.75 -29.14
C PRO A 243 16.11 2.80 -29.67
N ALA A 244 17.03 2.37 -30.54
CA ALA A 244 18.06 3.25 -31.09
C ALA A 244 17.56 4.11 -32.25
N ASN A 245 16.58 3.60 -33.00
CA ASN A 245 16.08 4.29 -34.20
C ASN A 245 14.73 5.01 -34.04
N LEU A 246 14.53 5.62 -32.87
CA LEU A 246 13.31 6.38 -32.58
C LEU A 246 13.07 7.53 -33.57
N PRO A 247 11.80 7.87 -33.84
CA PRO A 247 11.48 9.07 -34.64
C PRO A 247 12.02 10.34 -33.98
N GLN A 248 12.04 11.44 -34.74
CA GLN A 248 12.48 12.73 -34.22
C GLN A 248 11.46 13.23 -33.20
N GLY A 249 11.94 13.67 -32.04
CA GLY A 249 11.07 14.18 -30.98
C GLY A 249 10.97 15.70 -30.98
N LEU A 250 9.88 16.22 -30.42
CA LEU A 250 9.65 17.66 -30.29
C LEU A 250 10.21 18.18 -28.96
N GLY A 251 10.76 19.40 -28.99
CA GLY A 251 11.28 20.04 -27.78
C GLY A 251 10.21 20.44 -26.77
N LEU A 252 10.64 20.77 -25.55
CA LEU A 252 9.73 21.19 -24.47
C LEU A 252 8.98 22.49 -24.75
N ASP A 253 9.53 23.33 -25.61
CA ASP A 253 8.95 24.63 -25.93
C ASP A 253 7.93 24.59 -27.09
N GLN A 254 7.58 23.40 -27.55
CA GLN A 254 6.65 23.22 -28.67
C GLN A 254 5.25 22.91 -28.15
N THR A 255 4.30 22.74 -29.08
CA THR A 255 2.97 22.21 -28.74
C THR A 255 3.01 20.68 -28.77
N LEU A 256 2.96 20.08 -27.58
CA LEU A 256 3.14 18.64 -27.42
C LEU A 256 1.81 17.88 -27.29
N LEU A 257 0.73 18.59 -26.98
CA LEU A 257 -0.57 17.96 -26.72
C LEU A 257 -1.75 18.70 -27.36
N THR A 258 -2.83 17.96 -27.60
CA THR A 258 -4.11 18.50 -28.03
C THR A 258 -4.92 18.86 -26.77
N GLU A 259 -5.69 19.95 -26.85
CA GLU A 259 -6.52 20.36 -25.71
C GLU A 259 -7.73 19.44 -25.60
N VAL A 260 -7.81 18.75 -24.48
CA VAL A 260 -8.89 17.81 -24.20
C VAL A 260 -10.04 18.52 -23.47
N PRO A 261 -11.27 18.35 -23.97
CA PRO A 261 -12.43 18.98 -23.32
C PRO A 261 -12.74 18.33 -21.97
N ALA A 262 -13.19 19.14 -21.02
CA ALA A 262 -13.51 18.67 -19.68
C ALA A 262 -14.82 17.90 -19.62
N GLY A 263 -15.79 18.33 -20.42
CA GLY A 263 -17.12 17.73 -20.39
C GLY A 263 -17.87 18.05 -19.11
N LEU A 264 -18.93 17.30 -18.84
CA LEU A 264 -19.66 17.40 -17.59
C LEU A 264 -19.24 16.26 -16.65
N PRO A 265 -19.26 16.50 -15.33
CA PRO A 265 -18.91 15.45 -14.34
C PRO A 265 -19.67 14.14 -14.55
N SER A 266 -20.90 14.22 -15.05
CA SER A 266 -21.73 13.03 -15.31
C SER A 266 -21.23 12.17 -16.48
N ASP A 267 -20.21 12.64 -17.20
CA ASP A 267 -19.51 11.83 -18.21
C ASP A 267 -18.73 10.69 -17.55
N LEU A 268 -18.11 10.98 -16.40
CA LEU A 268 -17.25 10.04 -15.69
C LEU A 268 -17.97 8.75 -15.32
N LEU A 269 -19.21 8.88 -14.93
CA LEU A 269 -20.09 7.78 -14.68
C LEU A 269 -20.21 6.76 -15.78
N GLN A 270 -19.90 7.13 -17.00
CA GLN A 270 -20.02 6.19 -18.08
C GLN A 270 -18.71 5.92 -18.73
N ARG A 271 -17.75 6.80 -18.51
CA ARG A 271 -16.51 6.83 -19.31
C ARG A 271 -15.20 6.61 -18.55
N ARG A 272 -15.24 6.58 -17.21
CA ARG A 272 -14.03 6.32 -16.44
C ARG A 272 -13.97 4.87 -15.99
N PRO A 273 -12.88 4.15 -16.35
CA PRO A 273 -12.79 2.70 -16.12
C PRO A 273 -12.95 2.31 -14.66
N ASP A 274 -12.25 2.99 -13.75
CA ASP A 274 -12.30 2.60 -12.33
C ASP A 274 -13.60 2.97 -11.62
N ILE A 275 -14.38 3.88 -12.20
CA ILE A 275 -15.74 4.13 -11.75
C ILE A 275 -16.68 3.00 -12.22
N LEU A 276 -16.51 2.57 -13.48
CA LEU A 276 -17.26 1.44 -14.04
C LEU A 276 -16.86 0.12 -13.38
N GLU A 277 -15.58 -0.02 -13.03
CA GLU A 277 -15.08 -1.16 -12.27
C GLU A 277 -15.79 -1.27 -10.91
N ALA A 278 -15.92 -0.14 -10.22
CA ALA A 278 -16.62 -0.07 -8.95
C ALA A 278 -18.10 -0.44 -9.08
N GLU A 279 -18.69 -0.11 -10.23
CA GLU A 279 -20.12 -0.34 -10.46
C GLU A 279 -20.43 -1.82 -10.64
N HIS A 280 -19.53 -2.54 -11.33
CA HIS A 280 -19.67 -3.97 -11.50
C HIS A 280 -19.43 -4.73 -10.20
N GLN A 281 -18.52 -4.24 -9.37
CA GLN A 281 -18.28 -4.81 -8.04
C GLN A 281 -19.52 -4.65 -7.17
N LEU A 282 -20.17 -3.50 -7.26
CA LEU A 282 -21.45 -3.25 -6.59
C LEU A 282 -22.53 -4.18 -7.10
N MET A 283 -22.61 -4.33 -8.43
CA MET A 283 -23.57 -5.22 -9.07
C MET A 283 -23.35 -6.67 -8.66
N ALA A 284 -22.07 -7.05 -8.51
CA ALA A 284 -21.69 -8.40 -8.07
C ALA A 284 -22.15 -8.68 -6.65
N ALA A 285 -22.04 -7.68 -5.77
CA ALA A 285 -22.50 -7.79 -4.38
C ALA A 285 -24.02 -7.83 -4.28
N ASN A 286 -24.69 -7.17 -5.23
CA ASN A 286 -26.16 -7.19 -5.33
C ASN A 286 -26.68 -8.57 -5.66
N ALA A 287 -25.97 -9.27 -6.54
CA ALA A 287 -26.30 -10.64 -6.93
C ALA A 287 -26.09 -11.64 -5.79
N SER A 288 -25.08 -11.38 -4.94
CA SER A 288 -24.78 -12.27 -3.81
C SER A 288 -25.87 -12.28 -2.75
N ILE A 289 -26.66 -11.20 -2.69
CA ILE A 289 -27.86 -11.14 -1.84
C ILE A 289 -28.91 -12.16 -2.31
N GLY A 290 -28.99 -12.36 -3.62
CA GLY A 290 -29.88 -13.37 -4.20
C GLY A 290 -29.56 -14.79 -3.79
N ALA A 291 -28.27 -15.08 -3.59
CA ALA A 291 -27.83 -16.38 -3.09
C ALA A 291 -28.05 -16.52 -1.57
N ALA A 292 -28.04 -15.40 -0.86
CA ALA A 292 -28.29 -15.39 0.58
C ALA A 292 -29.78 -15.54 0.90
N ARG A 293 -30.63 -14.96 0.05
CA ARG A 293 -32.08 -15.08 0.18
C ARG A 293 -32.58 -16.49 -0.13
N ALA A 294 -31.97 -17.11 -1.14
CA ALA A 294 -32.36 -18.46 -1.59
C ALA A 294 -31.92 -19.57 -0.62
N ALA A 295 -31.34 -19.18 0.51
CA ALA A 295 -30.96 -20.12 1.57
C ALA A 295 -32.14 -20.40 2.51
N PHE A 296 -33.13 -19.50 2.50
CA PHE A 296 -34.35 -19.67 3.28
C PHE A 296 -35.35 -20.57 2.56
N PHE A 297 -35.23 -20.65 1.24
CA PHE A 297 -36.15 -21.41 0.40
C PHE A 297 -35.72 -22.88 0.23
N PRO A 298 -36.67 -23.76 -0.17
CA PRO A 298 -36.40 -25.19 -0.37
C PRO A 298 -35.22 -25.49 -1.29
N SER A 299 -34.39 -26.45 -0.87
CA SER A 299 -33.23 -26.88 -1.65
C SER A 299 -33.44 -28.29 -2.19
N ILE A 300 -33.53 -28.39 -3.51
CA ILE A 300 -33.75 -29.67 -4.18
C ILE A 300 -32.42 -30.30 -4.66
N SER A 301 -32.26 -31.58 -4.38
CA SER A 301 -31.08 -32.35 -4.79
C SER A 301 -31.48 -33.67 -5.43
N LEU A 302 -30.70 -34.11 -6.42
CA LEU A 302 -31.04 -35.29 -7.21
C LEU A 302 -29.83 -36.19 -7.46
N THR A 303 -29.94 -37.44 -7.04
CA THR A 303 -28.96 -38.48 -7.34
C THR A 303 -29.60 -39.53 -8.26
N ALA A 304 -29.00 -39.73 -9.44
CA ALA A 304 -29.51 -40.66 -10.44
C ALA A 304 -28.39 -41.29 -11.26
N ASN A 305 -28.44 -42.62 -11.40
CA ASN A 305 -27.44 -43.36 -12.16
C ASN A 305 -28.01 -44.64 -12.79
N ALA A 306 -27.24 -45.21 -13.72
CA ALA A 306 -27.56 -46.50 -14.32
C ALA A 306 -26.27 -47.24 -14.67
N GLY A 307 -26.30 -48.56 -14.54
CA GLY A 307 -25.13 -49.37 -14.84
C GLY A 307 -25.34 -50.85 -14.54
N THR A 308 -24.33 -51.47 -13.95
CA THR A 308 -24.37 -52.87 -13.58
C THR A 308 -24.01 -53.05 -12.11
N MET A 309 -24.70 -53.98 -11.45
CA MET A 309 -24.42 -54.32 -10.05
C MET A 309 -24.43 -55.84 -9.84
N SER A 310 -23.72 -56.29 -8.80
CA SER A 310 -23.53 -57.71 -8.54
C SER A 310 -23.03 -57.99 -7.12
N ARG A 311 -23.16 -59.24 -6.69
CA ARG A 311 -22.61 -59.72 -5.42
C ARG A 311 -21.12 -60.05 -5.57
N GLN A 312 -20.73 -60.55 -6.74
CA GLN A 312 -19.33 -60.88 -7.02
C GLN A 312 -18.75 -59.91 -8.04
N LEU A 313 -17.42 -59.85 -8.11
CA LEU A 313 -16.74 -59.00 -9.08
C LEU A 313 -16.82 -59.57 -10.49
N SER A 314 -16.87 -60.90 -10.59
CA SER A 314 -16.84 -61.61 -11.87
C SER A 314 -18.16 -61.52 -12.64
N GLY A 315 -19.26 -61.36 -11.91
CA GLY A 315 -20.58 -61.29 -12.53
C GLY A 315 -21.08 -59.87 -12.76
N LEU A 316 -20.19 -58.95 -13.09
CA LEU A 316 -20.54 -57.54 -13.26
C LEU A 316 -21.31 -57.20 -14.53
N PHE A 317 -20.67 -57.32 -15.70
CA PHE A 317 -21.30 -56.97 -16.97
C PHE A 317 -22.09 -58.14 -17.59
N ASP A 318 -22.76 -58.91 -16.75
CA ASP A 318 -23.55 -60.06 -17.16
C ASP A 318 -24.98 -59.74 -17.47
N ALA A 319 -25.72 -60.71 -18.02
CA ALA A 319 -27.13 -60.53 -18.36
C ALA A 319 -27.99 -60.50 -17.09
N GLY A 320 -28.91 -59.54 -17.04
CA GLY A 320 -29.79 -59.37 -15.89
C GLY A 320 -29.09 -58.76 -14.68
N SER A 321 -27.91 -58.17 -14.90
CA SER A 321 -27.13 -57.52 -13.84
C SER A 321 -27.32 -56.00 -13.86
N GLY A 322 -28.19 -55.52 -14.75
CA GLY A 322 -28.50 -54.09 -14.85
C GLY A 322 -29.11 -53.53 -13.58
N SER A 323 -28.86 -52.25 -13.35
CA SER A 323 -29.34 -51.55 -12.16
C SER A 323 -29.50 -50.06 -12.41
N TRP A 324 -30.38 -49.42 -11.66
CA TRP A 324 -30.49 -47.97 -11.65
C TRP A 324 -30.81 -47.42 -10.27
N LEU A 325 -30.69 -46.10 -10.12
CA LEU A 325 -31.08 -45.41 -8.90
C LEU A 325 -31.64 -44.03 -9.26
N PHE A 326 -32.73 -43.67 -8.59
CA PHE A 326 -33.33 -42.35 -8.72
C PHE A 326 -33.68 -41.87 -7.31
N GLN A 327 -33.02 -40.80 -6.88
CA GLN A 327 -33.07 -40.37 -5.49
C GLN A 327 -33.28 -38.85 -5.33
N PRO A 328 -34.52 -38.37 -5.56
CA PRO A 328 -34.82 -36.95 -5.33
C PRO A 328 -34.92 -36.58 -3.85
N SER A 329 -34.55 -35.34 -3.54
CA SER A 329 -34.61 -34.81 -2.18
C SER A 329 -35.11 -33.37 -2.17
N ILE A 330 -35.71 -32.96 -1.06
CA ILE A 330 -36.05 -31.56 -0.80
C ILE A 330 -35.71 -31.24 0.66
N ASN A 331 -34.93 -30.18 0.87
CA ASN A 331 -34.64 -29.70 2.22
C ASN A 331 -35.19 -28.29 2.43
N LEU A 332 -35.87 -28.08 3.55
CA LEU A 332 -36.31 -26.75 3.96
C LEU A 332 -35.89 -26.45 5.40
N PRO A 333 -34.98 -25.48 5.58
CA PRO A 333 -34.57 -25.06 6.93
C PRO A 333 -35.71 -24.41 7.70
N ILE A 334 -35.81 -24.74 8.98
CA ILE A 334 -36.87 -24.21 9.85
C ILE A 334 -36.19 -23.46 11.00
N PHE A 335 -35.43 -24.18 11.80
CA PHE A 335 -34.67 -23.57 12.88
C PHE A 335 -33.19 -23.45 12.53
N THR A 336 -32.72 -22.21 12.54
CA THR A 336 -31.32 -21.88 12.60
C THR A 336 -31.26 -20.81 13.68
N ALA A 337 -30.20 -20.84 14.50
CA ALA A 337 -30.07 -19.90 15.61
C ALA A 337 -29.61 -18.56 15.02
N GLY A 338 -30.40 -17.98 14.16
CA GLY A 338 -30.05 -16.79 13.40
C GLY A 338 -29.01 -16.85 12.31
N SER A 339 -28.53 -18.06 12.02
CA SER A 339 -27.44 -18.30 11.07
C SER A 339 -27.72 -17.72 9.68
N LEU A 340 -28.87 -18.06 9.10
CA LEU A 340 -29.23 -17.63 7.75
C LEU A 340 -29.55 -16.13 7.67
N ARG A 341 -30.03 -15.57 8.77
CA ARG A 341 -30.28 -14.13 8.84
C ARG A 341 -28.97 -13.35 8.85
N ALA A 342 -28.00 -13.84 9.62
CA ALA A 342 -26.68 -13.24 9.68
C ALA A 342 -25.97 -13.28 8.32
N SER A 343 -26.10 -14.39 7.61
CA SER A 343 -25.53 -14.55 6.27
C SER A 343 -26.21 -13.62 5.26
N LEU A 344 -27.50 -13.36 5.47
CA LEU A 344 -28.23 -12.40 4.62
C LEU A 344 -27.85 -10.97 4.98
N ASP A 345 -27.75 -10.68 6.27
CA ASP A 345 -27.25 -9.39 6.75
C ASP A 345 -25.86 -9.10 6.18
N TYR A 346 -24.98 -10.11 6.20
CA TYR A 346 -23.62 -9.98 5.68
C TYR A 346 -23.61 -9.58 4.21
N ALA A 347 -24.46 -10.22 3.41
CA ALA A 347 -24.56 -9.91 1.98
C ALA A 347 -25.05 -8.49 1.76
N LYS A 348 -26.07 -8.09 2.52
CA LYS A 348 -26.62 -6.73 2.46
C LYS A 348 -25.61 -5.68 2.93
N ILE A 349 -24.82 -6.01 3.94
CA ILE A 349 -23.76 -5.11 4.42
C ILE A 349 -22.69 -4.91 3.35
N GLN A 350 -22.31 -5.99 2.67
CA GLN A 350 -21.32 -5.92 1.59
C GLN A 350 -21.80 -5.08 0.40
N LYS A 351 -23.08 -5.16 0.06
CA LYS A 351 -23.66 -4.30 -0.97
C LYS A 351 -23.54 -2.82 -0.58
N ASP A 352 -23.89 -2.51 0.67
CA ASP A 352 -23.74 -1.16 1.25
C ASP A 352 -22.30 -0.64 1.23
N ILE A 353 -21.34 -1.55 1.41
CA ILE A 353 -19.91 -1.23 1.34
C ILE A 353 -19.51 -0.85 -0.08
N ASN A 354 -20.00 -1.61 -1.05
CA ASN A 354 -19.73 -1.34 -2.45
C ASN A 354 -20.41 -0.07 -2.96
N VAL A 355 -21.54 0.31 -2.35
CA VAL A 355 -22.21 1.58 -2.64
C VAL A 355 -21.30 2.74 -2.26
N ALA A 356 -20.76 2.68 -1.04
CA ALA A 356 -19.86 3.70 -0.51
C ALA A 356 -18.54 3.78 -1.29
N GLN A 357 -18.03 2.63 -1.73
CA GLN A 357 -16.84 2.57 -2.60
C GLN A 357 -17.09 3.09 -4.01
N TYR A 358 -18.30 2.91 -4.52
CA TYR A 358 -18.71 3.46 -5.82
C TYR A 358 -18.87 4.98 -5.74
N GLU A 359 -19.50 5.45 -4.66
CA GLU A 359 -19.66 6.88 -4.41
C GLU A 359 -18.31 7.58 -4.18
N LYS A 360 -17.37 6.85 -3.58
CA LYS A 360 -16.03 7.40 -3.33
C LYS A 360 -15.22 7.50 -4.60
N ALA A 361 -15.37 6.52 -5.48
CA ALA A 361 -14.69 6.51 -6.78
C ALA A 361 -15.06 7.75 -7.62
N ILE A 362 -16.34 8.13 -7.56
CA ILE A 362 -16.85 9.32 -8.25
C ILE A 362 -16.29 10.60 -7.62
N GLN A 363 -16.34 10.67 -6.28
CA GLN A 363 -15.80 11.81 -5.53
C GLN A 363 -14.30 12.00 -5.77
N THR A 364 -13.57 10.89 -5.80
CA THR A 364 -12.12 10.92 -6.09
C THR A 364 -11.85 11.41 -7.52
N ALA A 365 -12.62 10.91 -8.48
CA ALA A 365 -12.45 11.29 -9.88
C ALA A 365 -12.75 12.77 -10.08
N PHE A 366 -13.74 13.27 -9.34
CA PHE A 366 -14.09 14.69 -9.35
C PHE A 366 -12.91 15.55 -8.89
N GLN A 367 -12.29 15.16 -7.77
CA GLN A 367 -11.14 15.87 -7.22
C GLN A 367 -9.99 15.99 -8.22
N GLU A 368 -9.67 14.88 -8.89
CA GLU A 368 -8.54 14.82 -9.81
C GLU A 368 -8.73 15.67 -11.07
N VAL A 369 -9.95 15.70 -11.59
CA VAL A 369 -10.28 16.53 -12.75
C VAL A 369 -10.31 18.01 -12.36
N ALA A 370 -10.90 18.30 -11.19
CA ALA A 370 -11.00 19.68 -10.69
C ALA A 370 -9.61 20.30 -10.45
N ASP A 371 -8.70 19.50 -9.90
CA ASP A 371 -7.30 19.91 -9.76
C ASP A 371 -6.60 20.08 -11.10
N GLY A 372 -7.01 19.26 -12.08
CA GLY A 372 -6.48 19.34 -13.44
C GLY A 372 -6.96 20.57 -14.18
N LEU A 373 -8.18 21.01 -13.89
CA LEU A 373 -8.73 22.23 -14.47
C LEU A 373 -8.15 23.49 -13.80
N ALA A 374 -7.83 23.38 -12.52
CA ALA A 374 -7.14 24.42 -11.76
C ALA A 374 -5.72 24.65 -12.28
N ALA A 375 -5.05 23.56 -12.65
CA ALA A 375 -3.74 23.66 -13.33
C ALA A 375 -3.88 24.28 -14.71
N ARG A 376 -4.88 23.84 -15.48
CA ARG A 376 -5.16 24.41 -16.79
C ARG A 376 -5.36 25.93 -16.71
N GLY A 377 -6.19 26.37 -15.74
CA GLY A 377 -6.56 27.78 -15.62
C GLY A 377 -5.54 28.70 -14.96
N THR A 378 -4.34 28.20 -14.69
CA THR A 378 -3.32 28.99 -13.97
C THR A 378 -1.90 28.91 -14.53
N PHE A 379 -1.55 27.80 -15.19
CA PHE A 379 -0.19 27.62 -15.72
C PHE A 379 0.19 28.52 -16.89
N THR A 380 -0.76 28.86 -17.75
CA THR A 380 -0.52 29.82 -18.83
C THR A 380 0.01 31.14 -18.26
N GLU A 381 -0.69 31.65 -17.25
CA GLU A 381 -0.31 32.86 -16.54
C GLU A 381 1.06 32.75 -15.85
N GLN A 382 1.27 31.64 -15.14
CA GLN A 382 2.54 31.42 -14.44
C GLN A 382 3.73 31.40 -15.40
N LEU A 383 3.61 30.63 -16.47
CA LEU A 383 4.69 30.49 -17.45
C LEU A 383 4.95 31.78 -18.24
N GLN A 384 3.90 32.54 -18.51
CA GLN A 384 4.05 33.85 -19.15
C GLN A 384 4.87 34.78 -18.25
N ALA A 385 4.46 34.89 -16.98
CA ALA A 385 5.23 35.63 -15.98
C ALA A 385 6.67 35.13 -15.82
N GLN A 386 6.88 33.82 -15.82
CA GLN A 386 8.22 33.24 -15.71
C GLN A 386 9.09 33.49 -16.94
N ARG A 387 8.48 33.47 -18.13
CA ARG A 387 9.17 33.82 -19.38
C ARG A 387 9.60 35.28 -19.39
N ASP A 388 8.70 36.16 -18.96
CA ASP A 388 8.99 37.58 -18.82
C ASP A 388 10.08 37.83 -17.79
N LEU A 389 10.11 37.01 -16.75
CA LEU A 389 11.17 37.06 -15.73
C LEU A 389 12.54 36.69 -16.31
N VAL A 390 12.59 35.57 -17.03
CA VAL A 390 13.80 35.13 -17.73
C VAL A 390 14.34 36.23 -18.66
N LYS A 391 13.46 36.81 -19.48
CA LYS A 391 13.83 37.92 -20.38
C LYS A 391 14.41 39.11 -19.64
N ALA A 392 13.71 39.54 -18.59
CA ALA A 392 14.14 40.67 -17.75
C ALA A 392 15.47 40.40 -17.07
N SER A 393 15.68 39.16 -16.64
CA SER A 393 16.95 38.74 -16.04
C SER A 393 18.06 38.68 -17.09
N ASP A 394 17.69 38.33 -18.31
CA ASP A 394 18.61 38.30 -19.44
C ASP A 394 19.13 39.71 -19.77
N GLU A 395 18.22 40.68 -19.89
CA GLU A 395 18.58 42.09 -20.12
C GLU A 395 19.44 42.58 -18.96
N TYR A 396 19.05 42.18 -17.75
CA TYR A 396 19.75 42.53 -16.50
C TYR A 396 21.19 41.99 -16.49
N TYR A 397 21.36 40.71 -16.81
CA TYR A 397 22.71 40.12 -16.88
C TYR A 397 23.60 40.84 -17.90
N GLN A 398 23.06 41.12 -19.08
CA GLN A 398 23.81 41.78 -20.15
C GLN A 398 24.27 43.19 -19.74
N LEU A 399 23.37 43.96 -19.14
CA LEU A 399 23.70 45.29 -18.62
C LEU A 399 24.74 45.19 -17.51
N ALA A 400 24.53 44.27 -16.56
CA ALA A 400 25.45 44.05 -15.46
C ALA A 400 26.84 43.58 -15.93
N ASP A 401 26.87 42.76 -16.97
CA ASP A 401 28.12 42.23 -17.53
C ASP A 401 29.02 43.33 -18.10
N LYS A 402 28.45 44.16 -18.98
CA LYS A 402 29.18 45.28 -19.60
C LYS A 402 29.59 46.31 -18.56
N ARG A 403 28.67 46.62 -17.65
CA ARG A 403 28.89 47.59 -16.58
C ARG A 403 30.08 47.23 -15.67
N TYR A 404 30.33 45.94 -15.48
CA TYR A 404 31.49 45.50 -14.69
C TYR A 404 32.82 45.70 -15.42
N ARG A 405 32.99 45.01 -16.56
CA ARG A 405 34.26 45.05 -17.29
C ARG A 405 34.63 46.44 -17.84
N THR A 406 33.68 47.37 -17.83
CA THR A 406 33.94 48.76 -18.20
C THR A 406 34.34 49.61 -16.98
N GLY A 407 34.28 49.01 -15.79
CA GLY A 407 34.69 49.69 -14.56
C GLY A 407 33.61 50.51 -13.89
N VAL A 408 32.43 50.54 -14.51
CA VAL A 408 31.29 51.31 -13.98
C VAL A 408 30.74 50.69 -12.69
N ASP A 409 30.56 49.37 -12.67
CA ASP A 409 30.06 48.65 -11.51
C ASP A 409 30.95 47.53 -10.99
N ASN A 410 30.59 46.97 -9.84
CA ASN A 410 31.36 45.92 -9.19
C ASN A 410 30.80 44.53 -9.50
N TYR A 411 31.56 43.49 -9.16
CA TYR A 411 31.22 42.11 -9.54
C TYR A 411 29.94 41.55 -8.89
N LEU A 412 29.64 42.02 -7.67
CA LEU A 412 28.48 41.52 -6.91
C LEU A 412 27.17 41.62 -7.71
N THR A 413 27.00 42.72 -8.42
CA THR A 413 25.82 42.92 -9.26
C THR A 413 25.80 41.93 -10.42
N LEU A 414 26.96 41.70 -11.04
CA LEU A 414 27.10 40.67 -12.07
C LEU A 414 26.79 39.27 -11.52
N LEU A 415 27.36 38.96 -10.36
CA LEU A 415 27.11 37.69 -9.66
C LEU A 415 25.62 37.47 -9.40
N ASP A 416 24.91 38.51 -8.94
CA ASP A 416 23.48 38.44 -8.66
C ASP A 416 22.63 38.29 -9.93
N ALA A 417 23.03 38.96 -10.99
CA ALA A 417 22.37 38.83 -12.29
C ALA A 417 22.53 37.41 -12.85
N GLN A 418 23.68 36.79 -12.59
CA GLN A 418 23.95 35.41 -13.01
C GLN A 418 23.08 34.40 -12.26
N ARG A 419 22.97 34.55 -10.95
CA ARG A 419 22.12 33.70 -10.12
C ARG A 419 20.65 33.80 -10.52
N SER A 420 20.16 35.03 -10.68
CA SER A 420 18.76 35.29 -11.02
C SER A 420 18.36 34.60 -12.32
N LEU A 421 19.18 34.80 -13.36
CA LEU A 421 18.91 34.24 -14.69
C LEU A 421 18.96 32.71 -14.70
N PHE A 422 20.01 32.14 -14.10
CA PHE A 422 20.17 30.69 -14.05
C PHE A 422 19.04 30.02 -13.26
N THR A 423 18.69 30.58 -12.11
CA THR A 423 17.57 30.11 -11.30
C THR A 423 16.26 30.28 -12.07
N ALA A 424 16.05 31.47 -12.64
CA ALA A 424 14.89 31.78 -13.48
C ALA A 424 14.66 30.76 -14.60
N GLN A 425 15.73 30.43 -15.33
CA GLN A 425 15.68 29.48 -16.44
C GLN A 425 15.40 28.05 -16.01
N GLN A 426 15.99 27.64 -14.88
CA GLN A 426 15.75 26.31 -14.31
C GLN A 426 14.28 26.17 -13.89
N GLN A 427 13.74 27.23 -13.30
CA GLN A 427 12.36 27.24 -12.82
C GLN A 427 11.34 27.23 -13.96
N LEU A 428 11.69 27.86 -15.08
CA LEU A 428 10.85 27.85 -16.28
C LEU A 428 10.70 26.44 -16.87
N ILE A 429 11.80 25.69 -16.91
CA ILE A 429 11.76 24.29 -17.32
C ILE A 429 10.85 23.46 -16.41
N THR A 430 11.08 23.56 -15.10
CA THR A 430 10.25 22.91 -14.09
C THR A 430 8.76 23.25 -14.21
N ASP A 431 8.44 24.53 -14.39
CA ASP A 431 7.03 24.95 -14.54
C ASP A 431 6.39 24.41 -15.81
N ARG A 432 7.19 24.35 -16.88
CA ARG A 432 6.77 23.71 -18.13
C ARG A 432 6.52 22.22 -17.92
N LEU A 433 7.39 21.55 -17.17
CA LEU A 433 7.22 20.13 -16.86
C LEU A 433 5.93 19.88 -16.08
N ASN A 434 5.67 20.72 -15.08
CA ASN A 434 4.50 20.58 -14.23
C ASN A 434 3.19 20.92 -14.94
N GLN A 435 3.22 21.93 -15.80
CA GLN A 435 2.04 22.25 -16.62
C GLN A 435 1.65 21.06 -17.49
N LEU A 436 2.64 20.45 -18.12
CA LEU A 436 2.43 19.31 -19.02
C LEU A 436 1.98 18.05 -18.29
N THR A 437 2.61 17.76 -17.15
CA THR A 437 2.21 16.64 -16.30
C THR A 437 0.73 16.73 -15.92
N SER A 438 0.31 17.91 -15.49
CA SER A 438 -1.08 18.15 -15.10
C SER A 438 -2.06 17.83 -16.23
N GLU A 439 -1.72 18.27 -17.44
CA GLU A 439 -2.53 17.99 -18.63
C GLU A 439 -2.56 16.49 -18.93
N VAL A 440 -1.40 15.84 -18.82
CA VAL A 440 -1.29 14.39 -18.97
C VAL A 440 -2.18 13.65 -17.95
N ASN A 441 -2.11 14.05 -16.69
CA ASN A 441 -2.92 13.46 -15.62
C ASN A 441 -4.41 13.82 -15.69
N LEU A 442 -4.74 14.97 -16.27
CA LEU A 442 -6.14 15.34 -16.50
C LEU A 442 -6.82 14.42 -17.52
N TYR A 443 -6.13 14.19 -18.65
CA TYR A 443 -6.56 13.26 -19.69
C TYR A 443 -6.87 11.89 -19.09
N LYS A 444 -5.98 11.42 -18.21
CA LYS A 444 -6.14 10.15 -17.50
C LYS A 444 -7.34 10.15 -16.56
N ALA A 445 -7.57 11.27 -15.87
CA ALA A 445 -8.67 11.40 -14.92
C ALA A 445 -10.04 11.38 -15.60
N LEU A 446 -10.09 11.83 -16.85
CA LEU A 446 -11.34 11.91 -17.59
C LEU A 446 -11.71 10.55 -18.19
N GLY A 447 -10.71 9.71 -18.37
CA GLY A 447 -10.93 8.34 -18.80
C GLY A 447 -9.75 7.77 -19.56
N GLY A 448 -8.76 8.61 -19.82
CA GLY A 448 -7.41 8.14 -20.13
C GLY A 448 -7.14 7.77 -21.57
N GLY A 449 -6.11 6.96 -21.78
CA GLY A 449 -5.73 6.52 -23.12
C GLY A 449 -5.88 5.04 -23.39
N TRP A 450 -7.12 4.56 -23.33
CA TRP A 450 -7.47 3.20 -23.73
C TRP A 450 -7.51 3.01 -25.26
N ASN A 451 -8.10 3.97 -25.96
CA ASN A 451 -8.18 3.94 -27.42
C ASN A 451 -6.91 4.48 -28.06
N GLN A 452 -6.43 3.78 -29.08
CA GLN A 452 -5.26 4.20 -29.85
C GLN A 452 -5.61 5.34 -30.79
N GLN A 453 -6.62 5.11 -31.65
CA GLN A 453 -7.16 6.15 -32.51
C GLN A 453 -8.43 6.70 -31.87
N THR A 454 -8.84 7.89 -32.30
CA THR A 454 -10.05 8.54 -31.80
C THR A 454 -11.31 7.80 -32.27
N VAL A 455 -12.28 7.69 -31.36
CA VAL A 455 -13.53 6.97 -31.61
C VAL A 455 -14.69 7.94 -31.85
N SER B 2 3.23 -38.18 -11.57
CA SER B 2 2.72 -36.77 -11.51
C SER B 2 2.59 -36.12 -12.89
N LEU B 3 1.69 -35.16 -12.99
CA LEU B 3 1.40 -34.48 -14.25
C LEU B 3 1.91 -33.03 -14.25
N ILE B 4 2.82 -32.73 -13.32
CA ILE B 4 3.45 -31.41 -13.25
C ILE B 4 4.35 -31.22 -14.46
N PRO B 5 4.13 -30.14 -15.23
CA PRO B 5 5.00 -29.83 -16.38
C PRO B 5 6.44 -29.57 -15.92
N ASP B 6 7.38 -29.73 -16.83
CA ASP B 6 8.79 -29.43 -16.55
C ASP B 6 8.97 -27.93 -16.35
N TYR B 7 9.90 -27.55 -15.49
CA TYR B 7 10.18 -26.14 -15.24
C TYR B 7 11.34 -25.65 -16.08
N GLN B 8 11.16 -24.47 -16.67
CA GLN B 8 12.22 -23.79 -17.40
C GLN B 8 12.20 -22.31 -17.01
N ARG B 9 13.31 -21.88 -16.41
CA ARG B 9 13.47 -20.48 -15.99
C ARG B 9 13.37 -19.55 -17.21
N PRO B 10 12.42 -18.60 -17.18
CA PRO B 10 12.26 -17.63 -18.26
C PRO B 10 13.53 -16.79 -18.42
N GLU B 11 13.78 -16.35 -19.65
CA GLU B 11 14.96 -15.52 -19.93
C GLU B 11 14.84 -14.17 -19.21
N ALA B 12 15.97 -13.66 -18.73
CA ALA B 12 16.01 -12.35 -18.08
C ALA B 12 15.75 -11.25 -19.11
N PRO B 13 14.66 -10.49 -18.95
CA PRO B 13 14.26 -9.47 -19.92
C PRO B 13 14.97 -8.12 -19.68
N VAL B 14 16.26 -8.18 -19.37
CA VAL B 14 17.10 -6.99 -19.20
C VAL B 14 18.34 -7.11 -20.08
N ALA B 15 19.08 -6.01 -20.22
CA ALA B 15 20.31 -5.98 -21.01
C ALA B 15 21.43 -6.76 -20.31
N ALA B 16 22.37 -7.28 -21.09
CA ALA B 16 23.44 -8.15 -20.59
C ALA B 16 24.47 -7.42 -19.74
N ALA B 17 24.63 -6.12 -19.98
CA ALA B 17 25.51 -5.28 -19.20
C ALA B 17 24.78 -4.05 -18.65
N TYR B 18 25.29 -3.47 -17.59
CA TYR B 18 24.73 -2.24 -17.01
C TYR B 18 25.00 -1.02 -17.91
N PRO B 19 24.20 0.06 -17.79
CA PRO B 19 24.28 1.21 -18.69
C PRO B 19 25.63 1.93 -18.68
N GLN B 20 25.93 2.62 -19.77
CA GLN B 20 27.15 3.42 -19.86
C GLN B 20 26.81 4.81 -20.36
N GLY B 21 27.72 5.76 -20.11
CA GLY B 21 27.50 7.14 -20.47
C GLY B 21 28.14 8.11 -19.50
N GLN B 22 27.72 9.36 -19.56
CA GLN B 22 28.27 10.45 -18.74
C GLN B 22 28.23 10.16 -17.24
N ALA B 23 27.17 9.50 -16.79
CA ALA B 23 26.91 9.29 -15.37
C ALA B 23 27.49 7.98 -14.83
N TYR B 24 27.94 7.13 -15.74
CA TYR B 24 28.42 5.80 -15.37
C TYR B 24 29.92 5.67 -15.58
N GLY B 25 30.60 5.19 -14.56
CA GLY B 25 31.98 4.75 -14.70
C GLY B 25 32.00 3.43 -15.46
N GLN B 26 33.17 3.04 -15.95
CA GLN B 26 33.30 1.79 -16.69
C GLN B 26 32.82 0.59 -15.89
N ASN B 27 32.06 -0.28 -16.56
CA ASN B 27 31.57 -1.52 -15.96
C ASN B 27 32.69 -2.41 -15.43
N THR B 28 32.42 -3.08 -14.32
CA THR B 28 33.45 -3.80 -13.59
C THR B 28 33.55 -5.28 -14.03
N GLY B 29 32.57 -5.72 -14.82
CA GLY B 29 32.50 -7.11 -15.27
C GLY B 29 32.18 -8.07 -14.14
N ALA B 30 32.51 -9.35 -14.36
CA ALA B 30 32.24 -10.41 -13.39
C ALA B 30 32.82 -10.09 -12.01
N ALA B 31 32.05 -10.35 -10.97
CA ALA B 31 32.51 -10.18 -9.60
C ALA B 31 32.95 -11.53 -9.02
N ALA B 32 34.19 -11.60 -8.54
CA ALA B 32 34.71 -12.79 -7.88
C ALA B 32 33.95 -13.06 -6.57
N VAL B 33 33.82 -12.02 -5.75
CA VAL B 33 33.01 -12.07 -4.53
C VAL B 33 31.82 -11.11 -4.70
N PRO B 34 30.65 -11.66 -5.09
CA PRO B 34 29.46 -10.85 -5.33
C PRO B 34 29.01 -10.12 -4.07
N ALA B 35 28.38 -8.97 -4.27
CA ALA B 35 27.89 -8.12 -3.17
C ALA B 35 27.07 -8.87 -2.14
N ALA B 36 26.21 -9.78 -2.60
CA ALA B 36 25.35 -10.59 -1.73
C ALA B 36 26.17 -11.47 -0.77
N ASP B 37 27.34 -11.90 -1.24
CA ASP B 37 28.23 -12.76 -0.46
C ASP B 37 29.08 -12.00 0.57
N ILE B 38 29.01 -10.67 0.54
CA ILE B 38 29.80 -9.82 1.44
C ILE B 38 29.00 -9.45 2.69
N GLY B 39 29.66 -9.52 3.85
CA GLY B 39 29.00 -9.29 5.12
C GLY B 39 28.77 -7.82 5.44
N TRP B 40 27.68 -7.52 6.13
CA TRP B 40 27.43 -6.14 6.55
C TRP B 40 28.50 -5.65 7.54
N ARG B 41 29.08 -6.60 8.28
CA ARG B 41 30.24 -6.36 9.14
C ARG B 41 31.48 -5.96 8.30
N GLU B 42 31.50 -6.34 7.03
CA GLU B 42 32.58 -5.97 6.11
C GLU B 42 32.24 -4.69 5.32
N PHE B 43 30.97 -4.54 4.93
CA PHE B 43 30.49 -3.34 4.25
C PHE B 43 30.53 -2.10 5.15
N PHE B 44 29.88 -2.19 6.30
CA PHE B 44 29.82 -1.09 7.24
C PHE B 44 31.07 -1.09 8.12
N ARG B 45 31.81 0.02 8.10
CA ARG B 45 33.09 0.14 8.79
C ARG B 45 33.00 0.78 10.18
N ASP B 46 31.90 1.50 10.43
CA ASP B 46 31.62 2.11 11.73
C ASP B 46 31.23 1.00 12.68
N PRO B 47 31.99 0.82 13.77
CA PRO B 47 31.68 -0.23 14.76
C PRO B 47 30.40 0.02 15.54
N GLN B 48 30.03 1.29 15.72
CA GLN B 48 28.78 1.63 16.41
C GLN B 48 27.54 1.19 15.62
N LEU B 49 27.51 1.54 14.33
CA LEU B 49 26.44 1.09 13.43
C LEU B 49 26.34 -0.44 13.36
N GLN B 50 27.49 -1.11 13.31
CA GLN B 50 27.54 -2.58 13.31
C GLN B 50 26.82 -3.15 14.53
N GLN B 51 27.12 -2.60 15.70
CA GLN B 51 26.44 -3.00 16.92
C GLN B 51 24.94 -2.72 16.85
N LEU B 52 24.58 -1.51 16.41
CA LEU B 52 23.19 -1.12 16.24
C LEU B 52 22.40 -2.01 15.27
N ILE B 53 23.05 -2.45 14.20
CA ILE B 53 22.42 -3.38 13.25
C ILE B 53 22.18 -4.73 13.91
N GLY B 54 23.17 -5.19 14.69
CA GLY B 54 23.01 -6.40 15.49
C GLY B 54 21.85 -6.35 16.46
N VAL B 55 21.61 -5.17 17.03
CA VAL B 55 20.49 -4.95 17.95
C VAL B 55 19.14 -5.01 17.21
N ALA B 56 19.10 -4.44 16.01
CA ALA B 56 17.91 -4.45 15.16
C ALA B 56 17.53 -5.85 14.68
N LEU B 57 18.53 -6.64 14.32
CA LEU B 57 18.28 -8.01 13.87
C LEU B 57 17.59 -8.90 14.91
N GLU B 58 17.87 -8.67 16.18
CA GLU B 58 17.26 -9.46 17.25
C GLU B 58 15.94 -8.88 17.77
N ASN B 59 15.73 -7.57 17.59
CA ASN B 59 14.61 -6.88 18.24
C ASN B 59 13.53 -6.30 17.32
N ASN B 60 13.86 -5.97 16.08
CA ASN B 60 12.89 -5.38 15.16
C ASN B 60 11.71 -6.30 14.88
N ARG B 61 10.51 -5.79 15.11
CA ARG B 61 9.29 -6.62 15.05
C ARG B 61 8.85 -7.01 13.65
N ASP B 62 9.17 -6.18 12.65
CA ASP B 62 8.87 -6.50 11.24
C ASP B 62 9.63 -7.72 10.77
N LEU B 63 10.92 -7.76 11.09
CA LEU B 63 11.78 -8.90 10.74
C LEU B 63 11.38 -10.13 11.53
N ARG B 64 10.90 -9.93 12.76
CA ARG B 64 10.45 -11.02 13.61
C ARG B 64 9.21 -11.70 13.02
N VAL B 65 8.24 -10.89 12.57
CA VAL B 65 7.06 -11.41 11.86
C VAL B 65 7.45 -12.14 10.56
N ALA B 66 8.46 -11.63 9.87
CA ALA B 66 8.98 -12.28 8.68
C ALA B 66 9.58 -13.66 8.99
N ALA B 67 10.29 -13.77 10.11
CA ALA B 67 10.88 -15.04 10.57
C ALA B 67 9.81 -16.07 10.91
N LEU B 68 8.64 -15.57 11.33
CA LEU B 68 7.54 -16.42 11.76
C LEU B 68 6.68 -16.89 10.60
N ASN B 69 6.50 -16.04 9.58
CA ASN B 69 5.82 -16.44 8.34
C ASN B 69 6.44 -17.69 7.71
N VAL B 70 7.77 -17.77 7.73
CA VAL B 70 8.51 -18.94 7.25
C VAL B 70 8.04 -20.21 7.96
N GLU B 71 7.92 -20.12 9.29
CA GLU B 71 7.46 -21.23 10.12
C GLU B 71 5.99 -21.56 9.86
N ALA B 72 5.19 -20.55 9.56
CA ALA B 72 3.77 -20.72 9.26
C ALA B 72 3.56 -21.43 7.92
N PHE B 73 4.41 -21.12 6.94
CA PHE B 73 4.37 -21.77 5.63
C PHE B 73 4.98 -23.17 5.65
N ARG B 74 5.95 -23.38 6.54
CA ARG B 74 6.52 -24.70 6.78
C ARG B 74 5.50 -25.65 7.39
N ALA B 75 4.70 -25.12 8.32
CA ALA B 75 3.63 -25.88 8.97
C ALA B 75 2.52 -26.21 7.99
N GLN B 76 2.22 -25.26 7.11
CA GLN B 76 1.21 -25.48 6.07
C GLN B 76 1.66 -26.53 5.06
N TYR B 77 2.95 -26.51 4.72
CA TYR B 77 3.56 -27.58 3.92
C TYR B 77 3.40 -28.96 4.60
N ARG B 78 3.66 -29.01 5.91
CA ARG B 78 3.56 -30.23 6.71
C ARG B 78 2.13 -30.80 6.80
N ILE B 79 1.14 -29.93 6.69
CA ILE B 79 -0.26 -30.36 6.64
C ILE B 79 -0.56 -31.06 5.31
N GLN B 80 -0.16 -30.44 4.21
CA GLN B 80 -0.39 -30.97 2.87
C GLN B 80 0.42 -32.24 2.63
N ARG B 81 1.60 -32.32 3.26
CA ARG B 81 2.47 -33.50 3.19
C ARG B 81 1.82 -34.72 3.83
N ALA B 82 1.07 -34.48 4.91
CA ALA B 82 0.46 -35.54 5.71
C ALA B 82 -0.77 -36.15 5.06
N ASP B 83 -1.46 -35.36 4.23
CA ASP B 83 -2.71 -35.79 3.59
C ASP B 83 -2.52 -36.84 2.50
N LEU B 84 -1.27 -37.18 2.22
CA LEU B 84 -0.91 -38.30 1.34
C LEU B 84 -0.99 -39.64 2.07
N PHE B 85 -1.18 -39.57 3.38
CA PHE B 85 -1.24 -40.76 4.22
C PHE B 85 -2.66 -40.97 4.77
N PRO B 86 -3.04 -42.24 5.02
CA PRO B 86 -4.36 -42.52 5.58
C PRO B 86 -4.50 -42.02 7.02
N ARG B 87 -5.62 -41.37 7.30
CA ARG B 87 -5.93 -40.88 8.63
C ARG B 87 -6.60 -41.99 9.44
N ILE B 88 -5.89 -42.47 10.46
CA ILE B 88 -6.38 -43.59 11.26
C ILE B 88 -6.95 -43.10 12.59
N GLY B 89 -8.21 -43.46 12.84
CA GLY B 89 -8.89 -43.04 14.06
C GLY B 89 -9.88 -44.07 14.59
N VAL B 90 -10.50 -43.75 15.71
CA VAL B 90 -11.49 -44.62 16.34
C VAL B 90 -12.88 -44.04 16.15
N ASP B 91 -13.77 -44.83 15.56
CA ASP B 91 -15.14 -44.39 15.31
C ASP B 91 -16.16 -45.17 16.13
N GLY B 92 -16.86 -44.46 17.00
CA GLY B 92 -17.99 -45.00 17.75
C GLY B 92 -19.29 -44.63 17.06
N SER B 93 -20.16 -45.61 16.87
CA SER B 93 -21.42 -45.40 16.15
C SER B 93 -22.64 -45.94 16.89
N GLY B 94 -23.79 -45.35 16.58
CA GLY B 94 -25.08 -45.76 17.12
C GLY B 94 -26.18 -45.47 16.13
N THR B 95 -27.21 -46.32 16.12
CA THR B 95 -28.36 -46.16 15.22
C THR B 95 -29.58 -46.85 15.82
N ARG B 96 -30.54 -46.04 16.29
CA ARG B 96 -31.82 -46.56 16.76
C ARG B 96 -32.94 -45.93 15.93
N GLN B 97 -33.75 -46.76 15.30
CA GLN B 97 -34.76 -46.27 14.36
C GLN B 97 -36.08 -47.06 14.41
N ARG B 98 -37.18 -46.32 14.44
CA ARG B 98 -38.50 -46.91 14.23
C ARG B 98 -38.79 -46.94 12.73
N LEU B 99 -39.20 -48.12 12.25
CA LEU B 99 -39.59 -48.30 10.87
C LEU B 99 -41.00 -48.88 10.81
N PRO B 100 -41.85 -48.33 9.92
CA PRO B 100 -43.18 -48.90 9.69
C PRO B 100 -43.11 -50.32 9.11
N GLY B 101 -44.23 -51.05 9.15
CA GLY B 101 -44.30 -52.43 8.70
C GLY B 101 -43.90 -52.70 7.26
N ASP B 102 -44.18 -51.77 6.39
CA ASP B 102 -43.93 -51.95 4.98
C ASP B 102 -42.53 -51.58 4.57
N LEU B 103 -41.68 -51.25 5.48
CA LEU B 103 -40.32 -50.83 5.16
C LEU B 103 -39.37 -51.62 5.99
N SER B 104 -39.91 -52.40 6.91
CA SER B 104 -39.14 -53.07 7.95
C SER B 104 -38.95 -54.45 7.32
N THR B 105 -38.49 -55.43 8.10
CA THR B 105 -38.45 -56.75 7.51
C THR B 105 -39.45 -57.86 7.76
N THR B 106 -40.30 -57.53 8.70
CA THR B 106 -40.83 -58.35 9.78
C THR B 106 -42.26 -58.20 9.32
N GLY B 107 -42.47 -57.16 8.57
CA GLY B 107 -43.79 -56.80 8.03
C GLY B 107 -44.61 -55.98 9.00
N SER B 108 -44.11 -55.86 10.23
CA SER B 108 -44.77 -55.11 11.29
C SER B 108 -43.82 -54.06 11.88
N PRO B 109 -44.38 -52.93 12.39
CA PRO B 109 -43.59 -51.88 13.04
C PRO B 109 -42.55 -52.43 14.02
N ALA B 110 -41.33 -51.92 13.92
CA ALA B 110 -40.20 -52.42 14.70
C ALA B 110 -39.21 -51.31 15.06
N ILE B 111 -38.42 -51.55 16.09
CA ILE B 111 -37.30 -50.69 16.46
C ILE B 111 -36.01 -51.49 16.34
N SER B 112 -35.23 -51.18 15.30
CA SER B 112 -33.94 -51.83 15.07
C SER B 112 -32.80 -50.93 15.56
N SER B 113 -31.79 -51.55 16.14
CA SER B 113 -30.62 -50.82 16.64
C SER B 113 -29.31 -51.53 16.30
N GLN B 114 -28.27 -50.74 16.04
CA GLN B 114 -26.92 -51.27 15.91
C GLN B 114 -25.85 -50.32 16.45
N TYR B 115 -24.81 -50.89 17.04
CA TYR B 115 -23.73 -50.14 17.64
C TYR B 115 -22.39 -50.65 17.14
N GLY B 116 -21.44 -49.74 16.96
CA GLY B 116 -20.14 -50.10 16.44
C GLY B 116 -19.01 -49.28 17.02
N VAL B 117 -17.89 -49.94 17.31
CA VAL B 117 -16.66 -49.28 17.69
C VAL B 117 -15.56 -49.87 16.83
N THR B 118 -14.93 -49.02 16.02
CA THR B 118 -13.97 -49.51 15.01
C THR B 118 -12.72 -48.64 14.90
N LEU B 119 -11.69 -49.20 14.27
CA LEU B 119 -10.39 -48.52 14.08
C LEU B 119 -9.96 -48.61 12.63
N GLY B 120 -9.75 -47.45 12.00
CA GLY B 120 -9.32 -47.39 10.60
C GLY B 120 -9.47 -46.04 9.94
N THR B 121 -9.55 -46.04 8.61
CA THR B 121 -9.61 -44.80 7.82
C THR B 121 -10.99 -44.56 7.17
N THR B 122 -11.24 -43.30 6.81
CA THR B 122 -12.46 -42.89 6.11
C THR B 122 -12.09 -42.01 4.91
N ALA B 123 -12.46 -42.48 3.72
CA ALA B 123 -12.25 -41.76 2.45
C ALA B 123 -10.79 -41.32 2.21
N TRP B 124 -9.87 -42.28 2.30
CA TRP B 124 -8.47 -42.03 2.00
C TRP B 124 -8.24 -41.99 0.49
N GLU B 125 -7.73 -40.85 0.01
CA GLU B 125 -7.47 -40.65 -1.41
C GLU B 125 -6.10 -41.22 -1.81
N LEU B 126 -6.14 -42.34 -2.53
CA LEU B 126 -4.93 -42.94 -3.08
C LEU B 126 -4.40 -42.08 -4.22
N ASP B 127 -3.24 -41.46 -3.98
CA ASP B 127 -2.68 -40.50 -4.91
C ASP B 127 -1.97 -41.17 -6.08
N LEU B 128 -2.77 -41.71 -7.00
CA LEU B 128 -2.24 -42.44 -8.16
C LEU B 128 -1.76 -41.48 -9.24
N PHE B 129 -2.49 -40.39 -9.43
CA PHE B 129 -2.20 -39.44 -10.51
C PHE B 129 -1.49 -38.16 -10.04
N GLY B 130 -1.15 -38.13 -8.76
CA GLY B 130 -0.31 -37.08 -8.20
C GLY B 130 -1.00 -35.76 -7.96
N ARG B 131 -2.31 -35.81 -7.68
CA ARG B 131 -3.09 -34.61 -7.37
C ARG B 131 -2.67 -34.00 -6.04
N LEU B 132 -2.51 -34.86 -5.03
CA LEU B 132 -2.10 -34.41 -3.69
C LEU B 132 -0.61 -34.12 -3.61
N ARG B 133 0.18 -34.87 -4.38
CA ARG B 133 1.62 -34.61 -4.50
C ARG B 133 1.91 -33.24 -5.11
N SER B 134 1.13 -32.87 -6.12
CA SER B 134 1.23 -31.56 -6.76
C SER B 134 0.93 -30.43 -5.79
N LEU B 135 -0.08 -30.62 -4.94
CA LEU B 135 -0.49 -29.62 -3.95
C LEU B 135 0.52 -29.52 -2.81
N ARG B 136 1.27 -30.60 -2.57
CA ARG B 136 2.34 -30.59 -1.59
C ARG B 136 3.56 -29.86 -2.16
N ASP B 137 3.88 -30.10 -3.42
CA ASP B 137 4.98 -29.42 -4.11
C ASP B 137 4.76 -27.91 -4.24
N GLN B 138 3.49 -27.52 -4.44
CA GLN B 138 3.10 -26.12 -4.44
C GLN B 138 3.34 -25.50 -3.06
N ALA B 139 3.00 -26.25 -2.01
CA ALA B 139 3.16 -25.82 -0.62
C ALA B 139 4.61 -25.70 -0.18
N LEU B 140 5.45 -26.63 -0.63
CA LEU B 140 6.89 -26.61 -0.34
C LEU B 140 7.56 -25.41 -0.99
N GLU B 141 7.15 -25.14 -2.23
CA GLU B 141 7.67 -24.02 -2.99
C GLU B 141 7.29 -22.66 -2.38
N GLN B 142 6.04 -22.54 -1.93
CA GLN B 142 5.58 -21.34 -1.21
C GLN B 142 6.37 -21.11 0.08
N TYR B 143 6.65 -22.20 0.79
CA TYR B 143 7.55 -22.16 1.94
C TYR B 143 8.96 -21.63 1.59
N LEU B 144 9.48 -22.10 0.45
CA LEU B 144 10.81 -21.71 -0.03
C LEU B 144 10.87 -20.24 -0.43
N ALA B 145 9.75 -19.73 -0.95
CA ALA B 145 9.61 -18.32 -1.29
C ALA B 145 9.62 -17.47 -0.02
N THR B 146 8.87 -17.92 0.98
CA THR B 146 8.73 -17.25 2.27
C THR B 146 10.07 -17.14 3.00
N GLU B 147 10.93 -18.14 2.80
CA GLU B 147 12.29 -18.14 3.32
C GLU B 147 13.12 -17.05 2.67
N GLN B 148 13.00 -16.94 1.34
CA GLN B 148 13.67 -15.88 0.59
C GLN B 148 13.17 -14.49 0.97
N ALA B 149 11.86 -14.39 1.18
CA ALA B 149 11.24 -13.14 1.62
C ALA B 149 11.75 -12.65 2.97
N GLN B 150 12.13 -13.58 3.85
CA GLN B 150 12.79 -13.22 5.12
C GLN B 150 14.16 -12.60 4.90
N ARG B 151 14.89 -13.13 3.94
CA ARG B 151 16.22 -12.59 3.58
C ARG B 151 16.09 -11.21 2.96
N SER B 152 15.06 -11.01 2.15
CA SER B 152 14.77 -9.72 1.55
C SER B 152 14.34 -8.69 2.61
N ALA B 153 13.55 -9.14 3.58
CA ALA B 153 13.13 -8.29 4.70
C ALA B 153 14.32 -7.83 5.53
N GLN B 154 15.31 -8.70 5.67
CA GLN B 154 16.55 -8.35 6.39
C GLN B 154 17.40 -7.33 5.62
N THR B 155 17.52 -7.51 4.31
CA THR B 155 18.30 -6.59 3.48
C THR B 155 17.69 -5.19 3.49
N THR B 156 16.37 -5.13 3.54
CA THR B 156 15.63 -3.88 3.73
C THR B 156 15.95 -3.25 5.10
N LEU B 157 15.81 -4.04 6.17
CA LEU B 157 16.01 -3.51 7.53
C LEU B 157 17.43 -2.95 7.72
N VAL B 158 18.43 -3.71 7.30
CA VAL B 158 19.83 -3.30 7.37
C VAL B 158 20.03 -1.93 6.72
N ALA B 159 19.51 -1.78 5.50
CA ALA B 159 19.52 -0.50 4.78
C ALA B 159 18.79 0.61 5.55
N SER B 160 17.67 0.27 6.19
CA SER B 160 16.88 1.25 6.96
C SER B 160 17.60 1.75 8.20
N VAL B 161 18.24 0.85 8.94
CA VAL B 161 19.03 1.20 10.11
C VAL B 161 20.22 2.09 9.70
N ALA B 162 20.92 1.69 8.63
CA ALA B 162 22.07 2.45 8.14
C ALA B 162 21.67 3.86 7.74
N THR B 163 20.58 3.98 6.98
CA THR B 163 20.06 5.27 6.52
C THR B 163 19.61 6.15 7.69
N ALA B 164 18.91 5.57 8.65
CA ALA B 164 18.43 6.31 9.83
C ALA B 164 19.58 6.79 10.72
N TYR B 165 20.65 6.01 10.79
CA TYR B 165 21.84 6.37 11.55
C TYR B 165 22.65 7.45 10.82
N LEU B 166 22.80 7.30 9.50
CA LEU B 166 23.51 8.29 8.70
C LEU B 166 22.75 9.62 8.60
N THR B 167 21.42 9.54 8.55
CA THR B 167 20.55 10.74 8.57
C THR B 167 20.69 11.52 9.87
N LEU B 168 20.66 10.80 11.00
CA LEU B 168 20.84 11.38 12.32
C LEU B 168 22.20 12.06 12.44
N LYS B 169 23.22 11.38 11.92
CA LYS B 169 24.60 11.83 11.97
C LYS B 169 24.79 13.16 11.23
N ALA B 170 24.13 13.27 10.07
CA ALA B 170 24.20 14.47 9.22
C ALA B 170 23.49 15.65 9.85
N ASP B 171 22.28 15.43 10.36
CA ASP B 171 21.52 16.48 11.01
C ASP B 171 22.16 16.97 12.31
N GLN B 172 22.86 16.07 13.01
CA GLN B 172 23.72 16.46 14.14
C GLN B 172 24.84 17.41 13.68
N ALA B 173 25.45 17.10 12.53
CA ALA B 173 26.51 17.93 11.95
C ALA B 173 25.96 19.25 11.45
N GLN B 174 24.72 19.24 10.97
CA GLN B 174 24.00 20.45 10.59
C GLN B 174 23.77 21.33 11.82
N LEU B 175 23.30 20.70 12.90
CA LEU B 175 23.02 21.39 14.16
C LEU B 175 24.25 22.13 14.71
N GLN B 176 25.39 21.44 14.74
CA GLN B 176 26.63 22.02 15.24
C GLN B 176 27.14 23.15 14.36
N LEU B 177 27.03 22.98 13.04
CA LEU B 177 27.42 24.00 12.08
C LEU B 177 26.58 25.26 12.26
N THR B 178 25.29 25.07 12.53
CA THR B 178 24.38 26.18 12.79
C THR B 178 24.70 26.89 14.10
N LYS B 179 25.08 26.12 15.13
CA LYS B 179 25.49 26.70 16.41
C LYS B 179 26.72 27.59 16.27
N ASP B 180 27.70 27.12 15.51
CA ASP B 180 28.94 27.86 15.27
C ASP B 180 28.70 29.08 14.41
N THR B 181 27.88 28.92 13.37
CA THR B 181 27.55 30.01 12.46
C THR B 181 26.82 31.15 13.17
N LEU B 182 25.87 30.81 14.04
CA LEU B 182 25.17 31.80 14.85
C LEU B 182 26.15 32.57 15.75
N GLY B 183 27.13 31.87 16.29
CA GLY B 183 28.16 32.47 17.14
C GLY B 183 28.93 33.56 16.42
N THR B 184 29.41 33.26 15.22
CA THR B 184 30.14 34.22 14.39
C THR B 184 29.24 35.36 13.90
N TYR B 185 27.95 35.08 13.74
CA TYR B 185 26.98 36.10 13.32
C TYR B 185 26.70 37.09 14.45
N GLN B 186 26.66 36.56 15.67
CA GLN B 186 26.42 37.35 16.88
C GLN B 186 27.59 38.31 17.16
N LYS B 187 28.81 37.81 17.01
CA LYS B 187 30.02 38.62 17.16
C LYS B 187 30.05 39.75 16.13
N SER B 188 29.93 39.38 14.85
CA SER B 188 29.89 40.34 13.76
C SER B 188 28.87 41.46 14.00
N PHE B 189 27.65 41.09 14.41
CA PHE B 189 26.61 42.06 14.72
C PHE B 189 27.04 43.03 15.83
N ASP B 190 27.70 42.51 16.86
CA ASP B 190 28.15 43.33 17.99
C ASP B 190 29.27 44.30 17.61
N LEU B 191 30.13 43.86 16.69
CA LEU B 191 31.17 44.72 16.11
C LEU B 191 30.56 45.86 15.30
N THR B 192 29.44 45.58 14.63
CA THR B 192 28.73 46.57 13.83
C THR B 192 27.98 47.57 14.73
N GLN B 193 27.40 47.05 15.81
CA GLN B 193 26.72 47.86 16.82
C GLN B 193 27.66 48.93 17.41
N ARG B 194 28.87 48.51 17.76
CA ARG B 194 29.89 49.41 18.27
C ARG B 194 30.30 50.44 17.20
N SER B 195 30.48 49.96 15.97
CA SER B 195 30.88 50.80 14.84
C SER B 195 29.82 51.83 14.47
N TYR B 196 28.55 51.45 14.60
CA TYR B 196 27.42 52.36 14.41
C TYR B 196 27.40 53.43 15.50
N ASP B 197 27.74 53.01 16.72
CA ASP B 197 27.76 53.90 17.89
C ASP B 197 28.81 55.01 17.81
N VAL B 198 29.82 54.85 16.96
CA VAL B 198 30.81 55.91 16.73
C VAL B 198 30.55 56.71 15.46
N GLY B 199 29.63 56.21 14.63
CA GLY B 199 29.21 56.92 13.41
C GLY B 199 29.88 56.44 12.14
N VAL B 200 30.48 55.26 12.18
CA VAL B 200 31.12 54.66 11.01
C VAL B 200 30.15 53.76 10.25
N ALA B 201 29.60 52.75 10.93
CA ALA B 201 28.57 51.88 10.35
C ALA B 201 27.22 52.58 10.30
N SER B 202 26.48 52.33 9.21
CA SER B 202 25.15 52.91 9.02
C SER B 202 24.06 52.06 9.67
N ALA B 203 22.87 52.65 9.85
CA ALA B 203 21.71 51.93 10.37
C ALA B 203 21.33 50.74 9.49
N LEU B 204 21.53 50.89 8.18
CA LEU B 204 21.30 49.81 7.21
C LEU B 204 22.22 48.63 7.46
N ASP B 205 23.51 48.91 7.66
CA ASP B 205 24.50 47.86 7.98
C ASP B 205 24.06 47.02 9.18
N LEU B 206 23.55 47.71 10.21
CA LEU B 206 23.18 47.09 11.47
C LEU B 206 21.99 46.14 11.33
N ARG B 207 20.99 46.56 10.58
CA ARG B 207 19.80 45.76 10.36
C ARG B 207 20.03 44.60 9.38
N GLN B 208 21.02 44.76 8.50
CA GLN B 208 21.48 43.68 7.62
C GLN B 208 22.13 42.56 8.45
N ALA B 209 22.99 42.96 9.38
CA ALA B 209 23.62 42.05 10.33
C ALA B 209 22.61 41.33 11.21
N GLN B 210 21.52 42.02 11.54
CA GLN B 210 20.45 41.47 12.38
C GLN B 210 19.68 40.34 11.69
N THR B 211 19.33 40.53 10.42
CA THR B 211 18.60 39.53 9.63
C THR B 211 19.38 38.23 9.52
N ALA B 212 20.71 38.36 9.48
CA ALA B 212 21.61 37.21 9.45
C ALA B 212 21.52 36.39 10.74
N VAL B 213 21.45 37.08 11.88
CA VAL B 213 21.40 36.44 13.21
C VAL B 213 20.07 35.71 13.43
N GLU B 214 18.95 36.40 13.18
CA GLU B 214 17.62 35.85 13.41
C GLU B 214 17.29 34.69 12.48
N GLY B 215 17.88 34.71 11.29
CA GLY B 215 17.73 33.62 10.32
C GLY B 215 18.43 32.34 10.77
N ALA B 216 19.60 32.50 11.38
CA ALA B 216 20.34 31.36 11.93
C ALA B 216 19.66 30.83 13.19
N ARG B 217 19.01 31.74 13.92
CA ARG B 217 18.26 31.44 15.13
C ARG B 217 17.10 30.49 14.83
N ALA B 218 16.43 30.71 13.70
CA ALA B 218 15.33 29.85 13.25
C ALA B 218 15.81 28.51 12.68
N THR B 219 17.00 28.52 12.08
CA THR B 219 17.59 27.30 11.55
C THR B 219 18.04 26.38 12.70
N LEU B 220 18.46 27.00 13.79
CA LEU B 220 18.92 26.27 14.96
C LEU B 220 17.79 25.46 15.58
N ALA B 221 16.63 26.07 15.75
CA ALA B 221 15.46 25.39 16.33
C ALA B 221 14.89 24.30 15.43
N GLN B 222 15.07 24.45 14.12
CA GLN B 222 14.65 23.43 13.17
C GLN B 222 15.51 22.18 13.26
N TYR B 223 16.83 22.37 13.23
CA TYR B 223 17.76 21.24 13.33
C TYR B 223 17.77 20.60 14.72
N THR B 224 17.40 21.36 15.74
CA THR B 224 17.22 20.81 17.08
C THR B 224 16.04 19.83 17.08
N ARG B 225 14.95 20.19 16.40
CA ARG B 225 13.81 19.30 16.22
C ARG B 225 14.14 18.09 15.34
N LEU B 226 14.76 18.34 14.19
CA LEU B 226 15.10 17.26 13.25
C LEU B 226 15.98 16.17 13.86
N VAL B 227 16.95 16.58 14.67
CA VAL B 227 17.86 15.64 15.35
C VAL B 227 17.09 14.69 16.26
N ALA B 228 16.18 15.26 17.05
CA ALA B 228 15.38 14.49 18.00
C ALA B 228 14.45 13.49 17.29
N GLN B 229 13.86 13.94 16.19
CA GLN B 229 12.96 13.12 15.39
C GLN B 229 13.73 12.04 14.61
N ASP B 230 14.99 12.30 14.32
CA ASP B 230 15.86 11.31 13.67
C ASP B 230 16.22 10.18 14.63
N GLN B 231 16.32 10.49 15.92
CA GLN B 231 16.59 9.50 16.96
C GLN B 231 15.39 8.60 17.22
N ASN B 232 14.20 9.19 17.24
CA ASN B 232 12.96 8.44 17.42
C ASN B 232 12.76 7.39 16.33
N ALA B 233 13.04 7.79 15.09
CA ALA B 233 12.93 6.93 13.92
C ALA B 233 13.92 5.76 13.96
N LEU B 234 15.12 6.01 14.46
CA LEU B 234 16.14 4.95 14.63
C LEU B 234 15.76 3.95 15.71
N VAL B 235 15.21 4.46 16.83
CA VAL B 235 14.79 3.61 17.96
C VAL B 235 13.64 2.68 17.57
N LEU B 236 12.72 3.17 16.74
CA LEU B 236 11.64 2.35 16.20
C LEU B 236 12.20 1.18 15.38
N LEU B 237 13.23 1.45 14.57
CA LEU B 237 13.85 0.45 13.71
C LEU B 237 14.65 -0.58 14.51
N LEU B 238 15.28 -0.13 15.59
CA LEU B 238 16.05 -1.00 16.48
C LEU B 238 15.18 -2.03 17.18
N GLY B 239 13.98 -1.62 17.60
CA GLY B 239 13.06 -2.49 18.34
C GLY B 239 13.30 -2.39 19.83
N SER B 240 14.17 -1.48 20.21
CA SER B 240 14.45 -1.16 21.62
C SER B 240 15.21 0.18 21.68
N GLY B 241 15.58 0.57 22.90
CA GLY B 241 16.35 1.80 23.10
C GLY B 241 17.79 1.67 22.65
N ILE B 242 18.45 2.81 22.52
CA ILE B 242 19.86 2.86 22.14
C ILE B 242 20.71 2.29 23.28
N PRO B 243 21.61 1.33 22.98
CA PRO B 243 22.45 0.66 23.98
C PRO B 243 23.43 1.59 24.69
N ALA B 244 23.78 1.23 25.93
CA ALA B 244 24.57 2.09 26.81
C ALA B 244 26.10 1.99 26.66
N ASN B 245 26.59 0.90 26.08
CA ASN B 245 28.05 0.71 25.97
C ASN B 245 28.57 0.65 24.54
N LEU B 246 27.99 1.48 23.67
CA LEU B 246 28.35 1.53 22.26
C LEU B 246 29.78 2.05 22.03
N PRO B 247 30.49 1.45 21.06
CA PRO B 247 31.82 1.92 20.69
C PRO B 247 31.77 3.29 20.02
N GLN B 248 32.93 3.91 19.86
CA GLN B 248 33.04 5.23 19.24
C GLN B 248 32.68 5.16 17.75
N GLY B 249 31.78 6.04 17.33
CA GLY B 249 31.38 6.14 15.92
C GLY B 249 32.39 6.88 15.08
N LEU B 250 32.20 6.84 13.76
CA LEU B 250 33.06 7.57 12.81
C LEU B 250 32.35 8.80 12.25
N GLY B 251 33.14 9.81 11.91
CA GLY B 251 32.62 11.04 11.32
C GLY B 251 32.26 10.90 9.86
N LEU B 252 31.47 11.84 9.36
CA LEU B 252 31.01 11.84 7.96
C LEU B 252 32.10 12.21 6.94
N ASP B 253 33.21 12.76 7.43
CA ASP B 253 34.33 13.11 6.55
C ASP B 253 35.30 11.95 6.37
N GLN B 254 35.08 10.87 7.13
CA GLN B 254 35.92 9.68 7.09
C GLN B 254 35.33 8.61 6.17
N THR B 255 36.16 7.66 5.75
CA THR B 255 35.72 6.54 4.92
C THR B 255 34.77 5.66 5.74
N LEU B 256 33.53 5.54 5.28
CA LEU B 256 32.48 4.89 6.06
C LEU B 256 32.04 3.54 5.52
N LEU B 257 32.07 3.39 4.20
CA LEU B 257 31.55 2.21 3.54
C LEU B 257 32.61 1.56 2.64
N THR B 258 32.62 0.23 2.62
CA THR B 258 33.50 -0.51 1.71
C THR B 258 32.76 -0.74 0.39
N GLU B 259 32.81 0.28 -0.47
CA GLU B 259 32.15 0.31 -1.77
C GLU B 259 32.13 -1.05 -2.47
N VAL B 260 30.94 -1.51 -2.84
CA VAL B 260 30.73 -2.88 -3.29
C VAL B 260 30.77 -3.03 -4.82
N PRO B 261 31.49 -4.05 -5.33
CA PRO B 261 31.56 -4.27 -6.79
C PRO B 261 30.22 -4.73 -7.38
N ALA B 262 29.89 -4.18 -8.55
CA ALA B 262 28.56 -4.33 -9.15
C ALA B 262 28.28 -5.70 -9.73
N GLY B 263 29.30 -6.31 -10.33
CA GLY B 263 29.14 -7.58 -11.01
C GLY B 263 28.35 -7.46 -12.29
N LEU B 264 27.83 -8.60 -12.76
CA LEU B 264 27.04 -8.64 -13.98
C LEU B 264 25.55 -8.80 -13.64
N PRO B 265 24.66 -8.21 -14.46
CA PRO B 265 23.21 -8.30 -14.28
C PRO B 265 22.68 -9.70 -13.96
N SER B 266 23.36 -10.72 -14.48
CA SER B 266 22.96 -12.13 -14.30
C SER B 266 23.12 -12.64 -12.87
N ASP B 267 23.99 -11.99 -12.09
CA ASP B 267 24.18 -12.31 -10.67
C ASP B 267 22.91 -12.12 -9.86
N LEU B 268 22.04 -11.23 -10.31
CA LEU B 268 20.79 -10.93 -9.61
C LEU B 268 19.86 -12.14 -9.56
N LEU B 269 19.84 -12.91 -10.64
CA LEU B 269 18.96 -14.09 -10.76
C LEU B 269 19.34 -15.20 -9.78
N GLN B 270 20.58 -15.20 -9.32
CA GLN B 270 21.08 -16.24 -8.43
C GLN B 270 21.11 -15.82 -6.97
N ARG B 271 21.18 -14.51 -6.71
CA ARG B 271 21.59 -14.02 -5.40
C ARG B 271 20.67 -13.00 -4.70
N ARG B 272 19.87 -12.28 -5.48
CA ARG B 272 18.95 -11.29 -4.92
C ARG B 272 17.67 -11.97 -4.43
N PRO B 273 17.42 -11.93 -3.10
CA PRO B 273 16.27 -12.61 -2.46
C PRO B 273 14.91 -12.26 -3.07
N ASP B 274 14.77 -11.05 -3.60
CA ASP B 274 13.54 -10.59 -4.24
C ASP B 274 13.20 -11.41 -5.47
N ILE B 275 14.21 -11.67 -6.30
CA ILE B 275 14.05 -12.39 -7.57
C ILE B 275 13.84 -13.87 -7.32
N LEU B 276 14.65 -14.44 -6.42
CA LEU B 276 14.55 -15.85 -6.04
C LEU B 276 13.21 -16.17 -5.42
N GLU B 277 12.64 -15.20 -4.71
CA GLU B 277 11.30 -15.32 -4.12
C GLU B 277 10.22 -15.50 -5.19
N ALA B 278 10.24 -14.65 -6.22
CA ALA B 278 9.28 -14.70 -7.32
C ALA B 278 9.45 -15.93 -8.22
N GLU B 279 10.66 -16.50 -8.24
CA GLU B 279 10.91 -17.74 -8.95
C GLU B 279 10.22 -18.93 -8.26
N HIS B 280 10.38 -19.02 -6.93
CA HIS B 280 9.72 -20.07 -6.16
C HIS B 280 8.18 -19.99 -6.26
N GLN B 281 7.64 -18.78 -6.32
CA GLN B 281 6.21 -18.58 -6.55
C GLN B 281 5.80 -19.08 -7.94
N LEU B 282 6.67 -18.89 -8.92
CA LEU B 282 6.46 -19.40 -10.27
C LEU B 282 6.45 -20.92 -10.29
N MET B 283 7.42 -21.52 -9.60
CA MET B 283 7.53 -22.97 -9.48
C MET B 283 6.36 -23.56 -8.68
N ALA B 284 5.79 -22.76 -7.78
CA ALA B 284 4.60 -23.13 -7.01
C ALA B 284 3.35 -23.14 -7.89
N ALA B 285 3.24 -22.17 -8.79
CA ALA B 285 2.14 -22.10 -9.74
C ALA B 285 2.22 -23.25 -10.75
N ASN B 286 3.43 -23.53 -11.23
CA ASN B 286 3.68 -24.68 -12.10
C ASN B 286 3.12 -25.99 -11.52
N ALA B 287 3.31 -26.17 -10.20
CA ALA B 287 2.85 -27.35 -9.49
C ALA B 287 1.32 -27.46 -9.37
N SER B 288 0.63 -26.32 -9.32
CA SER B 288 -0.85 -26.30 -9.29
C SER B 288 -1.50 -26.81 -10.59
N ILE B 289 -0.75 -26.77 -11.69
CA ILE B 289 -1.21 -27.31 -12.97
C ILE B 289 -1.28 -28.84 -12.90
N GLY B 290 -0.35 -29.44 -12.15
CA GLY B 290 -0.36 -30.89 -11.92
C GLY B 290 -1.58 -31.40 -11.17
N ALA B 291 -2.12 -30.56 -10.28
CA ALA B 291 -3.32 -30.90 -9.52
C ALA B 291 -4.61 -30.63 -10.30
N ALA B 292 -4.53 -29.71 -11.26
CA ALA B 292 -5.65 -29.40 -12.13
C ALA B 292 -5.80 -30.45 -13.26
N ARG B 293 -4.68 -30.88 -13.83
CA ARG B 293 -4.66 -31.96 -14.82
C ARG B 293 -5.16 -33.27 -14.22
N ALA B 294 -4.72 -33.57 -12.99
CA ALA B 294 -5.05 -34.81 -12.30
C ALA B 294 -6.54 -35.00 -12.06
N ALA B 295 -7.29 -33.90 -12.07
CA ALA B 295 -8.74 -33.93 -11.91
C ALA B 295 -9.47 -34.57 -13.09
N PHE B 296 -8.81 -34.61 -14.25
CA PHE B 296 -9.36 -35.28 -15.43
C PHE B 296 -9.25 -36.80 -15.35
N PHE B 297 -8.33 -37.27 -14.51
CA PHE B 297 -8.04 -38.68 -14.36
C PHE B 297 -8.83 -39.32 -13.21
N PRO B 298 -8.96 -40.66 -13.20
CA PRO B 298 -9.74 -41.38 -12.17
C PRO B 298 -9.31 -41.06 -10.73
N SER B 299 -10.30 -40.86 -9.86
CA SER B 299 -10.07 -40.59 -8.45
C SER B 299 -10.29 -41.87 -7.65
N ILE B 300 -9.29 -42.28 -6.87
CA ILE B 300 -9.36 -43.52 -6.11
C ILE B 300 -9.46 -43.26 -4.60
N SER B 301 -10.50 -43.83 -3.99
CA SER B 301 -10.79 -43.64 -2.57
C SER B 301 -10.94 -44.99 -1.86
N LEU B 302 -10.71 -44.99 -0.55
CA LEU B 302 -10.84 -46.19 0.26
C LEU B 302 -11.32 -45.88 1.67
N THR B 303 -12.35 -46.61 2.10
CA THR B 303 -12.78 -46.64 3.49
C THR B 303 -12.56 -48.06 4.02
N ALA B 304 -11.71 -48.18 5.04
CA ALA B 304 -11.34 -49.48 5.58
C ALA B 304 -11.16 -49.43 7.09
N ASN B 305 -11.83 -50.35 7.79
CA ASN B 305 -11.74 -50.43 9.25
C ASN B 305 -11.87 -51.85 9.79
N ALA B 306 -11.69 -51.99 11.11
CA ALA B 306 -11.86 -53.26 11.81
C ALA B 306 -12.23 -52.99 13.27
N GLY B 307 -13.09 -53.84 13.83
CA GLY B 307 -13.47 -53.71 15.23
C GLY B 307 -14.62 -54.61 15.66
N THR B 308 -15.64 -54.00 16.27
CA THR B 308 -16.75 -54.74 16.86
C THR B 308 -18.09 -54.08 16.59
N MET B 309 -19.10 -54.91 16.34
CA MET B 309 -20.46 -54.43 16.13
C MET B 309 -21.49 -55.31 16.86
N SER B 310 -22.59 -54.70 17.29
CA SER B 310 -23.63 -55.41 18.02
C SER B 310 -24.98 -54.71 17.93
N ARG B 311 -26.05 -55.48 18.09
CA ARG B 311 -27.42 -54.95 18.17
C ARG B 311 -27.64 -54.21 19.49
N GLN B 312 -26.82 -54.52 20.48
CA GLN B 312 -26.91 -53.92 21.81
C GLN B 312 -25.55 -53.36 22.25
N LEU B 313 -25.59 -52.23 22.94
CA LEU B 313 -24.39 -51.54 23.42
C LEU B 313 -23.57 -52.40 24.39
N SER B 314 -24.27 -53.31 25.06
CA SER B 314 -23.67 -54.25 26.01
C SER B 314 -22.84 -55.35 25.33
N GLY B 315 -23.14 -55.62 24.06
CA GLY B 315 -22.50 -56.71 23.34
C GLY B 315 -21.37 -56.31 22.42
N LEU B 316 -20.83 -55.11 22.63
CA LEU B 316 -19.84 -54.53 21.73
C LEU B 316 -18.50 -55.27 21.66
N PHE B 317 -17.79 -55.39 22.79
CA PHE B 317 -16.45 -55.98 22.79
C PHE B 317 -16.42 -57.47 23.16
N ASP B 318 -17.57 -58.14 23.02
CA ASP B 318 -17.72 -59.55 23.40
C ASP B 318 -17.11 -60.48 22.33
N ALA B 319 -16.91 -61.74 22.71
CA ALA B 319 -16.39 -62.76 21.80
C ALA B 319 -17.36 -63.02 20.65
N GLY B 320 -16.83 -63.04 19.43
CA GLY B 320 -17.63 -63.28 18.23
C GLY B 320 -18.41 -62.06 17.74
N SER B 321 -18.07 -60.88 18.27
CA SER B 321 -18.69 -59.64 17.83
C SER B 321 -17.80 -58.88 16.83
N GLY B 322 -16.78 -59.56 16.29
CA GLY B 322 -15.83 -58.97 15.35
C GLY B 322 -16.41 -58.56 14.02
N SER B 323 -15.90 -57.46 13.47
CA SER B 323 -16.35 -56.93 12.18
C SER B 323 -15.24 -56.15 11.46
N TRP B 324 -15.33 -56.08 10.14
CA TRP B 324 -14.44 -55.26 9.32
C TRP B 324 -15.20 -54.66 8.14
N LEU B 325 -14.58 -53.69 7.47
CA LEU B 325 -15.16 -53.10 6.26
C LEU B 325 -14.06 -52.78 5.24
N PHE B 326 -14.35 -53.07 3.97
CA PHE B 326 -13.47 -52.70 2.87
C PHE B 326 -14.34 -52.11 1.76
N GLN B 327 -14.19 -50.81 1.54
CA GLN B 327 -15.09 -50.05 0.68
C GLN B 327 -14.35 -49.11 -0.27
N PRO B 328 -13.64 -49.67 -1.28
CA PRO B 328 -12.93 -48.83 -2.25
C PRO B 328 -13.87 -48.18 -3.26
N SER B 329 -13.44 -47.05 -3.82
CA SER B 329 -14.24 -46.28 -4.79
C SER B 329 -13.37 -45.67 -5.86
N ILE B 330 -13.88 -45.67 -7.09
CA ILE B 330 -13.20 -45.00 -8.21
C ILE B 330 -14.20 -44.17 -9.01
N ASN B 331 -13.83 -42.92 -9.28
CA ASN B 331 -14.67 -42.02 -10.06
C ASN B 331 -13.89 -41.36 -11.20
N LEU B 332 -14.39 -41.54 -12.41
CA LEU B 332 -13.82 -40.91 -13.60
C LEU B 332 -14.86 -39.95 -14.20
N PRO B 333 -14.58 -38.64 -14.13
CA PRO B 333 -15.48 -37.63 -14.70
C PRO B 333 -15.65 -37.75 -16.22
N ILE B 334 -16.89 -37.64 -16.68
CA ILE B 334 -17.20 -37.70 -18.11
C ILE B 334 -17.72 -36.35 -18.58
N PHE B 335 -18.79 -35.85 -17.99
CA PHE B 335 -19.33 -34.54 -18.30
C PHE B 335 -19.37 -33.53 -17.16
N THR B 336 -18.64 -32.45 -17.29
CA THR B 336 -18.65 -31.41 -16.30
C THR B 336 -19.16 -30.06 -16.75
N ALA B 337 -19.67 -29.89 -17.94
CA ALA B 337 -20.13 -28.55 -18.29
C ALA B 337 -18.97 -27.58 -18.49
N GLY B 338 -17.78 -28.12 -18.65
CA GLY B 338 -16.59 -27.32 -18.79
C GLY B 338 -15.88 -26.86 -17.54
N SER B 339 -16.29 -27.37 -16.39
CA SER B 339 -15.69 -27.05 -15.10
C SER B 339 -14.20 -27.38 -15.01
N LEU B 340 -13.84 -28.59 -15.36
CA LEU B 340 -12.48 -29.08 -15.15
C LEU B 340 -11.43 -28.35 -15.97
N ARG B 341 -11.76 -28.05 -17.23
CA ARG B 341 -10.83 -27.35 -18.12
C ARG B 341 -10.69 -25.88 -17.77
N ALA B 342 -11.75 -25.30 -17.21
CA ALA B 342 -11.71 -23.91 -16.72
C ALA B 342 -10.80 -23.80 -15.48
N SER B 343 -10.85 -24.81 -14.63
CA SER B 343 -9.93 -24.91 -13.50
C SER B 343 -8.48 -25.04 -13.97
N LEU B 344 -8.27 -25.81 -15.04
CA LEU B 344 -6.95 -25.99 -15.64
C LEU B 344 -6.45 -24.72 -16.33
N ASP B 345 -7.35 -24.06 -17.06
CA ASP B 345 -7.06 -22.75 -17.66
C ASP B 345 -6.62 -21.76 -16.59
N TYR B 346 -7.35 -21.71 -15.48
CA TYR B 346 -7.04 -20.86 -14.33
C TYR B 346 -5.63 -21.12 -13.79
N ALA B 347 -5.31 -22.41 -13.61
CA ALA B 347 -3.97 -22.86 -13.22
C ALA B 347 -2.89 -22.38 -14.20
N LYS B 348 -3.18 -22.45 -15.50
CA LYS B 348 -2.23 -22.05 -16.53
C LYS B 348 -2.08 -20.52 -16.61
N ILE B 349 -3.16 -19.81 -16.32
CA ILE B 349 -3.14 -18.35 -16.25
C ILE B 349 -2.28 -17.85 -15.07
N GLN B 350 -2.41 -18.51 -13.92
CA GLN B 350 -1.64 -18.16 -12.73
C GLN B 350 -0.12 -18.28 -12.93
N LYS B 351 0.29 -19.30 -13.68
CA LYS B 351 1.71 -19.49 -13.99
C LYS B 351 2.22 -18.34 -14.88
N ASP B 352 1.39 -17.92 -15.82
CA ASP B 352 1.69 -16.78 -16.68
C ASP B 352 1.77 -15.46 -15.89
N ILE B 353 0.85 -15.29 -14.94
CA ILE B 353 0.92 -14.17 -14.00
C ILE B 353 2.26 -14.18 -13.26
N ASN B 354 2.65 -15.34 -12.75
CA ASN B 354 3.92 -15.50 -12.03
C ASN B 354 5.18 -15.38 -12.87
N VAL B 355 5.08 -15.72 -14.15
CA VAL B 355 6.18 -15.50 -15.10
C VAL B 355 6.41 -14.01 -15.26
N ALA B 356 5.30 -13.29 -15.51
CA ALA B 356 5.27 -11.83 -15.65
C ALA B 356 5.74 -11.10 -14.39
N GLN B 357 5.42 -11.65 -13.22
CA GLN B 357 5.91 -11.09 -11.96
C GLN B 357 7.39 -11.39 -11.73
N TYR B 358 7.82 -12.58 -12.11
CA TYR B 358 9.24 -12.93 -12.04
C TYR B 358 10.10 -12.00 -12.90
N GLU B 359 9.61 -11.70 -14.10
CA GLU B 359 10.29 -10.81 -15.04
C GLU B 359 10.33 -9.38 -14.54
N LYS B 360 9.24 -8.90 -13.97
CA LYS B 360 9.17 -7.55 -13.39
C LYS B 360 10.13 -7.38 -12.23
N ALA B 361 10.26 -8.40 -11.40
CA ALA B 361 11.19 -8.38 -10.27
C ALA B 361 12.63 -8.20 -10.72
N ILE B 362 12.97 -8.74 -11.90
CA ILE B 362 14.31 -8.58 -12.48
C ILE B 362 14.47 -7.20 -13.11
N GLN B 363 13.43 -6.74 -13.80
CA GLN B 363 13.43 -5.40 -14.39
C GLN B 363 13.55 -4.32 -13.32
N THR B 364 12.78 -4.46 -12.24
CA THR B 364 12.87 -3.54 -11.09
C THR B 364 14.25 -3.55 -10.43
N ALA B 365 14.86 -4.74 -10.37
CA ALA B 365 16.18 -4.91 -9.77
C ALA B 365 17.28 -4.25 -10.60
N PHE B 366 17.13 -4.32 -11.93
CA PHE B 366 18.07 -3.69 -12.85
C PHE B 366 18.00 -2.17 -12.71
N GLN B 367 16.78 -1.65 -12.62
CA GLN B 367 16.52 -0.22 -12.43
C GLN B 367 17.18 0.33 -11.17
N GLU B 368 17.06 -0.40 -10.07
CA GLU B 368 17.62 0.02 -8.78
C GLU B 368 19.15 0.00 -8.75
N VAL B 369 19.76 -1.05 -9.28
CA VAL B 369 21.22 -1.16 -9.38
C VAL B 369 21.79 -0.06 -10.27
N ALA B 370 21.13 0.19 -11.40
CA ALA B 370 21.58 1.18 -12.39
C ALA B 370 21.55 2.61 -11.83
N ASP B 371 20.47 2.94 -11.13
CA ASP B 371 20.35 4.23 -10.41
C ASP B 371 21.46 4.40 -9.38
N GLY B 372 21.79 3.31 -8.68
CA GLY B 372 22.88 3.27 -7.71
C GLY B 372 24.24 3.48 -8.37
N LEU B 373 24.36 3.04 -9.63
CA LEU B 373 25.60 3.22 -10.38
C LEU B 373 25.67 4.59 -11.11
N ALA B 374 24.51 5.17 -11.38
CA ALA B 374 24.46 6.56 -11.85
C ALA B 374 24.91 7.52 -10.74
N ALA B 375 24.59 7.18 -9.49
CA ALA B 375 25.01 7.97 -8.33
C ALA B 375 26.51 7.82 -8.06
N ARG B 376 27.00 6.59 -8.12
CA ARG B 376 28.41 6.28 -7.90
C ARG B 376 29.34 7.06 -8.83
N GLY B 377 29.00 7.12 -10.11
CA GLY B 377 29.79 7.82 -11.12
C GLY B 377 29.65 9.33 -11.17
N THR B 378 28.73 9.89 -10.39
CA THR B 378 28.48 11.35 -10.39
C THR B 378 28.76 12.05 -9.08
N PHE B 379 28.61 11.35 -7.96
CA PHE B 379 28.77 11.96 -6.64
C PHE B 379 30.22 12.33 -6.28
N THR B 380 31.19 11.64 -6.90
CA THR B 380 32.60 11.98 -6.73
C THR B 380 32.84 13.43 -7.17
N GLU B 381 32.39 13.74 -8.38
CA GLU B 381 32.55 15.04 -8.99
C GLU B 381 31.67 16.10 -8.32
N GLN B 382 30.47 15.72 -7.90
CA GLN B 382 29.57 16.65 -7.20
C GLN B 382 30.13 17.09 -5.85
N LEU B 383 30.74 16.15 -5.11
CA LEU B 383 31.32 16.47 -3.82
C LEU B 383 32.62 17.24 -3.94
N GLN B 384 33.37 17.01 -5.00
CA GLN B 384 34.58 17.77 -5.28
C GLN B 384 34.22 19.21 -5.59
N ALA B 385 33.21 19.41 -6.43
CA ALA B 385 32.73 20.75 -6.78
C ALA B 385 32.12 21.50 -5.58
N GLN B 386 31.45 20.76 -4.70
CA GLN B 386 30.84 21.34 -3.50
C GLN B 386 31.90 21.69 -2.45
N ARG B 387 32.93 20.85 -2.33
CA ARG B 387 34.09 21.13 -1.48
C ARG B 387 34.84 22.37 -1.95
N ASP B 388 35.07 22.46 -3.27
CA ASP B 388 35.74 23.60 -3.88
C ASP B 388 34.94 24.89 -3.72
N LEU B 389 33.61 24.78 -3.80
CA LEU B 389 32.71 25.90 -3.53
C LEU B 389 32.87 26.39 -2.09
N VAL B 390 32.96 25.46 -1.14
CA VAL B 390 33.09 25.78 0.28
C VAL B 390 34.40 26.52 0.56
N LYS B 391 35.49 26.03 -0.03
CA LYS B 391 36.80 26.64 0.10
C LYS B 391 36.80 28.07 -0.45
N ALA B 392 36.28 28.23 -1.66
CA ALA B 392 36.17 29.52 -2.33
C ALA B 392 35.27 30.48 -1.55
N SER B 393 34.18 29.95 -1.00
CA SER B 393 33.24 30.73 -0.20
C SER B 393 33.85 31.22 1.11
N ASP B 394 34.72 30.40 1.71
CA ASP B 394 35.41 30.80 2.94
C ASP B 394 36.41 31.93 2.70
N GLU B 395 37.11 31.87 1.57
CA GLU B 395 38.03 32.93 1.16
C GLU B 395 37.26 34.21 0.81
N TYR B 396 36.17 34.06 0.06
CA TYR B 396 35.26 35.16 -0.27
C TYR B 396 34.73 35.84 1.01
N TYR B 397 34.31 35.03 1.98
CA TYR B 397 33.86 35.54 3.28
C TYR B 397 34.91 36.39 3.99
N GLN B 398 36.15 35.91 4.02
CA GLN B 398 37.21 36.57 4.80
C GLN B 398 37.68 37.88 4.20
N LEU B 399 37.72 37.95 2.87
CA LEU B 399 38.11 39.16 2.14
C LEU B 399 37.04 40.23 2.29
N ALA B 400 35.78 39.82 2.14
CA ALA B 400 34.63 40.72 2.27
C ALA B 400 34.50 41.28 3.69
N ASP B 401 34.81 40.45 4.69
CA ASP B 401 34.79 40.87 6.08
C ASP B 401 35.91 41.87 6.36
N LYS B 402 37.10 41.55 5.86
CA LYS B 402 38.27 42.44 5.95
C LYS B 402 37.99 43.78 5.27
N ARG B 403 37.35 43.72 4.10
CA ARG B 403 37.01 44.90 3.32
C ARG B 403 35.90 45.75 3.93
N TYR B 404 35.00 45.11 4.68
CA TYR B 404 33.97 45.88 5.38
C TYR B 404 34.49 46.64 6.60
N ARG B 405 35.31 45.96 7.42
CA ARG B 405 35.82 46.56 8.66
C ARG B 405 36.75 47.75 8.40
N THR B 406 37.31 47.81 7.19
CA THR B 406 38.19 48.89 6.76
C THR B 406 37.39 50.06 6.19
N GLY B 407 36.22 49.77 5.63
CA GLY B 407 35.35 50.80 5.08
C GLY B 407 35.49 50.96 3.58
N VAL B 408 36.27 50.07 2.96
CA VAL B 408 36.49 50.12 1.51
C VAL B 408 35.29 49.61 0.69
N ASP B 409 34.33 48.93 1.32
CA ASP B 409 33.04 48.60 0.69
C ASP B 409 31.89 48.27 1.65
N ASN B 410 30.68 48.18 1.09
CA ASN B 410 29.42 48.02 1.84
C ASN B 410 29.23 46.67 2.56
N TYR B 411 28.20 46.60 3.40
CA TYR B 411 27.88 45.41 4.18
C TYR B 411 27.18 44.32 3.35
N LEU B 412 26.59 44.71 2.23
CA LEU B 412 25.86 43.79 1.34
C LEU B 412 26.74 42.67 0.76
N THR B 413 28.02 42.99 0.54
CA THR B 413 28.99 42.01 0.05
C THR B 413 29.32 40.98 1.14
N LEU B 414 29.37 41.44 2.38
CA LEU B 414 29.65 40.57 3.52
C LEU B 414 28.45 39.66 3.82
N LEU B 415 27.26 40.25 3.80
CA LEU B 415 26.01 39.50 3.99
C LEU B 415 25.90 38.39 2.95
N ASP B 416 26.19 38.71 1.70
CA ASP B 416 26.18 37.76 0.59
C ASP B 416 27.22 36.66 0.76
N ALA B 417 28.40 37.04 1.27
CA ALA B 417 29.47 36.09 1.55
C ALA B 417 29.13 35.15 2.70
N GLN B 418 28.43 35.69 3.71
CA GLN B 418 27.97 34.93 4.89
C GLN B 418 26.91 33.89 4.51
N ARG B 419 25.99 34.28 3.63
CA ARG B 419 24.89 33.42 3.23
C ARG B 419 25.37 32.32 2.28
N SER B 420 26.25 32.69 1.35
CA SER B 420 26.81 31.73 0.38
C SER B 420 27.62 30.65 1.08
N LEU B 421 28.39 31.04 2.09
CA LEU B 421 29.19 30.08 2.85
C LEU B 421 28.30 29.11 3.64
N PHE B 422 27.33 29.65 4.38
CA PHE B 422 26.43 28.84 5.20
C PHE B 422 25.53 27.93 4.38
N THR B 423 24.98 28.46 3.29
CA THR B 423 24.21 27.63 2.37
C THR B 423 25.06 26.49 1.80
N ALA B 424 26.30 26.80 1.43
CA ALA B 424 27.20 25.81 0.81
C ALA B 424 27.65 24.70 1.77
N GLN B 425 27.85 25.05 3.03
CA GLN B 425 28.27 24.08 4.06
C GLN B 425 27.14 23.11 4.40
N GLN B 426 25.93 23.63 4.52
CA GLN B 426 24.73 22.82 4.73
C GLN B 426 24.55 21.82 3.58
N GLN B 427 24.66 22.33 2.36
CA GLN B 427 24.47 21.54 1.14
C GLN B 427 25.50 20.42 0.99
N LEU B 428 26.73 20.67 1.45
CA LEU B 428 27.79 19.66 1.42
C LEU B 428 27.44 18.45 2.32
N ILE B 429 26.89 18.74 3.49
CA ILE B 429 26.43 17.72 4.44
C ILE B 429 25.32 16.88 3.81
N THR B 430 24.37 17.56 3.17
CA THR B 430 23.26 16.91 2.46
C THR B 430 23.72 16.06 1.26
N ASP B 431 24.67 16.56 0.49
CA ASP B 431 25.21 15.82 -0.66
C ASP B 431 25.92 14.53 -0.22
N ARG B 432 26.72 14.63 0.83
CA ARG B 432 27.43 13.48 1.40
C ARG B 432 26.44 12.42 1.88
N LEU B 433 25.34 12.86 2.48
CA LEU B 433 24.27 11.98 2.93
C LEU B 433 23.55 11.32 1.76
N ASN B 434 23.27 12.08 0.70
CA ASN B 434 22.68 11.53 -0.51
C ASN B 434 23.60 10.51 -1.18
N GLN B 435 24.89 10.79 -1.16
CA GLN B 435 25.90 9.90 -1.72
C GLN B 435 25.98 8.58 -0.97
N LEU B 436 26.06 8.68 0.37
CA LEU B 436 26.20 7.51 1.23
C LEU B 436 24.99 6.59 1.16
N THR B 437 23.80 7.18 1.23
CA THR B 437 22.56 6.42 1.23
C THR B 437 22.31 5.72 -0.12
N SER B 438 22.78 6.34 -1.21
CA SER B 438 22.74 5.71 -2.54
C SER B 438 23.63 4.47 -2.61
N GLU B 439 24.73 4.50 -1.84
CA GLU B 439 25.66 3.39 -1.77
C GLU B 439 25.07 2.27 -0.90
N VAL B 440 24.41 2.67 0.19
CA VAL B 440 23.73 1.74 1.09
C VAL B 440 22.63 0.96 0.37
N ASN B 441 21.82 1.68 -0.41
CA ASN B 441 20.77 1.09 -1.23
C ASN B 441 21.28 0.26 -2.42
N LEU B 442 22.45 0.62 -2.95
CA LEU B 442 23.10 -0.17 -4.00
C LEU B 442 23.47 -1.56 -3.48
N TYR B 443 24.03 -1.58 -2.28
CA TYR B 443 24.35 -2.82 -1.55
C TYR B 443 23.12 -3.73 -1.39
N LYS B 444 22.00 -3.14 -0.96
CA LYS B 444 20.73 -3.87 -0.83
C LYS B 444 20.19 -4.33 -2.18
N ALA B 445 20.36 -3.48 -3.20
CA ALA B 445 19.90 -3.75 -4.57
C ALA B 445 20.53 -4.99 -5.19
N LEU B 446 21.79 -5.24 -4.86
CA LEU B 446 22.46 -6.46 -5.32
C LEU B 446 22.16 -7.66 -4.39
N GLY B 447 21.41 -7.40 -3.32
CA GLY B 447 20.98 -8.42 -2.36
C GLY B 447 21.96 -8.70 -1.23
N GLY B 448 22.71 -7.68 -0.82
CA GLY B 448 23.84 -7.84 0.10
C GLY B 448 23.65 -8.12 1.58
N GLY B 449 22.62 -7.54 2.20
CA GLY B 449 22.51 -7.50 3.67
C GLY B 449 22.25 -8.75 4.50
N TRP B 450 22.27 -9.93 3.88
CA TRP B 450 21.88 -11.18 4.56
C TRP B 450 22.98 -11.81 5.45
N ASN B 451 24.22 -11.81 4.96
CA ASN B 451 25.33 -12.39 5.70
C ASN B 451 25.99 -11.38 6.62
N GLN B 452 26.36 -11.82 7.82
CA GLN B 452 27.09 -10.99 8.77
C GLN B 452 28.57 -10.90 8.39
N GLN B 453 29.14 -12.04 8.05
CA GLN B 453 30.53 -12.11 7.60
C GLN B 453 30.53 -12.62 6.16
N THR B 454 31.55 -12.24 5.38
CA THR B 454 31.62 -12.63 3.96
C THR B 454 31.76 -14.14 3.78
N VAL B 455 30.92 -14.70 2.89
CA VAL B 455 30.89 -16.14 2.64
C VAL B 455 31.76 -16.53 1.45
N SER C 2 -13.06 -26.18 27.34
CA SER C 2 -12.35 -25.05 26.67
C SER C 2 -10.84 -25.19 26.82
N LEU C 3 -10.14 -25.32 25.69
CA LEU C 3 -8.70 -25.51 25.70
C LEU C 3 -7.92 -24.25 25.28
N ILE C 4 -8.62 -23.12 25.24
CA ILE C 4 -8.00 -21.81 24.98
C ILE C 4 -7.01 -21.48 26.09
N PRO C 5 -5.75 -21.18 25.73
CA PRO C 5 -4.76 -20.76 26.73
C PRO C 5 -5.19 -19.49 27.45
N ASP C 6 -4.79 -19.36 28.72
CA ASP C 6 -5.09 -18.18 29.51
C ASP C 6 -4.35 -16.98 28.94
N TYR C 7 -5.06 -15.87 28.75
CA TYR C 7 -4.48 -14.71 28.11
C TYR C 7 -3.77 -13.79 29.09
N GLN C 8 -2.54 -13.42 28.73
CA GLN C 8 -1.78 -12.41 29.46
C GLN C 8 -1.25 -11.39 28.45
N ARG C 9 -1.48 -10.11 28.73
CA ARG C 9 -1.05 -9.01 27.86
C ARG C 9 0.47 -8.87 27.90
N PRO C 10 1.13 -8.89 26.72
CA PRO C 10 2.57 -8.68 26.64
C PRO C 10 2.98 -7.37 27.27
N GLU C 11 4.23 -7.28 27.71
CA GLU C 11 4.71 -6.04 28.31
C GLU C 11 5.20 -5.09 27.22
N ALA C 12 5.00 -3.79 27.46
CA ALA C 12 5.35 -2.73 26.52
C ALA C 12 6.87 -2.64 26.26
N PRO C 13 7.28 -2.84 24.99
CA PRO C 13 8.70 -2.81 24.64
C PRO C 13 9.20 -1.40 24.33
N VAL C 14 8.86 -0.45 25.19
CA VAL C 14 9.29 0.94 25.05
C VAL C 14 9.81 1.50 26.38
N ALA C 15 10.18 2.79 26.38
CA ALA C 15 10.61 3.48 27.60
C ALA C 15 9.41 3.83 28.47
N ALA C 16 9.65 3.99 29.77
CA ALA C 16 8.62 4.36 30.74
C ALA C 16 8.35 5.85 30.71
N ALA C 17 9.33 6.60 30.22
CA ALA C 17 9.21 8.05 30.09
C ALA C 17 9.43 8.47 28.64
N TYR C 18 8.74 9.52 28.24
CA TYR C 18 8.95 10.12 26.92
C TYR C 18 10.31 10.80 26.87
N PRO C 19 10.92 10.88 25.67
CA PRO C 19 12.30 11.36 25.53
C PRO C 19 12.55 12.73 26.14
N GLN C 20 13.79 12.95 26.57
CA GLN C 20 14.24 14.24 27.06
C GLN C 20 15.46 14.70 26.29
N GLY C 21 15.62 16.01 26.18
CA GLY C 21 16.75 16.59 25.47
C GLY C 21 16.51 18.05 25.18
N GLN C 22 17.38 18.62 24.36
CA GLN C 22 17.31 20.03 23.98
C GLN C 22 15.99 20.40 23.30
N ALA C 23 15.40 19.42 22.61
CA ALA C 23 14.16 19.63 21.84
C ALA C 23 12.90 19.43 22.67
N TYR C 24 13.05 18.90 23.88
CA TYR C 24 11.91 18.50 24.69
C TYR C 24 11.76 19.35 25.93
N GLY C 25 10.53 19.78 26.18
CA GLY C 25 10.15 20.35 27.47
C GLY C 25 10.10 19.26 28.52
N GLN C 26 9.95 19.66 29.78
CA GLN C 26 9.91 18.71 30.90
C GLN C 26 8.72 17.77 30.85
N ASN C 27 8.98 16.50 31.13
CA ASN C 27 7.93 15.48 31.18
C ASN C 27 6.93 15.79 32.29
N THR C 28 5.65 15.72 31.92
CA THR C 28 4.57 16.18 32.80
C THR C 28 3.85 15.04 33.55
N GLY C 29 4.18 13.80 33.21
CA GLY C 29 3.63 12.63 33.90
C GLY C 29 2.15 12.43 33.69
N ALA C 30 1.53 11.65 34.57
CA ALA C 30 0.13 11.25 34.43
C ALA C 30 -0.85 12.43 34.42
N ALA C 31 -1.91 12.30 33.65
CA ALA C 31 -2.98 13.29 33.59
C ALA C 31 -4.32 12.66 33.92
N ALA C 32 -5.14 13.39 34.67
CA ALA C 32 -6.47 12.93 35.08
C ALA C 32 -7.42 12.73 33.89
N VAL C 33 -7.37 13.67 32.95
CA VAL C 33 -8.10 13.58 31.69
C VAL C 33 -7.10 13.46 30.54
N PRO C 34 -6.83 12.22 30.08
CA PRO C 34 -5.92 11.98 28.95
C PRO C 34 -6.49 12.50 27.63
N ALA C 35 -5.60 12.82 26.71
CA ALA C 35 -5.94 13.34 25.37
C ALA C 35 -7.07 12.61 24.65
N ALA C 36 -7.12 11.30 24.82
CA ALA C 36 -8.16 10.46 24.22
C ALA C 36 -9.56 10.80 24.74
N ASP C 37 -9.64 11.24 25.99
CA ASP C 37 -10.91 11.58 26.62
C ASP C 37 -11.38 13.01 26.28
N ILE C 38 -10.46 13.83 25.80
CA ILE C 38 -10.78 15.20 25.38
C ILE C 38 -11.47 15.19 24.01
N GLY C 39 -12.65 15.80 23.94
CA GLY C 39 -13.42 15.87 22.70
C GLY C 39 -12.80 16.77 21.63
N TRP C 40 -13.05 16.46 20.37
CA TRP C 40 -12.59 17.30 19.27
C TRP C 40 -13.33 18.65 19.21
N ARG C 41 -14.53 18.69 19.79
CA ARG C 41 -15.28 19.93 19.97
C ARG C 41 -14.57 20.83 21.00
N GLU C 42 -13.84 20.21 21.93
CA GLU C 42 -13.01 20.92 22.91
C GLU C 42 -11.61 21.23 22.37
N PHE C 43 -10.98 20.25 21.70
CA PHE C 43 -9.63 20.40 21.15
C PHE C 43 -9.53 21.48 20.08
N PHE C 44 -10.44 21.43 19.10
CA PHE C 44 -10.48 22.42 18.03
C PHE C 44 -11.37 23.58 18.45
N ARG C 45 -10.80 24.77 18.51
CA ARG C 45 -11.51 25.95 19.01
C ARG C 45 -12.17 26.80 17.91
N ASP C 46 -11.73 26.57 16.66
CA ASP C 46 -12.36 27.17 15.50
C ASP C 46 -13.75 26.55 15.27
N PRO C 47 -14.81 27.35 15.39
CA PRO C 47 -16.18 26.85 15.20
C PRO C 47 -16.53 26.47 13.75
N GLN C 48 -15.81 27.05 12.79
CA GLN C 48 -15.94 26.67 11.37
C GLN C 48 -15.38 25.27 11.13
N LEU C 49 -14.26 24.98 11.78
CA LEU C 49 -13.65 23.65 11.71
C LEU C 49 -14.56 22.60 12.37
N GLN C 50 -15.12 22.95 13.53
CA GLN C 50 -15.99 22.06 14.28
C GLN C 50 -17.18 21.58 13.45
N GLN C 51 -17.73 22.49 12.63
CA GLN C 51 -18.83 22.17 11.73
C GLN C 51 -18.36 21.29 10.57
N LEU C 52 -17.23 21.67 9.97
CA LEU C 52 -16.62 20.89 8.89
C LEU C 52 -16.35 19.44 9.29
N ILE C 53 -15.81 19.25 10.49
CA ILE C 53 -15.56 17.92 11.04
C ILE C 53 -16.85 17.11 11.18
N GLY C 54 -17.93 17.78 11.58
CA GLY C 54 -19.25 17.15 11.72
C GLY C 54 -19.86 16.73 10.39
N VAL C 55 -19.62 17.54 9.35
CA VAL C 55 -20.05 17.21 7.99
C VAL C 55 -19.32 15.97 7.50
N ALA C 56 -18.02 15.93 7.76
CA ALA C 56 -17.13 14.82 7.38
C ALA C 56 -17.44 13.53 8.13
N LEU C 57 -17.86 13.64 9.39
CA LEU C 57 -18.18 12.45 10.18
C LEU C 57 -19.42 11.74 9.65
N GLU C 58 -20.20 12.47 8.85
CA GLU C 58 -21.45 11.95 8.33
C GLU C 58 -21.36 11.55 6.85
N ASN C 59 -20.51 12.23 6.09
CA ASN C 59 -20.49 12.06 4.64
C ASN C 59 -19.27 11.38 4.03
N ASN C 60 -18.16 11.34 4.75
CA ASN C 60 -16.95 10.69 4.26
C ASN C 60 -17.21 9.21 4.02
N ARG C 61 -16.83 8.75 2.83
CA ARG C 61 -17.12 7.38 2.40
C ARG C 61 -16.19 6.32 2.99
N ASP C 62 -14.94 6.70 3.27
CA ASP C 62 -13.98 5.79 3.90
C ASP C 62 -14.41 5.39 5.32
N LEU C 63 -14.87 6.35 6.11
CA LEU C 63 -15.34 6.10 7.48
C LEU C 63 -16.68 5.35 7.46
N ARG C 64 -17.45 5.55 6.40
CA ARG C 64 -18.70 4.84 6.20
C ARG C 64 -18.45 3.35 6.00
N VAL C 65 -17.39 3.01 5.25
CA VAL C 65 -16.95 1.62 5.06
C VAL C 65 -16.47 1.02 6.37
N ALA C 66 -15.68 1.78 7.12
CA ALA C 66 -15.19 1.37 8.43
C ALA C 66 -16.33 0.97 9.38
N ALA C 67 -17.41 1.75 9.36
CA ALA C 67 -18.58 1.50 10.19
C ALA C 67 -19.28 0.21 9.77
N LEU C 68 -19.39 0.03 8.45
CA LEU C 68 -20.04 -1.15 7.87
C LEU C 68 -19.23 -2.43 8.05
N ASN C 69 -17.90 -2.30 8.16
CA ASN C 69 -17.03 -3.44 8.46
C ASN C 69 -17.33 -4.04 9.83
N VAL C 70 -17.48 -3.19 10.84
CA VAL C 70 -17.87 -3.62 12.18
C VAL C 70 -19.14 -4.47 12.10
N GLU C 71 -20.13 -3.97 11.37
CA GLU C 71 -21.39 -4.68 11.14
C GLU C 71 -21.15 -6.05 10.51
N ALA C 72 -20.27 -6.07 9.51
CA ALA C 72 -19.93 -7.29 8.76
C ALA C 72 -19.23 -8.33 9.62
N PHE C 73 -18.42 -7.87 10.58
CA PHE C 73 -17.71 -8.77 11.48
C PHE C 73 -18.59 -9.26 12.63
N ARG C 74 -19.54 -8.43 13.05
CA ARG C 74 -20.58 -8.84 13.99
C ARG C 74 -21.40 -9.97 13.37
N ALA C 75 -21.78 -9.79 12.11
CA ALA C 75 -22.55 -10.78 11.36
C ALA C 75 -21.82 -12.12 11.26
N GLN C 76 -20.51 -12.07 11.10
CA GLN C 76 -19.70 -13.28 11.01
C GLN C 76 -19.57 -13.99 12.36
N TYR C 77 -19.67 -13.22 13.44
CA TYR C 77 -19.72 -13.78 14.79
C TYR C 77 -21.09 -14.41 15.07
N ARG C 78 -22.14 -13.84 14.49
CA ARG C 78 -23.49 -14.37 14.65
C ARG C 78 -23.67 -15.70 13.94
N ILE C 79 -22.95 -15.87 12.83
CA ILE C 79 -22.88 -17.15 12.12
C ILE C 79 -22.15 -18.20 12.97
N GLN C 80 -20.97 -17.85 13.48
CA GLN C 80 -20.17 -18.76 14.31
C GLN C 80 -20.85 -19.13 15.64
N ARG C 81 -21.70 -18.24 16.14
CA ARG C 81 -22.47 -18.46 17.36
C ARG C 81 -23.61 -19.46 17.12
N ALA C 82 -24.15 -19.45 15.90
CA ALA C 82 -25.27 -20.30 15.52
C ALA C 82 -24.84 -21.71 15.12
N ASP C 83 -23.55 -21.91 14.90
CA ASP C 83 -22.99 -23.24 14.63
C ASP C 83 -23.11 -24.18 15.83
N LEU C 84 -23.31 -23.60 17.01
CA LEU C 84 -23.41 -24.35 18.27
C LEU C 84 -24.77 -24.99 18.50
N PHE C 85 -25.80 -24.48 17.82
CA PHE C 85 -27.15 -25.00 17.91
C PHE C 85 -27.46 -25.90 16.71
N PRO C 86 -28.46 -26.80 16.84
CA PRO C 86 -28.75 -27.71 15.73
C PRO C 86 -29.49 -27.05 14.58
N ARG C 87 -29.08 -27.39 13.36
CA ARG C 87 -29.80 -26.98 12.16
C ARG C 87 -31.00 -27.90 12.00
N ILE C 88 -32.18 -27.41 12.34
CA ILE C 88 -33.41 -28.19 12.25
C ILE C 88 -34.22 -27.80 11.00
N GLY C 89 -34.59 -28.80 10.22
CA GLY C 89 -35.35 -28.58 9.00
C GLY C 89 -36.18 -29.77 8.57
N VAL C 90 -36.98 -29.57 7.52
CA VAL C 90 -37.84 -30.61 6.97
C VAL C 90 -37.09 -31.29 5.81
N ASP C 91 -37.14 -32.62 5.79
CA ASP C 91 -36.47 -33.42 4.77
C ASP C 91 -37.46 -34.30 4.01
N GLY C 92 -37.70 -33.95 2.75
CA GLY C 92 -38.50 -34.77 1.85
C GLY C 92 -37.58 -35.68 1.06
N SER C 93 -37.87 -36.99 1.08
CA SER C 93 -37.00 -37.98 0.46
C SER C 93 -37.74 -38.94 -0.47
N GLY C 94 -37.05 -39.35 -1.53
CA GLY C 94 -37.57 -40.32 -2.48
C GLY C 94 -36.47 -41.24 -2.96
N THR C 95 -36.76 -42.54 -2.97
CA THR C 95 -35.80 -43.53 -3.43
C THR C 95 -36.53 -44.61 -4.24
N ARG C 96 -35.99 -44.91 -5.42
CA ARG C 96 -36.52 -45.97 -6.27
C ARG C 96 -35.40 -46.60 -7.08
N GLN C 97 -35.09 -47.86 -6.78
CA GLN C 97 -33.95 -48.55 -7.39
C GLN C 97 -34.21 -50.00 -7.80
N ARG C 98 -33.78 -50.34 -9.01
CA ARG C 98 -33.82 -51.72 -9.49
C ARG C 98 -32.50 -52.41 -9.12
N LEU C 99 -32.61 -53.58 -8.51
CA LEU C 99 -31.45 -54.36 -8.09
C LEU C 99 -31.53 -55.78 -8.63
N PRO C 100 -30.39 -56.34 -9.07
CA PRO C 100 -30.31 -57.72 -9.57
C PRO C 100 -30.68 -58.77 -8.52
N GLY C 101 -30.96 -59.98 -8.98
CA GLY C 101 -31.37 -61.10 -8.11
C GLY C 101 -30.36 -61.53 -7.06
N ASP C 102 -29.09 -61.37 -7.36
CA ASP C 102 -28.02 -61.72 -6.41
C ASP C 102 -27.80 -60.65 -5.33
N LEU C 103 -28.56 -59.56 -5.42
CA LEU C 103 -28.52 -58.47 -4.43
C LEU C 103 -29.86 -58.30 -3.70
N SER C 104 -30.96 -58.46 -4.43
CA SER C 104 -32.31 -58.46 -3.83
C SER C 104 -32.52 -59.78 -3.09
N THR C 105 -33.10 -59.68 -1.89
CA THR C 105 -33.26 -60.84 -1.00
C THR C 105 -34.15 -61.95 -1.60
N THR C 106 -35.14 -61.56 -2.39
CA THR C 106 -36.08 -62.51 -3.02
C THR C 106 -35.41 -63.53 -3.94
N GLY C 107 -34.37 -63.10 -4.66
CA GLY C 107 -33.62 -63.97 -5.55
C GLY C 107 -33.69 -63.61 -7.02
N SER C 108 -34.64 -62.73 -7.37
CA SER C 108 -34.82 -62.26 -8.73
C SER C 108 -34.88 -60.72 -8.77
N PRO C 109 -34.51 -60.10 -9.92
CA PRO C 109 -34.57 -58.64 -10.09
C PRO C 109 -35.87 -58.01 -9.57
N ALA C 110 -35.72 -56.93 -8.80
CA ALA C 110 -36.85 -56.27 -8.15
C ALA C 110 -36.61 -54.76 -7.95
N ILE C 111 -37.71 -54.01 -7.89
CA ILE C 111 -37.66 -52.58 -7.61
C ILE C 111 -38.10 -52.30 -6.18
N SER C 112 -37.20 -51.73 -5.39
CA SER C 112 -37.51 -51.30 -4.02
C SER C 112 -37.60 -49.78 -3.96
N SER C 113 -38.79 -49.30 -3.61
CA SER C 113 -39.05 -47.86 -3.58
C SER C 113 -39.56 -47.40 -2.21
N GLN C 114 -38.98 -46.31 -1.71
CA GLN C 114 -39.40 -45.75 -0.43
C GLN C 114 -39.36 -44.22 -0.42
N TYR C 115 -40.28 -43.63 0.34
CA TYR C 115 -40.41 -42.18 0.46
C TYR C 115 -40.36 -41.79 1.93
N GLY C 116 -40.27 -40.49 2.19
CA GLY C 116 -40.20 -39.98 3.55
C GLY C 116 -40.33 -38.48 3.66
N VAL C 117 -41.09 -38.03 4.66
CA VAL C 117 -41.15 -36.62 5.05
C VAL C 117 -40.78 -36.57 6.52
N THR C 118 -39.59 -36.06 6.81
CA THR C 118 -39.04 -36.12 8.17
C THR C 118 -38.61 -34.75 8.68
N LEU C 119 -38.59 -34.59 10.01
CA LEU C 119 -38.17 -33.35 10.64
C LEU C 119 -37.11 -33.63 11.68
N GLY C 120 -35.96 -32.95 11.55
CA GLY C 120 -34.85 -33.12 12.50
C GLY C 120 -33.57 -32.43 12.07
N THR C 121 -32.44 -33.05 12.41
CA THR C 121 -31.12 -32.46 12.16
C THR C 121 -30.12 -33.43 11.52
N THR C 122 -29.05 -32.89 10.95
CA THR C 122 -28.02 -33.69 10.30
C THR C 122 -26.63 -33.15 10.64
N ALA C 123 -25.78 -34.06 11.12
CA ALA C 123 -24.36 -33.77 11.42
C ALA C 123 -24.13 -32.67 12.46
N TRP C 124 -25.05 -32.55 13.42
CA TRP C 124 -24.91 -31.58 14.51
C TRP C 124 -23.73 -31.96 15.41
N GLU C 125 -22.70 -31.13 15.39
CA GLU C 125 -21.51 -31.34 16.21
C GLU C 125 -21.74 -30.82 17.63
N LEU C 126 -21.59 -31.71 18.61
CA LEU C 126 -21.70 -31.35 20.01
C LEU C 126 -20.33 -30.87 20.52
N ASP C 127 -20.34 -29.72 21.17
CA ASP C 127 -19.10 -29.00 21.50
C ASP C 127 -18.59 -29.31 22.90
N LEU C 128 -18.19 -30.57 23.10
CA LEU C 128 -17.70 -31.02 24.40
C LEU C 128 -16.35 -30.42 24.74
N PHE C 129 -15.43 -30.41 23.78
CA PHE C 129 -14.07 -29.91 24.02
C PHE C 129 -13.83 -28.49 23.52
N GLY C 130 -14.92 -27.82 23.14
CA GLY C 130 -14.90 -26.39 22.84
C GLY C 130 -14.19 -25.99 21.57
N ARG C 131 -14.32 -26.81 20.52
CA ARG C 131 -13.73 -26.47 19.22
C ARG C 131 -14.53 -25.34 18.57
N LEU C 132 -15.85 -25.44 18.65
CA LEU C 132 -16.74 -24.46 18.04
C LEU C 132 -16.89 -23.21 18.89
N ARG C 133 -16.83 -23.35 20.21
CA ARG C 133 -16.84 -22.20 21.14
C ARG C 133 -15.59 -21.34 20.97
N SER C 134 -14.45 -22.01 20.76
CA SER C 134 -13.17 -21.33 20.53
C SER C 134 -13.21 -20.52 19.24
N LEU C 135 -13.76 -21.11 18.18
CA LEU C 135 -13.94 -20.42 16.91
C LEU C 135 -14.91 -19.24 17.04
N ARG C 136 -15.94 -19.41 17.86
CA ARG C 136 -16.87 -18.33 18.19
C ARG C 136 -16.16 -17.21 18.92
N ASP C 137 -15.33 -17.56 19.91
CA ASP C 137 -14.56 -16.59 20.68
C ASP C 137 -13.49 -15.89 19.85
N GLN C 138 -12.97 -16.59 18.83
CA GLN C 138 -12.08 -15.99 17.85
C GLN C 138 -12.81 -14.95 17.00
N ALA C 139 -13.99 -15.32 16.51
CA ALA C 139 -14.85 -14.44 15.73
C ALA C 139 -15.35 -13.23 16.54
N LEU C 140 -15.52 -13.41 17.84
CA LEU C 140 -15.95 -12.31 18.72
C LEU C 140 -14.86 -11.25 18.89
N GLU C 141 -13.63 -11.69 19.06
CA GLU C 141 -12.51 -10.75 19.23
C GLU C 141 -12.18 -10.01 17.93
N GLN C 142 -12.35 -10.68 16.80
CA GLN C 142 -12.14 -10.06 15.49
C GLN C 142 -13.15 -8.93 15.25
N TYR C 143 -14.39 -9.15 15.71
CA TYR C 143 -15.41 -8.10 15.74
C TYR C 143 -14.98 -6.94 16.64
N LEU C 144 -14.59 -7.26 17.87
CA LEU C 144 -14.10 -6.27 18.82
C LEU C 144 -12.93 -5.45 18.29
N ALA C 145 -12.01 -6.11 17.58
CA ALA C 145 -10.89 -5.44 16.91
C ALA C 145 -11.32 -4.51 15.78
N THR C 146 -12.36 -4.90 15.05
CA THR C 146 -12.89 -4.08 13.96
C THR C 146 -13.53 -2.81 14.52
N GLU C 147 -14.15 -2.92 15.70
CA GLU C 147 -14.76 -1.79 16.38
C GLU C 147 -13.71 -0.73 16.74
N GLN C 148 -12.53 -1.18 17.16
CA GLN C 148 -11.42 -0.27 17.46
C GLN C 148 -10.81 0.27 16.17
N ALA C 149 -10.85 -0.52 15.11
CA ALA C 149 -10.39 -0.09 13.79
C ALA C 149 -11.24 1.06 13.23
N GLN C 150 -12.53 1.04 13.55
CA GLN C 150 -13.44 2.14 13.24
C GLN C 150 -13.07 3.40 14.00
N ARG C 151 -12.82 3.26 15.30
CA ARG C 151 -12.45 4.38 16.15
C ARG C 151 -11.13 5.00 15.70
N SER C 152 -10.19 4.16 15.29
CA SER C 152 -8.94 4.62 14.72
C SER C 152 -9.14 5.37 13.39
N ALA C 153 -10.10 4.90 12.59
CA ALA C 153 -10.36 5.50 11.28
C ALA C 153 -10.96 6.90 11.42
N GLN C 154 -11.79 7.09 12.47
CA GLN C 154 -12.33 8.42 12.81
C GLN C 154 -11.24 9.39 13.28
N THR C 155 -10.33 8.93 14.14
CA THR C 155 -9.18 9.75 14.56
C THR C 155 -8.29 10.14 13.36
N THR C 156 -8.23 9.27 12.35
CA THR C 156 -7.53 9.58 11.10
C THR C 156 -8.29 10.65 10.30
N LEU C 157 -9.60 10.48 10.13
CA LEU C 157 -10.41 11.45 9.41
C LEU C 157 -10.41 12.84 10.05
N VAL C 158 -10.60 12.88 11.37
CA VAL C 158 -10.57 14.14 12.12
C VAL C 158 -9.28 14.90 11.84
N ALA C 159 -8.15 14.20 11.99
CA ALA C 159 -6.83 14.83 11.79
C ALA C 159 -6.64 15.29 10.34
N SER C 160 -7.15 14.49 9.40
CA SER C 160 -7.09 14.82 7.97
C SER C 160 -7.87 16.08 7.61
N VAL C 161 -9.12 16.16 8.07
CA VAL C 161 -9.95 17.34 7.85
C VAL C 161 -9.32 18.60 8.47
N ALA C 162 -8.82 18.46 9.70
CA ALA C 162 -8.14 19.56 10.37
C ALA C 162 -6.91 20.05 9.59
N THR C 163 -6.06 19.12 9.18
CA THR C 163 -4.85 19.45 8.40
C THR C 163 -5.20 20.13 7.07
N ALA C 164 -6.18 19.58 6.37
CA ALA C 164 -6.63 20.12 5.08
C ALA C 164 -7.23 21.51 5.22
N TYR C 165 -8.01 21.73 6.28
CA TYR C 165 -8.58 23.03 6.61
C TYR C 165 -7.51 24.08 6.90
N LEU C 166 -6.50 23.67 7.66
CA LEU C 166 -5.38 24.55 8.04
C LEU C 166 -4.43 24.84 6.89
N THR C 167 -4.32 23.90 5.94
CA THR C 167 -3.48 24.07 4.76
C THR C 167 -4.10 25.07 3.79
N LEU C 168 -5.42 24.97 3.63
CA LEU C 168 -6.18 25.91 2.81
C LEU C 168 -6.10 27.33 3.38
N LYS C 169 -6.13 27.43 4.71
CA LYS C 169 -6.02 28.69 5.43
C LYS C 169 -4.65 29.33 5.27
N ALA C 170 -3.59 28.53 5.46
CA ALA C 170 -2.21 28.99 5.23
C ALA C 170 -1.97 29.43 3.78
N ASP C 171 -2.46 28.64 2.82
CA ASP C 171 -2.35 28.99 1.40
C ASP C 171 -3.20 30.20 0.98
N GLN C 172 -4.32 30.43 1.69
CA GLN C 172 -5.11 31.65 1.49
C GLN C 172 -4.40 32.89 2.04
N ALA C 173 -3.61 32.70 3.09
CA ALA C 173 -2.77 33.77 3.63
C ALA C 173 -1.56 34.02 2.74
N GLN C 174 -1.01 32.95 2.16
CA GLN C 174 0.08 33.07 1.18
C GLN C 174 -0.38 33.88 -0.04
N LEU C 175 -1.60 33.60 -0.50
CA LEU C 175 -2.17 34.26 -1.66
C LEU C 175 -2.41 35.76 -1.46
N GLN C 176 -3.02 36.12 -0.33
CA GLN C 176 -3.33 37.52 -0.02
C GLN C 176 -2.05 38.32 0.19
N LEU C 177 -1.05 37.67 0.79
CA LEU C 177 0.28 38.26 0.94
C LEU C 177 0.93 38.57 -0.42
N THR C 178 0.77 37.66 -1.38
CA THR C 178 1.35 37.85 -2.72
C THR C 178 0.65 38.98 -3.50
N LYS C 179 -0.67 39.11 -3.34
CA LYS C 179 -1.42 40.20 -3.93
C LYS C 179 -0.94 41.57 -3.44
N ASP C 180 -0.73 41.67 -2.13
CA ASP C 180 -0.25 42.90 -1.50
C ASP C 180 1.18 43.23 -1.88
N THR C 181 1.99 42.19 -2.05
CA THR C 181 3.40 42.34 -2.39
C THR C 181 3.60 42.70 -3.87
N LEU C 182 2.77 42.12 -4.74
CA LEU C 182 2.74 42.50 -6.14
C LEU C 182 2.40 43.99 -6.30
N GLY C 183 1.30 44.42 -5.70
CA GLY C 183 0.88 45.82 -5.74
C GLY C 183 1.93 46.79 -5.26
N THR C 184 2.68 46.37 -4.24
CA THR C 184 3.79 47.14 -3.69
C THR C 184 4.97 47.20 -4.66
N TYR C 185 5.30 46.06 -5.28
CA TYR C 185 6.37 46.01 -6.28
C TYR C 185 6.01 46.83 -7.52
N GLN C 186 4.74 46.74 -7.94
CA GLN C 186 4.24 47.50 -9.09
C GLN C 186 4.35 49.00 -8.87
N LYS C 187 3.89 49.46 -7.72
CA LYS C 187 3.95 50.85 -7.31
C LYS C 187 5.40 51.34 -7.28
N SER C 188 6.27 50.52 -6.70
CA SER C 188 7.70 50.77 -6.66
C SER C 188 8.29 50.84 -8.08
N PHE C 189 7.82 49.97 -8.96
CA PHE C 189 8.31 49.91 -10.34
C PHE C 189 7.96 51.18 -11.11
N ASP C 190 6.75 51.70 -10.87
CA ASP C 190 6.24 52.89 -11.55
C ASP C 190 7.05 54.16 -11.24
N LEU C 191 7.53 54.27 -10.00
CA LEU C 191 8.43 55.35 -9.62
C LEU C 191 9.79 55.22 -10.31
N THR C 192 10.28 54.00 -10.42
CA THR C 192 11.56 53.73 -11.08
C THR C 192 11.46 54.03 -12.58
N GLN C 193 10.39 53.55 -13.21
CA GLN C 193 10.11 53.90 -14.60
C GLN C 193 10.12 55.42 -14.77
N ARG C 194 9.27 56.10 -14.01
CA ARG C 194 9.18 57.56 -13.97
C ARG C 194 10.55 58.25 -13.81
N SER C 195 11.40 57.69 -12.95
CA SER C 195 12.75 58.21 -12.73
C SER C 195 13.68 57.91 -13.91
N TYR C 196 13.54 56.72 -14.50
CA TYR C 196 14.32 56.33 -15.67
C TYR C 196 14.11 57.29 -16.84
N ASP C 197 12.84 57.57 -17.14
CA ASP C 197 12.45 58.47 -18.24
C ASP C 197 13.10 59.85 -18.15
N VAL C 198 13.12 60.41 -16.95
CA VAL C 198 13.71 61.73 -16.68
C VAL C 198 15.24 61.65 -16.56
N GLY C 199 15.80 60.46 -16.73
CA GLY C 199 17.26 60.27 -16.75
C GLY C 199 17.95 60.11 -15.42
N VAL C 200 17.18 59.94 -14.34
CA VAL C 200 17.78 59.73 -13.01
C VAL C 200 18.10 58.26 -12.78
N ALA C 201 17.08 57.41 -12.80
CA ALA C 201 17.27 55.97 -12.67
C ALA C 201 17.89 55.40 -13.94
N SER C 202 18.82 54.46 -13.77
CA SER C 202 19.52 53.84 -14.89
C SER C 202 18.68 52.71 -15.49
N ALA C 203 19.15 52.16 -16.61
CA ALA C 203 18.50 51.03 -17.28
C ALA C 203 18.57 49.77 -16.44
N LEU C 204 19.68 49.56 -15.74
CA LEU C 204 19.87 48.42 -14.84
C LEU C 204 18.85 48.42 -13.72
N ASP C 205 18.72 49.56 -13.05
CA ASP C 205 17.74 49.73 -11.95
C ASP C 205 16.35 49.28 -12.38
N LEU C 206 15.97 49.68 -13.59
CA LEU C 206 14.64 49.39 -14.12
C LEU C 206 14.39 47.89 -14.34
N ARG C 207 15.35 47.19 -14.94
CA ARG C 207 15.24 45.74 -15.18
C ARG C 207 15.28 44.93 -13.88
N GLN C 208 16.05 45.41 -12.91
CA GLN C 208 16.06 44.86 -11.55
C GLN C 208 14.68 44.98 -10.91
N ALA C 209 14.08 46.15 -11.03
CA ALA C 209 12.72 46.38 -10.52
C ALA C 209 11.68 45.55 -11.29
N GLN C 210 11.99 45.24 -12.55
CA GLN C 210 11.12 44.45 -13.42
C GLN C 210 11.11 42.99 -12.97
N THR C 211 12.28 42.51 -12.56
CA THR C 211 12.47 41.17 -12.02
C THR C 211 11.62 40.92 -10.77
N ALA C 212 11.53 41.92 -9.90
CA ALA C 212 10.73 41.82 -8.68
C ALA C 212 9.23 41.68 -8.98
N VAL C 213 8.77 42.39 -10.01
CA VAL C 213 7.37 42.35 -10.44
C VAL C 213 6.98 41.01 -11.09
N GLU C 214 7.82 40.52 -12.02
CA GLU C 214 7.53 39.27 -12.74
C GLU C 214 7.60 38.05 -11.82
N GLY C 215 8.53 38.08 -10.88
CA GLY C 215 8.65 37.03 -9.87
C GLY C 215 7.41 36.90 -9.01
N ALA C 216 6.93 38.04 -8.48
CA ALA C 216 5.72 38.08 -7.66
C ALA C 216 4.48 37.64 -8.43
N ARG C 217 4.44 38.00 -9.70
CA ARG C 217 3.34 37.65 -10.59
C ARG C 217 3.27 36.15 -10.84
N ALA C 218 4.43 35.53 -11.02
CA ALA C 218 4.50 34.08 -11.17
C ALA C 218 4.08 33.36 -9.88
N THR C 219 4.50 33.92 -8.74
CA THR C 219 4.10 33.41 -7.42
C THR C 219 2.59 33.54 -7.19
N LEU C 220 1.99 34.60 -7.73
CA LEU C 220 0.55 34.81 -7.58
C LEU C 220 -0.27 33.69 -8.24
N ALA C 221 0.15 33.30 -9.44
CA ALA C 221 -0.50 32.22 -10.19
C ALA C 221 -0.37 30.87 -9.48
N GLN C 222 0.77 30.62 -8.84
CA GLN C 222 1.00 29.38 -8.11
C GLN C 222 0.03 29.20 -6.94
N TYR C 223 -0.07 30.22 -6.09
CA TYR C 223 -0.95 30.14 -4.91
C TYR C 223 -2.44 30.18 -5.27
N THR C 224 -2.77 30.85 -6.36
CA THR C 224 -4.15 30.82 -6.89
C THR C 224 -4.56 29.38 -7.19
N ARG C 225 -3.64 28.62 -7.79
CA ARG C 225 -3.85 27.21 -8.09
C ARG C 225 -3.87 26.36 -6.81
N LEU C 226 -2.88 26.58 -5.93
CA LEU C 226 -2.80 25.84 -4.68
C LEU C 226 -4.03 26.00 -3.79
N VAL C 227 -4.58 27.21 -3.73
CA VAL C 227 -5.81 27.48 -2.97
C VAL C 227 -6.97 26.62 -3.49
N ALA C 228 -7.22 26.69 -4.79
CA ALA C 228 -8.28 25.91 -5.43
C ALA C 228 -8.10 24.43 -5.18
N GLN C 229 -6.87 23.95 -5.39
CA GLN C 229 -6.51 22.55 -5.14
C GLN C 229 -6.62 22.11 -3.68
N ASP C 230 -6.43 23.06 -2.76
CA ASP C 230 -6.69 22.82 -1.33
C ASP C 230 -8.18 22.70 -1.04
N GLN C 231 -9.00 23.46 -1.76
CA GLN C 231 -10.47 23.37 -1.64
C GLN C 231 -10.96 22.00 -2.11
N ASN C 232 -10.50 21.57 -3.27
CA ASN C 232 -10.85 20.28 -3.84
C ASN C 232 -10.54 19.08 -2.94
N ALA C 233 -9.37 19.13 -2.29
CA ALA C 233 -8.97 18.10 -1.32
C ALA C 233 -9.85 18.10 -0.07
N LEU C 234 -10.31 19.27 0.34
CA LEU C 234 -11.17 19.38 1.52
C LEU C 234 -12.55 18.78 1.24
N VAL C 235 -13.11 19.11 0.08
CA VAL C 235 -14.40 18.59 -0.38
C VAL C 235 -14.41 17.05 -0.39
N LEU C 236 -13.31 16.45 -0.85
CA LEU C 236 -13.16 14.99 -0.91
C LEU C 236 -13.25 14.34 0.47
N LEU C 237 -12.50 14.89 1.43
CA LEU C 237 -12.54 14.43 2.82
C LEU C 237 -13.90 14.62 3.49
N LEU C 238 -14.64 15.66 3.09
CA LEU C 238 -15.97 15.91 3.64
C LEU C 238 -17.01 14.95 3.08
N GLY C 239 -16.82 14.53 1.83
CA GLY C 239 -17.80 13.69 1.15
C GLY C 239 -18.97 14.46 0.56
N SER C 240 -18.84 15.80 0.55
CA SER C 240 -19.84 16.71 -0.02
C SER C 240 -19.26 18.12 -0.16
N GLY C 241 -20.12 19.07 -0.48
CA GLY C 241 -19.68 20.46 -0.67
C GLY C 241 -19.36 21.18 0.62
N ILE C 242 -18.62 22.28 0.51
CA ILE C 242 -18.42 23.18 1.63
C ILE C 242 -19.76 23.88 1.91
N PRO C 243 -20.27 23.78 3.14
CA PRO C 243 -21.56 24.39 3.51
C PRO C 243 -21.57 25.90 3.32
N ALA C 244 -22.74 26.45 3.04
CA ALA C 244 -22.89 27.87 2.75
C ALA C 244 -22.93 28.72 4.01
N ASN C 245 -23.69 28.27 5.01
CA ASN C 245 -23.88 29.02 6.26
C ASN C 245 -22.82 28.68 7.32
N LEU C 246 -21.56 28.94 7.00
CA LEU C 246 -20.46 28.63 7.91
C LEU C 246 -20.23 29.76 8.92
N PRO C 247 -20.05 29.39 10.20
CA PRO C 247 -19.70 30.38 11.22
C PRO C 247 -18.35 31.03 10.91
N GLN C 248 -18.18 32.28 11.33
CA GLN C 248 -16.90 32.98 11.25
C GLN C 248 -15.80 32.10 11.84
N GLY C 249 -14.75 31.87 11.05
CA GLY C 249 -13.61 31.08 11.48
C GLY C 249 -12.54 31.93 12.15
N LEU C 250 -11.54 31.27 12.73
CA LEU C 250 -10.45 31.97 13.39
C LEU C 250 -9.24 32.11 12.47
N GLY C 251 -8.34 33.03 12.82
CA GLY C 251 -7.13 33.29 12.03
C GLY C 251 -5.92 32.57 12.57
N LEU C 252 -4.89 32.44 11.73
CA LEU C 252 -3.67 31.73 12.09
C LEU C 252 -2.87 32.38 13.22
N ASP C 253 -3.19 33.64 13.54
CA ASP C 253 -2.53 34.36 14.62
C ASP C 253 -3.23 34.18 15.97
N GLN C 254 -4.33 33.42 15.97
CA GLN C 254 -5.08 33.14 17.19
C GLN C 254 -4.81 31.70 17.63
N THR C 255 -5.07 31.40 18.91
CA THR C 255 -4.86 30.04 19.41
C THR C 255 -6.00 29.15 18.95
N LEU C 256 -5.69 28.30 17.97
CA LEU C 256 -6.67 27.48 17.28
C LEU C 256 -6.96 26.17 17.99
N LEU C 257 -6.01 25.73 18.80
CA LEU C 257 -6.09 24.44 19.46
C LEU C 257 -5.92 24.58 20.96
N THR C 258 -6.48 23.63 21.71
CA THR C 258 -6.24 23.53 23.15
C THR C 258 -5.01 22.64 23.37
N GLU C 259 -4.18 23.03 24.34
CA GLU C 259 -2.98 22.25 24.64
C GLU C 259 -3.36 20.96 25.34
N VAL C 260 -2.81 19.86 24.86
CA VAL C 260 -3.21 18.52 25.27
C VAL C 260 -2.06 17.84 26.05
N PRO C 261 -2.38 17.21 27.19
CA PRO C 261 -1.30 16.59 27.99
C PRO C 261 -0.74 15.33 27.33
N ALA C 262 0.58 15.15 27.44
CA ALA C 262 1.25 13.98 26.89
C ALA C 262 0.89 12.71 27.66
N GLY C 263 0.76 12.85 28.98
CA GLY C 263 0.51 11.71 29.87
C GLY C 263 1.75 10.83 29.97
N LEU C 264 1.52 9.55 30.23
CA LEU C 264 2.59 8.56 30.29
C LEU C 264 2.50 7.64 29.07
N PRO C 265 3.63 7.07 28.64
CA PRO C 265 3.60 6.08 27.55
C PRO C 265 2.58 4.97 27.79
N SER C 266 2.51 4.48 29.03
CA SER C 266 1.60 3.40 29.40
C SER C 266 0.11 3.74 29.22
N ASP C 267 -0.20 5.03 29.12
CA ASP C 267 -1.55 5.50 28.79
C ASP C 267 -2.02 5.00 27.43
N LEU C 268 -1.10 4.95 26.46
CA LEU C 268 -1.41 4.56 25.10
C LEU C 268 -2.08 3.18 24.99
N LEU C 269 -1.69 2.26 25.88
CA LEU C 269 -2.15 0.87 25.87
C LEU C 269 -3.64 0.68 26.15
N GLN C 270 -4.25 1.70 26.75
CA GLN C 270 -5.66 1.64 27.11
C GLN C 270 -6.47 2.66 26.30
N ARG C 271 -5.78 3.62 25.72
CA ARG C 271 -6.42 4.77 25.07
C ARG C 271 -6.34 4.76 23.54
N ARG C 272 -5.19 4.36 23.00
CA ARG C 272 -4.99 4.40 21.55
C ARG C 272 -5.65 3.22 20.83
N PRO C 273 -6.62 3.52 19.94
CA PRO C 273 -7.45 2.52 19.25
C PRO C 273 -6.68 1.43 18.50
N ASP C 274 -5.65 1.78 17.74
CA ASP C 274 -4.94 0.79 16.92
C ASP C 274 -4.00 -0.13 17.72
N ILE C 275 -3.68 0.29 18.94
CA ILE C 275 -3.01 -0.57 19.91
C ILE C 275 -4.03 -1.59 20.46
N LEU C 276 -5.22 -1.10 20.82
CA LEU C 276 -6.31 -1.95 21.30
C LEU C 276 -6.86 -2.87 20.21
N GLU C 277 -6.87 -2.39 18.97
CA GLU C 277 -7.23 -3.19 17.80
C GLU C 277 -6.30 -4.39 17.65
N ALA C 278 -4.99 -4.15 17.74
CA ALA C 278 -3.98 -5.20 17.68
C ALA C 278 -4.04 -6.17 18.86
N GLU C 279 -4.44 -5.67 20.03
CA GLU C 279 -4.57 -6.52 21.22
C GLU C 279 -5.73 -7.51 21.06
N HIS C 280 -6.84 -7.00 20.60
CA HIS C 280 -7.97 -7.80 20.30
C HIS C 280 -7.73 -8.84 19.25
N GLN C 281 -6.87 -8.58 18.29
CA GLN C 281 -6.49 -9.54 17.30
C GLN C 281 -5.54 -10.57 17.85
N LEU C 282 -4.75 -10.20 18.84
CA LEU C 282 -3.92 -11.15 19.57
C LEU C 282 -4.77 -12.10 20.42
N MET C 283 -5.85 -11.58 21.00
CA MET C 283 -6.81 -12.37 21.74
C MET C 283 -7.57 -13.33 20.81
N ALA C 284 -7.76 -12.91 19.56
CA ALA C 284 -8.45 -13.72 18.54
C ALA C 284 -7.59 -14.92 18.13
N ALA C 285 -6.29 -14.70 17.97
CA ALA C 285 -5.32 -15.76 17.68
C ALA C 285 -5.18 -16.75 18.84
N ASN C 286 -5.25 -16.24 20.08
CA ASN C 286 -5.19 -17.07 21.27
C ASN C 286 -6.37 -18.04 21.35
N ALA C 287 -7.56 -17.56 20.99
CA ALA C 287 -8.77 -18.37 20.94
C ALA C 287 -8.71 -19.47 19.89
N SER C 288 -8.04 -19.17 18.77
CA SER C 288 -7.90 -20.13 17.67
C SER C 288 -7.03 -21.33 18.05
N ILE C 289 -6.13 -21.14 19.01
CA ILE C 289 -5.32 -22.24 19.59
C ILE C 289 -6.22 -23.28 20.25
N GLY C 290 -7.25 -22.82 20.97
CA GLY C 290 -8.21 -23.69 21.63
C GLY C 290 -9.01 -24.57 20.68
N ALA C 291 -9.14 -24.12 19.43
CA ALA C 291 -9.79 -24.90 18.38
C ALA C 291 -8.83 -25.95 17.79
N ALA C 292 -7.56 -25.59 17.62
CA ALA C 292 -6.53 -26.51 17.11
C ALA C 292 -6.19 -27.62 18.12
N ARG C 293 -6.39 -27.33 19.41
CA ARG C 293 -6.19 -28.31 20.48
C ARG C 293 -7.36 -29.28 20.59
N ALA C 294 -8.58 -28.78 20.43
CA ALA C 294 -9.79 -29.62 20.48
C ALA C 294 -9.91 -30.57 19.30
N ALA C 295 -9.04 -30.41 18.31
CA ALA C 295 -8.97 -31.30 17.15
C ALA C 295 -8.37 -32.66 17.52
N PHE C 296 -7.52 -32.67 18.56
CA PHE C 296 -6.90 -33.90 19.07
C PHE C 296 -7.89 -34.75 19.86
N PHE C 297 -8.94 -34.12 20.36
CA PHE C 297 -9.91 -34.76 21.26
C PHE C 297 -11.11 -35.31 20.48
N PRO C 298 -11.90 -36.22 21.10
CA PRO C 298 -13.02 -36.84 20.39
C PRO C 298 -14.05 -35.83 19.88
N SER C 299 -14.51 -36.05 18.66
CA SER C 299 -15.52 -35.22 18.02
C SER C 299 -16.89 -35.89 18.06
N ILE C 300 -17.79 -35.35 18.88
CA ILE C 300 -19.12 -35.92 19.05
C ILE C 300 -20.13 -35.30 18.07
N SER C 301 -20.94 -36.15 17.45
CA SER C 301 -21.92 -35.74 16.46
C SER C 301 -23.25 -36.44 16.68
N LEU C 302 -24.33 -35.83 16.18
CA LEU C 302 -25.67 -36.40 16.32
C LEU C 302 -26.57 -36.11 15.13
N THR C 303 -27.16 -37.16 14.58
CA THR C 303 -28.21 -37.07 13.57
C THR C 303 -29.49 -37.66 14.14
N ALA C 304 -30.56 -36.86 14.16
CA ALA C 304 -31.85 -37.31 14.68
C ALA C 304 -33.00 -36.68 13.92
N ASN C 305 -34.07 -37.45 13.75
CA ASN C 305 -35.28 -36.96 13.09
C ASN C 305 -36.53 -37.72 13.51
N ALA C 306 -37.69 -37.15 13.22
CA ALA C 306 -38.98 -37.79 13.44
C ALA C 306 -39.92 -37.41 12.30
N GLY C 307 -40.74 -38.36 11.86
CA GLY C 307 -41.67 -38.07 10.78
C GLY C 307 -42.43 -39.27 10.24
N THR C 308 -42.55 -39.33 8.93
CA THR C 308 -43.35 -40.33 8.26
C THR C 308 -42.62 -40.93 7.05
N MET C 309 -42.64 -42.26 6.97
CA MET C 309 -41.97 -42.98 5.89
C MET C 309 -42.88 -44.07 5.31
N SER C 310 -42.80 -44.25 4.00
CA SER C 310 -43.69 -45.17 3.30
C SER C 310 -43.05 -45.76 2.05
N ARG C 311 -43.58 -46.84 1.56
CA ARG C 311 -43.06 -47.43 0.39
C ARG C 311 -43.70 -46.81 -0.84
N GLN C 312 -44.91 -46.27 -0.68
CA GLN C 312 -45.60 -45.52 -1.73
C GLN C 312 -45.90 -44.08 -1.28
N LEU C 313 -45.86 -43.16 -2.22
CA LEU C 313 -46.04 -41.73 -1.94
C LEU C 313 -47.40 -41.40 -1.29
N SER C 314 -48.44 -42.10 -1.71
CA SER C 314 -49.79 -41.88 -1.19
C SER C 314 -49.97 -42.41 0.24
N GLY C 315 -49.18 -43.42 0.61
CA GLY C 315 -49.28 -44.04 1.92
C GLY C 315 -48.43 -43.39 3.00
N LEU C 316 -47.99 -42.15 2.75
CA LEU C 316 -47.08 -41.45 3.67
C LEU C 316 -47.73 -41.10 5.01
N PHE C 317 -48.65 -40.15 5.02
CA PHE C 317 -49.25 -39.68 6.28
C PHE C 317 -50.32 -40.62 6.87
N ASP C 318 -50.38 -41.85 6.34
CA ASP C 318 -51.27 -42.90 6.84
C ASP C 318 -50.95 -43.31 8.28
N ALA C 319 -51.89 -44.00 8.93
CA ALA C 319 -51.68 -44.52 10.27
C ALA C 319 -50.70 -45.69 10.26
N GLY C 320 -49.89 -45.78 11.30
CA GLY C 320 -48.87 -46.82 11.42
C GLY C 320 -47.69 -46.61 10.48
N SER C 321 -47.40 -45.35 10.14
CA SER C 321 -46.33 -45.01 9.20
C SER C 321 -45.26 -44.12 9.81
N GLY C 322 -45.39 -43.84 11.10
CA GLY C 322 -44.42 -43.01 11.83
C GLY C 322 -43.03 -43.62 11.89
N SER C 323 -42.02 -42.74 11.91
CA SER C 323 -40.62 -43.16 11.95
C SER C 323 -39.76 -42.15 12.68
N TRP C 324 -38.83 -42.66 13.50
CA TRP C 324 -37.82 -41.82 14.14
C TRP C 324 -36.41 -42.35 13.91
N LEU C 325 -35.40 -41.52 14.16
CA LEU C 325 -34.00 -41.92 14.10
C LEU C 325 -33.19 -41.28 15.21
N PHE C 326 -32.25 -42.04 15.77
CA PHE C 326 -31.27 -41.51 16.70
C PHE C 326 -29.91 -42.08 16.31
N GLN C 327 -29.04 -41.20 15.82
CA GLN C 327 -27.77 -41.61 15.23
C GLN C 327 -26.57 -40.80 15.77
N PRO C 328 -26.14 -41.10 17.01
CA PRO C 328 -24.97 -40.44 17.59
C PRO C 328 -23.66 -41.06 17.11
N SER C 329 -22.61 -40.25 17.06
CA SER C 329 -21.31 -40.69 16.60
C SER C 329 -20.19 -40.02 17.37
N ILE C 330 -19.07 -40.73 17.56
CA ILE C 330 -17.87 -40.19 18.18
C ILE C 330 -16.65 -40.61 17.37
N ASN C 331 -15.76 -39.67 17.11
CA ASN C 331 -14.52 -39.94 16.38
C ASN C 331 -13.29 -39.38 17.08
N LEU C 332 -12.34 -40.27 17.39
CA LEU C 332 -11.08 -39.90 18.04
C LEU C 332 -9.92 -40.18 17.08
N PRO C 333 -9.20 -39.13 16.65
CA PRO C 333 -7.99 -39.31 15.85
C PRO C 333 -6.89 -40.09 16.57
N ILE C 334 -6.31 -41.06 15.89
CA ILE C 334 -5.21 -41.88 16.41
C ILE C 334 -3.93 -41.56 15.64
N PHE C 335 -3.99 -41.75 14.32
CA PHE C 335 -2.85 -41.47 13.46
C PHE C 335 -3.17 -40.46 12.36
N THR C 336 -2.58 -39.29 12.48
CA THR C 336 -2.45 -38.35 11.39
C THR C 336 -0.95 -38.29 11.13
N ALA C 337 -0.55 -38.10 9.89
CA ALA C 337 0.87 -38.14 9.58
C ALA C 337 1.58 -36.83 9.98
N GLY C 338 1.37 -36.43 11.23
CA GLY C 338 1.87 -35.15 11.75
C GLY C 338 0.99 -33.96 11.40
N SER C 339 -0.25 -34.24 11.01
CA SER C 339 -1.17 -33.22 10.50
C SER C 339 -1.76 -32.33 11.59
N LEU C 340 -2.22 -32.95 12.68
CA LEU C 340 -2.84 -32.19 13.77
C LEU C 340 -1.84 -31.33 14.54
N ARG C 341 -0.61 -31.85 14.69
CA ARG C 341 0.49 -31.14 15.33
C ARG C 341 0.90 -29.90 14.54
N ALA C 342 0.90 -30.02 13.22
CA ALA C 342 1.22 -28.91 12.33
C ALA C 342 0.16 -27.81 12.40
N SER C 343 -1.11 -28.22 12.54
CA SER C 343 -2.23 -27.31 12.68
C SER C 343 -2.22 -26.57 14.02
N LEU C 344 -1.70 -27.23 15.07
CA LEU C 344 -1.51 -26.60 16.38
C LEU C 344 -0.27 -25.71 16.38
N ASP C 345 0.81 -26.20 15.78
CA ASP C 345 2.01 -25.41 15.57
C ASP C 345 1.68 -24.10 14.84
N TYR C 346 0.80 -24.19 13.84
CA TYR C 346 0.42 -23.06 13.01
C TYR C 346 -0.35 -22.00 13.80
N ALA C 347 -1.37 -22.44 14.54
CA ALA C 347 -2.14 -21.54 15.41
C ALA C 347 -1.27 -20.88 16.48
N LYS C 348 -0.23 -21.59 16.94
CA LYS C 348 0.73 -21.06 17.90
C LYS C 348 1.66 -20.02 17.28
N ILE C 349 2.00 -20.22 16.01
CA ILE C 349 2.80 -19.25 15.25
C ILE C 349 2.00 -17.96 15.00
N GLN C 350 0.72 -18.12 14.68
CA GLN C 350 -0.19 -16.99 14.44
C GLN C 350 -0.38 -16.11 15.68
N LYS C 351 -0.27 -16.72 16.86
CA LYS C 351 -0.33 -15.97 18.12
C LYS C 351 0.93 -15.12 18.32
N ASP C 352 2.09 -15.69 18.01
CA ASP C 352 3.37 -14.99 18.14
C ASP C 352 3.56 -13.86 17.13
N ILE C 353 2.96 -14.01 15.95
CA ILE C 353 2.92 -12.96 14.95
C ILE C 353 2.12 -11.79 15.52
N ASN C 354 1.01 -12.11 16.17
CA ASN C 354 0.15 -11.10 16.80
C ASN C 354 0.77 -10.47 18.04
N VAL C 355 1.63 -11.21 18.74
CA VAL C 355 2.40 -10.63 19.84
C VAL C 355 3.30 -9.53 19.28
N ALA C 356 4.09 -9.88 18.27
CA ALA C 356 5.02 -8.96 17.61
C ALA C 356 4.32 -7.76 16.98
N GLN C 357 3.18 -7.99 16.33
CA GLN C 357 2.41 -6.92 15.70
C GLN C 357 1.84 -5.94 16.74
N TYR C 358 1.39 -6.49 17.85
CA TYR C 358 0.90 -5.68 18.98
C TYR C 358 2.02 -4.84 19.60
N GLU C 359 3.21 -5.42 19.66
CA GLU C 359 4.39 -4.73 20.20
C GLU C 359 4.87 -3.62 19.27
N LYS C 360 4.91 -3.90 17.98
CA LYS C 360 5.27 -2.91 16.96
C LYS C 360 4.29 -1.74 17.00
N ALA C 361 3.01 -2.06 17.23
CA ALA C 361 1.96 -1.06 17.41
C ALA C 361 2.27 -0.10 18.55
N ILE C 362 2.80 -0.63 19.65
CA ILE C 362 3.20 0.19 20.80
C ILE C 362 4.41 1.05 20.47
N GLN C 363 5.41 0.45 19.83
CA GLN C 363 6.65 1.14 19.48
C GLN C 363 6.42 2.25 18.45
N THR C 364 5.46 2.03 17.54
CA THR C 364 5.09 3.05 16.55
C THR C 364 4.45 4.27 17.21
N ALA C 365 3.50 4.02 18.11
CA ALA C 365 2.82 5.08 18.85
C ALA C 365 3.78 5.94 19.66
N PHE C 366 4.72 5.28 20.35
CA PHE C 366 5.76 5.96 21.12
C PHE C 366 6.54 6.93 20.24
N GLN C 367 6.96 6.45 19.08
CA GLN C 367 7.69 7.26 18.10
C GLN C 367 6.88 8.47 17.65
N GLU C 368 5.60 8.26 17.36
CA GLU C 368 4.73 9.30 16.84
C GLU C 368 4.48 10.40 17.88
N VAL C 369 4.26 10.00 19.13
CA VAL C 369 4.06 10.96 20.23
C VAL C 369 5.35 11.74 20.52
N ALA C 370 6.48 11.04 20.56
CA ALA C 370 7.79 11.65 20.80
C ALA C 370 8.14 12.71 19.76
N ASP C 371 7.76 12.44 18.51
CA ASP C 371 7.92 13.38 17.40
C ASP C 371 7.09 14.64 17.63
N GLY C 372 5.80 14.45 17.94
CA GLY C 372 4.91 15.54 18.33
C GLY C 372 5.45 16.38 19.47
N LEU C 373 6.07 15.74 20.47
CA LEU C 373 6.63 16.45 21.61
C LEU C 373 7.91 17.20 21.29
N ALA C 374 8.62 16.78 20.24
CA ALA C 374 9.82 17.48 19.78
C ALA C 374 9.42 18.74 19.00
N ALA C 375 8.27 18.69 18.35
CA ALA C 375 7.70 19.87 17.69
C ALA C 375 7.19 20.87 18.72
N ARG C 376 6.56 20.37 19.78
CA ARG C 376 6.10 21.20 20.89
C ARG C 376 7.24 21.97 21.62
N GLY C 377 8.40 21.35 21.73
CA GLY C 377 9.54 21.97 22.40
C GLY C 377 10.48 22.78 21.53
N THR C 378 10.16 22.92 20.24
CA THR C 378 11.03 23.66 19.30
C THR C 378 10.32 24.70 18.44
N PHE C 379 9.02 24.54 18.18
CA PHE C 379 8.33 25.46 17.26
C PHE C 379 8.03 26.86 17.82
N THR C 380 7.92 26.98 19.14
CA THR C 380 7.69 28.28 19.76
C THR C 380 8.91 29.18 19.57
N GLU C 381 10.08 28.60 19.84
CA GLU C 381 11.36 29.27 19.64
C GLU C 381 11.60 29.61 18.17
N GLN C 382 11.30 28.67 17.27
CA GLN C 382 11.49 28.86 15.84
C GLN C 382 10.58 29.94 15.25
N LEU C 383 9.30 29.92 15.62
CA LEU C 383 8.35 30.94 15.19
C LEU C 383 8.74 32.34 15.64
N GLN C 384 9.23 32.44 16.89
CA GLN C 384 9.67 33.71 17.46
C GLN C 384 10.91 34.26 16.74
N ALA C 385 11.80 33.35 16.33
CA ALA C 385 12.99 33.72 15.56
C ALA C 385 12.60 34.17 14.15
N GLN C 386 11.54 33.56 13.61
CA GLN C 386 11.04 33.92 12.29
C GLN C 386 10.28 35.25 12.30
N ARG C 387 9.52 35.49 13.39
CA ARG C 387 8.87 36.78 13.63
C ARG C 387 9.87 37.92 13.70
N ASP C 388 10.98 37.68 14.39
CA ASP C 388 12.07 38.64 14.50
C ASP C 388 12.83 38.82 13.19
N LEU C 389 12.84 37.78 12.36
CA LEU C 389 13.41 37.90 11.02
C LEU C 389 12.54 38.79 10.14
N VAL C 390 11.22 38.60 10.22
CA VAL C 390 10.26 39.42 9.46
C VAL C 390 10.34 40.89 9.88
N LYS C 391 10.40 41.14 11.20
CA LYS C 391 10.49 42.50 11.76
C LYS C 391 11.79 43.20 11.35
N ALA C 392 12.90 42.49 11.38
CA ALA C 392 14.19 43.05 10.98
C ALA C 392 14.24 43.29 9.47
N SER C 393 13.71 42.35 8.71
CA SER C 393 13.67 42.46 7.24
C SER C 393 12.84 43.64 6.76
N ASP C 394 11.75 43.92 7.48
CA ASP C 394 10.87 45.04 7.16
C ASP C 394 11.57 46.38 7.39
N GLU C 395 12.25 46.51 8.53
CA GLU C 395 13.08 47.69 8.82
C GLU C 395 14.19 47.86 7.78
N TYR C 396 14.78 46.73 7.36
CA TYR C 396 15.82 46.70 6.33
C TYR C 396 15.32 47.22 4.98
N TYR C 397 14.12 46.78 4.58
CA TYR C 397 13.48 47.25 3.35
C TYR C 397 13.20 48.76 3.36
N GLN C 398 12.71 49.27 4.49
CA GLN C 398 12.30 50.67 4.59
C GLN C 398 13.48 51.63 4.43
N LEU C 399 14.61 51.29 5.06
CA LEU C 399 15.83 52.06 4.91
C LEU C 399 16.40 51.95 3.49
N ALA C 400 16.34 50.75 2.92
CA ALA C 400 16.83 50.50 1.56
C ALA C 400 16.05 51.27 0.50
N ASP C 401 14.72 51.29 0.63
CA ASP C 401 13.85 52.04 -0.28
C ASP C 401 14.14 53.53 -0.22
N LYS C 402 14.38 54.02 0.99
CA LYS C 402 14.67 55.43 1.25
C LYS C 402 16.03 55.85 0.69
N ARG C 403 17.02 54.95 0.78
CA ARG C 403 18.37 55.28 0.31
C ARG C 403 18.53 55.19 -1.21
N TYR C 404 17.70 54.38 -1.86
CA TYR C 404 17.69 54.35 -3.32
C TYR C 404 17.09 55.62 -3.93
N ARG C 405 15.88 55.99 -3.49
CA ARG C 405 15.19 57.16 -4.01
C ARG C 405 15.98 58.46 -3.82
N THR C 406 16.78 58.47 -2.75
CA THR C 406 17.66 59.57 -2.40
C THR C 406 18.95 59.56 -3.21
N GLY C 407 19.41 58.36 -3.59
CA GLY C 407 20.61 58.22 -4.42
C GLY C 407 21.88 57.90 -3.64
N VAL C 408 21.73 57.36 -2.43
CA VAL C 408 22.87 57.02 -1.58
C VAL C 408 23.35 55.59 -1.84
N ASP C 409 22.42 54.70 -2.19
CA ASP C 409 22.72 53.30 -2.46
C ASP C 409 22.27 52.88 -3.86
N ASN C 410 22.73 51.69 -4.27
CA ASN C 410 22.30 51.07 -5.53
C ASN C 410 20.95 50.37 -5.36
N TYR C 411 20.39 49.88 -6.46
CA TYR C 411 19.10 49.17 -6.42
C TYR C 411 19.25 47.74 -5.92
N LEU C 412 20.46 47.19 -6.05
CA LEU C 412 20.75 45.84 -5.60
C LEU C 412 20.41 45.64 -4.11
N THR C 413 20.67 46.67 -3.29
CA THR C 413 20.33 46.64 -1.87
C THR C 413 18.82 46.56 -1.66
N LEU C 414 18.07 47.38 -2.38
CA LEU C 414 16.61 47.39 -2.29
C LEU C 414 16.02 46.07 -2.80
N LEU C 415 16.63 45.52 -3.85
CA LEU C 415 16.26 44.22 -4.40
C LEU C 415 16.48 43.11 -3.36
N ASP C 416 17.67 43.09 -2.76
CA ASP C 416 17.98 42.16 -1.69
C ASP C 416 16.96 42.24 -0.56
N ALA C 417 16.64 43.46 -0.14
CA ALA C 417 15.66 43.73 0.92
C ALA C 417 14.24 43.31 0.55
N GLN C 418 13.88 43.47 -0.72
CA GLN C 418 12.57 43.05 -1.22
C GLN C 418 12.38 41.55 -1.15
N ARG C 419 13.36 40.79 -1.67
CA ARG C 419 13.32 39.33 -1.64
C ARG C 419 13.32 38.79 -0.22
N SER C 420 14.23 39.31 0.60
CA SER C 420 14.45 38.83 1.96
C SER C 420 13.20 38.96 2.84
N LEU C 421 12.55 40.12 2.77
CA LEU C 421 11.29 40.32 3.50
C LEU C 421 10.22 39.33 3.02
N PHE C 422 10.04 39.26 1.70
CA PHE C 422 9.02 38.40 1.10
C PHE C 422 9.22 36.91 1.38
N THR C 423 10.45 36.42 1.28
CA THR C 423 10.72 35.01 1.61
C THR C 423 10.52 34.71 3.09
N ALA C 424 10.85 35.68 3.95
CA ALA C 424 10.72 35.51 5.39
C ALA C 424 9.26 35.43 5.84
N GLN C 425 8.41 36.20 5.18
CA GLN C 425 6.97 36.24 5.48
C GLN C 425 6.26 34.98 5.03
N GLN C 426 6.60 34.51 3.82
CA GLN C 426 6.10 33.25 3.29
C GLN C 426 6.46 32.10 4.21
N GLN C 427 7.68 32.17 4.75
CA GLN C 427 8.22 31.15 5.64
C GLN C 427 7.50 31.13 6.99
N LEU C 428 7.21 32.30 7.53
CA LEU C 428 6.48 32.39 8.81
C LEU C 428 5.12 31.68 8.73
N ILE C 429 4.41 31.86 7.62
CA ILE C 429 3.12 31.20 7.38
C ILE C 429 3.28 29.67 7.33
N THR C 430 4.30 29.20 6.61
CA THR C 430 4.60 27.78 6.49
C THR C 430 4.96 27.15 7.84
N ASP C 431 5.86 27.82 8.58
CA ASP C 431 6.26 27.39 9.92
C ASP C 431 5.09 27.27 10.89
N ARG C 432 4.16 28.23 10.82
CA ARG C 432 2.97 28.23 11.67
C ARG C 432 2.07 27.05 11.34
N LEU C 433 1.93 26.76 10.05
CA LEU C 433 1.16 25.60 9.58
C LEU C 433 1.80 24.28 10.04
N ASN C 434 3.13 24.22 10.01
CA ASN C 434 3.86 23.03 10.45
C ASN C 434 3.71 22.79 11.96
N GLN C 435 3.75 23.86 12.73
CA GLN C 435 3.53 23.78 14.18
C GLN C 435 2.14 23.26 14.51
N LEU C 436 1.13 23.80 13.83
CA LEU C 436 -0.27 23.43 14.04
C LEU C 436 -0.59 22.02 13.56
N THR C 437 0.00 21.63 12.43
CA THR C 437 -0.17 20.29 11.87
C THR C 437 0.41 19.25 12.81
N SER C 438 1.57 19.57 13.39
CA SER C 438 2.25 18.72 14.36
C SER C 438 1.41 18.52 15.61
N GLU C 439 0.83 19.61 16.11
CA GLU C 439 -0.05 19.53 17.29
C GLU C 439 -1.28 18.66 17.01
N VAL C 440 -1.90 18.85 15.84
CA VAL C 440 -3.04 18.04 15.41
C VAL C 440 -2.70 16.54 15.31
N ASN C 441 -1.53 16.23 14.78
CA ASN C 441 -1.09 14.84 14.67
C ASN C 441 -0.73 14.20 16.01
N LEU C 442 -0.16 15.00 16.92
CA LEU C 442 0.11 14.57 18.29
C LEU C 442 -1.19 14.18 19.03
N TYR C 443 -2.24 14.98 18.85
CA TYR C 443 -3.56 14.68 19.40
C TYR C 443 -4.04 13.32 18.89
N LYS C 444 -4.00 13.13 17.58
CA LYS C 444 -4.29 11.85 16.92
C LYS C 444 -3.44 10.69 17.48
N ALA C 445 -2.14 10.94 17.65
CA ALA C 445 -1.19 9.92 18.11
C ALA C 445 -1.38 9.49 19.58
N LEU C 446 -2.14 10.29 20.34
CA LEU C 446 -2.40 9.99 21.75
C LEU C 446 -3.74 9.28 21.97
N GLY C 447 -4.61 9.31 20.96
CA GLY C 447 -5.92 8.68 21.06
C GLY C 447 -6.96 9.35 20.21
N GLY C 448 -6.59 10.53 19.68
CA GLY C 448 -7.33 11.19 18.60
C GLY C 448 -8.68 11.75 18.97
N GLY C 449 -9.51 11.99 17.94
CA GLY C 449 -10.84 12.56 18.12
C GLY C 449 -11.97 11.58 17.90
N TRP C 450 -12.01 10.53 18.74
CA TRP C 450 -13.12 9.59 18.75
C TRP C 450 -14.34 10.18 19.48
N ASN C 451 -14.08 10.90 20.57
CA ASN C 451 -15.14 11.56 21.35
C ASN C 451 -15.42 12.97 20.84
N GLN C 452 -16.70 13.31 20.68
CA GLN C 452 -17.09 14.66 20.31
C GLN C 452 -16.97 15.58 21.52
N GLN C 453 -17.39 15.14 22.67
CA GLN C 453 -17.20 15.75 23.99
C GLN C 453 -16.35 14.85 24.88
N THR C 454 -15.94 15.77 25.88
CA THR C 454 -15.08 15.18 26.90
C THR C 454 -15.82 14.16 27.75
N VAL C 455 -15.14 13.06 28.07
CA VAL C 455 -15.74 11.94 28.81
C VAL C 455 -15.87 12.26 30.30
#